data_7PPQ
#
_entry.id   7PPQ
#
_cell.length_a   74.791
_cell.length_b   98.532
_cell.length_c   206.889
_cell.angle_alpha   90.000
_cell.angle_beta   90.000
_cell.angle_gamma   90.000
#
_symmetry.space_group_name_H-M   'P 21 21 2'
#
loop_
_entity.id
_entity.type
_entity.pdbx_description
1 polymer 'Histone-arginine methyltransferase CARM1'
2 non-polymer 'methyl 6-[5-[[~{N}-[[(2~{R},3~{S},4~{R},5~{R})-5-(6-aminopurin-9-yl)-3,4-bis(oxidanyl)oxolan-2-yl]methyl]carbamimidoyl]amino]pentylcarbamoylamino]-4-oxidanyl-naphthalene-2-carboxylate'
3 non-polymer 1,2-ETHANEDIOL
4 water water
#
_entity_poly.entity_id   1
_entity_poly.type   'polypeptide(L)'
_entity_poly.pdbx_seq_one_letter_code
;GHMGHTLERSVFSERTEESSAVQYFQFYGYLSQQQNMMQDYVRTGTYQRAILQNHTDFKDKIVLDVGCGSGILSFFAAQA
GARKIYAVEASTMAQHAEVLVKSNNLTDRIVVIPGKVEEVSLPEQVDIIISEPMGYMLFNERMLESYLHAKKYLKPSGNM
FPTIGDVHLAPFTDEQLYMEQFTKANFWYQPSFHGVDLSALRGAAVDEYFRQPVVDTFDIRILMAKSVKYTVNFLEAKEG
DLHRIEIPFKFHMLHSGLVHGLAFWFDVAFIGSIMTVWLSTAPTEPLTHWYQVRCLFQSPLFAKAGDTLSGTCLLIANKR
QSYDISIVAQVDQTGSKSSNLLDLKNPFFRYTGTTPSPPPG
;
_entity_poly.pdbx_strand_id   A,B,C,D
#
# COMPACT_ATOMS: atom_id res chain seq x y z
N SER A 10 -39.62 -1.49 23.85
CA SER A 10 -39.00 -2.80 23.99
C SER A 10 -38.20 -2.89 25.28
N VAL A 11 -37.63 -4.06 25.54
CA VAL A 11 -36.83 -4.24 26.74
C VAL A 11 -35.54 -3.44 26.63
N PHE A 12 -34.95 -3.35 25.43
CA PHE A 12 -33.72 -2.60 25.26
C PHE A 12 -33.95 -1.10 25.45
N SER A 13 -35.02 -0.58 24.85
CA SER A 13 -35.27 0.86 24.93
C SER A 13 -35.59 1.30 26.35
N GLU A 14 -36.14 0.41 27.17
CA GLU A 14 -36.50 0.76 28.54
C GLU A 14 -35.28 0.86 29.44
N ARG A 15 -34.23 0.09 29.16
CA ARG A 15 -33.04 0.07 30.01
C ARG A 15 -31.89 0.91 29.47
N THR A 16 -32.08 1.58 28.32
CA THR A 16 -31.00 2.31 27.68
C THR A 16 -31.47 3.72 27.34
N GLU A 17 -30.68 4.71 27.74
CA GLU A 17 -30.90 6.08 27.29
C GLU A 17 -30.71 6.15 25.78
N GLU A 18 -31.65 6.82 25.10
CA GLU A 18 -31.56 6.95 23.65
C GLU A 18 -30.19 7.49 23.23
N SER A 19 -29.63 8.42 24.00
CA SER A 19 -28.35 9.01 23.63
C SER A 19 -27.22 7.98 23.71
N SER A 20 -27.18 7.18 24.78
CA SER A 20 -26.10 6.21 24.93
C SER A 20 -26.14 5.18 23.81
N ALA A 21 -27.34 4.81 23.36
CA ALA A 21 -27.46 3.79 22.32
C ALA A 21 -26.91 4.30 20.99
N VAL A 22 -27.25 5.54 20.62
CA VAL A 22 -26.78 6.12 19.38
C VAL A 22 -25.26 5.99 19.27
N GLN A 23 -24.55 6.47 20.29
CA GLN A 23 -23.08 6.40 20.27
C GLN A 23 -22.61 4.95 20.27
N TYR A 24 -23.33 4.09 20.98
CA TYR A 24 -22.91 2.69 21.08
C TYR A 24 -22.92 2.00 19.72
N PHE A 25 -24.03 2.10 19.00
CA PHE A 25 -24.14 1.42 17.72
C PHE A 25 -23.36 2.12 16.62
N GLN A 26 -23.17 3.44 16.72
CA GLN A 26 -22.27 4.11 15.80
C GLN A 26 -20.85 3.59 15.97
N PHE A 27 -20.45 3.27 17.20
CA PHE A 27 -19.11 2.75 17.44
C PHE A 27 -18.90 1.42 16.72
N TYR A 28 -19.84 0.50 16.87
CA TYR A 28 -19.72 -0.81 16.24
C TYR A 28 -20.17 -0.83 14.78
N GLY A 29 -20.61 0.31 14.25
CA GLY A 29 -20.92 0.39 12.84
C GLY A 29 -19.71 0.62 11.93
N TYR A 30 -18.52 0.80 12.52
CA TYR A 30 -17.33 1.07 11.75
C TYR A 30 -16.59 -0.22 11.43
N LEU A 31 -16.27 -0.43 10.15
CA LEU A 31 -15.48 -1.59 9.75
C LEU A 31 -14.13 -1.60 10.47
N SER A 32 -13.54 -0.42 10.68
CA SER A 32 -12.27 -0.35 11.41
C SER A 32 -12.39 -0.98 12.78
N GLN A 33 -13.55 -0.84 13.43
CA GLN A 33 -13.75 -1.46 14.73
C GLN A 33 -13.89 -2.97 14.61
N GLN A 34 -14.67 -3.44 13.63
CA GLN A 34 -14.74 -4.87 13.35
C GLN A 34 -13.36 -5.44 13.06
N GLN A 35 -12.58 -4.72 12.26
CA GLN A 35 -11.23 -5.17 11.92
C GLN A 35 -10.38 -5.35 13.17
N ASN A 36 -10.46 -4.41 14.11
CA ASN A 36 -9.68 -4.52 15.34
C ASN A 36 -10.09 -5.75 16.13
N MET A 37 -11.39 -6.04 16.19
CA MET A 37 -11.85 -7.22 16.91
C MET A 37 -11.49 -8.49 16.16
N MET A 38 -11.58 -8.46 14.83
CA MET A 38 -11.21 -9.62 14.02
C MET A 38 -9.71 -9.89 14.12
N GLN A 39 -8.90 -8.85 14.29
CA GLN A 39 -7.45 -9.00 14.35
C GLN A 39 -6.97 -9.50 15.72
N ASP A 40 -7.82 -9.48 16.74
CA ASP A 40 -7.48 -10.10 18.03
C ASP A 40 -7.50 -11.61 17.82
N TYR A 41 -6.32 -12.20 17.65
CA TYR A 41 -6.25 -13.61 17.27
C TYR A 41 -6.72 -14.52 18.40
N VAL A 42 -6.45 -14.14 19.66
CA VAL A 42 -6.99 -14.89 20.79
C VAL A 42 -8.51 -14.93 20.70
N ARG A 43 -9.14 -13.78 20.51
CA ARG A 43 -10.61 -13.65 20.44
C ARG A 43 -11.12 -14.44 19.23
N THR A 44 -10.69 -14.13 18.01
CA THR A 44 -11.23 -14.75 16.81
C THR A 44 -10.85 -16.23 16.73
N GLY A 45 -9.60 -16.56 17.10
CA GLY A 45 -9.16 -17.93 16.97
C GLY A 45 -9.83 -18.88 17.95
N THR A 46 -10.11 -18.40 19.16
CA THR A 46 -10.75 -19.25 20.16
C THR A 46 -12.22 -19.48 19.82
N TYR A 47 -12.92 -18.45 19.35
CA TYR A 47 -14.30 -18.65 18.91
C TYR A 47 -14.37 -19.67 17.79
N GLN A 48 -13.45 -19.60 16.83
CA GLN A 48 -13.43 -20.57 15.74
C GLN A 48 -13.17 -21.97 16.28
N ARG A 49 -12.14 -22.12 17.12
CA ARG A 49 -11.84 -23.41 17.70
C ARG A 49 -13.02 -23.95 18.50
N ALA A 50 -13.63 -23.11 19.33
CA ALA A 50 -14.75 -23.55 20.16
C ALA A 50 -15.90 -24.07 19.29
N ILE A 51 -16.18 -23.39 18.18
CA ILE A 51 -17.28 -23.79 17.32
C ILE A 51 -16.92 -25.01 16.49
N LEU A 52 -15.76 -24.98 15.82
CA LEU A 52 -15.40 -26.05 14.91
C LEU A 52 -15.12 -27.35 15.65
N GLN A 53 -14.42 -27.28 16.79
CA GLN A 53 -14.13 -28.48 17.55
C GLN A 53 -15.34 -29.04 18.28
N ASN A 54 -16.47 -28.34 18.25
CA ASN A 54 -17.74 -28.88 18.74
C ASN A 54 -18.74 -28.94 17.60
N HIS A 55 -18.31 -29.48 16.46
CA HIS A 55 -19.12 -29.43 15.24
C HIS A 55 -20.47 -30.10 15.42
N THR A 56 -20.58 -31.08 16.31
CA THR A 56 -21.85 -31.77 16.52
C THR A 56 -22.87 -30.87 17.20
N ASP A 57 -22.43 -29.82 17.90
CA ASP A 57 -23.35 -28.82 18.41
C ASP A 57 -23.86 -27.89 17.32
N PHE A 58 -23.33 -27.94 16.10
CA PHE A 58 -23.73 -27.06 14.96
C PHE A 58 -24.21 -27.88 13.74
N LYS A 59 -23.77 -29.12 13.53
CA LYS A 59 -24.09 -29.90 12.30
C LYS A 59 -25.61 -29.99 12.10
N ASP A 60 -26.16 -29.39 11.06
CA ASP A 60 -27.61 -29.42 10.71
C ASP A 60 -28.44 -28.83 11.86
N LYS A 61 -27.92 -27.85 12.61
CA LYS A 61 -28.61 -27.21 13.77
C LYS A 61 -29.04 -25.78 13.42
N ILE A 62 -30.05 -25.22 14.09
CA ILE A 62 -30.51 -23.85 13.93
C ILE A 62 -29.73 -22.98 14.91
N VAL A 63 -29.21 -21.86 14.42
CA VAL A 63 -28.33 -21.02 15.22
C VAL A 63 -28.87 -19.59 15.24
N LEU A 64 -28.63 -18.92 16.37
CA LEU A 64 -28.88 -17.49 16.51
C LEU A 64 -27.59 -16.80 16.91
N ASP A 65 -27.21 -15.77 16.16
CA ASP A 65 -25.97 -15.01 16.40
C ASP A 65 -26.38 -13.61 16.85
N VAL A 66 -26.27 -13.35 18.16
CA VAL A 66 -26.73 -12.11 18.76
C VAL A 66 -25.63 -11.07 18.62
N GLY A 67 -25.89 -10.02 17.85
CA GLY A 67 -24.90 -8.99 17.62
C GLY A 67 -23.76 -9.49 16.75
N CYS A 68 -24.09 -9.91 15.54
CA CYS A 68 -23.14 -10.62 14.69
C CYS A 68 -22.04 -9.72 14.13
N GLY A 69 -22.19 -8.40 14.22
CA GLY A 69 -21.20 -7.52 13.63
C GLY A 69 -21.04 -7.81 12.16
N SER A 70 -19.81 -8.08 11.73
CA SER A 70 -19.55 -8.41 10.34
C SER A 70 -20.01 -9.82 9.97
N GLY A 71 -20.34 -10.65 10.96
CA GLY A 71 -20.87 -11.96 10.71
C GLY A 71 -19.90 -13.11 10.85
N ILE A 72 -18.68 -12.86 11.36
CA ILE A 72 -17.65 -13.89 11.34
C ILE A 72 -18.08 -15.12 12.14
N LEU A 73 -18.71 -14.90 13.30
CA LEU A 73 -19.13 -16.05 14.11
C LEU A 73 -20.21 -16.86 13.39
N SER A 74 -21.07 -16.20 12.62
CA SER A 74 -22.04 -16.94 11.81
C SER A 74 -21.34 -17.77 10.75
N PHE A 75 -20.27 -17.22 10.15
CA PHE A 75 -19.53 -17.97 9.14
C PHE A 75 -18.85 -19.19 9.76
N PHE A 76 -18.33 -19.05 10.98
CA PHE A 76 -17.79 -20.22 11.67
C PHE A 76 -18.87 -21.26 11.91
N ALA A 77 -20.08 -20.83 12.28
CA ALA A 77 -21.17 -21.77 12.47
C ALA A 77 -21.55 -22.45 11.15
N ALA A 78 -21.42 -21.75 10.03
CA ALA A 78 -21.64 -22.37 8.74
C ALA A 78 -20.50 -23.33 8.41
N GLN A 79 -19.26 -22.94 8.66
CA GLN A 79 -18.13 -23.85 8.50
C GLN A 79 -18.34 -25.12 9.32
N ALA A 80 -19.01 -25.02 10.46
CA ALA A 80 -19.30 -26.17 11.30
C ALA A 80 -20.51 -26.96 10.83
N GLY A 81 -21.15 -26.54 9.74
CA GLY A 81 -22.23 -27.31 9.14
C GLY A 81 -23.62 -26.91 9.57
N ALA A 82 -23.80 -25.73 10.16
CA ALA A 82 -25.12 -25.31 10.60
C ALA A 82 -26.09 -25.25 9.42
N ARG A 83 -27.35 -25.60 9.70
CA ARG A 83 -28.37 -25.61 8.67
C ARG A 83 -28.93 -24.21 8.42
N LYS A 84 -29.16 -23.46 9.49
CA LYS A 84 -29.76 -22.13 9.38
C LYS A 84 -29.23 -21.28 10.53
N ILE A 85 -28.75 -20.08 10.19
CA ILE A 85 -28.20 -19.15 11.17
C ILE A 85 -28.92 -17.82 11.01
N TYR A 86 -29.48 -17.32 12.10
CA TYR A 86 -30.09 -16.00 12.13
C TYR A 86 -29.13 -15.05 12.82
N ALA A 87 -28.54 -14.14 12.05
CA ALA A 87 -27.52 -13.23 12.54
C ALA A 87 -28.16 -11.86 12.77
N VAL A 88 -28.39 -11.52 14.03
CA VAL A 88 -29.07 -10.28 14.40
C VAL A 88 -28.01 -9.24 14.76
N GLU A 89 -28.16 -8.03 14.23
CA GLU A 89 -27.25 -6.94 14.48
C GLU A 89 -27.98 -5.62 14.34
N ALA A 90 -27.85 -4.75 15.35
CA ALA A 90 -28.60 -3.50 15.39
C ALA A 90 -27.86 -2.32 14.78
N SER A 91 -26.53 -2.36 14.74
CA SER A 91 -25.77 -1.28 14.12
C SER A 91 -25.90 -1.35 12.60
N THR A 92 -25.35 -0.34 11.92
CA THR A 92 -25.35 -0.34 10.46
C THR A 92 -24.41 -1.39 9.89
N MET A 93 -23.59 -2.03 10.73
CA MET A 93 -22.75 -3.13 10.27
C MET A 93 -23.58 -4.26 9.66
N ALA A 94 -24.86 -4.34 9.99
CA ALA A 94 -25.72 -5.39 9.45
C ALA A 94 -25.74 -5.37 7.92
N GLN A 95 -25.67 -4.17 7.33
CA GLN A 95 -25.67 -4.09 5.87
C GLN A 95 -24.40 -4.70 5.30
N HIS A 96 -23.27 -4.51 5.98
CA HIS A 96 -22.01 -5.10 5.51
C HIS A 96 -21.99 -6.61 5.71
N ALA A 97 -22.63 -7.11 6.78
CA ALA A 97 -22.73 -8.55 6.97
C ALA A 97 -23.56 -9.18 5.86
N GLU A 98 -24.63 -8.51 5.42
CA GLU A 98 -25.42 -9.01 4.31
C GLU A 98 -24.59 -9.11 3.05
N VAL A 99 -23.68 -8.15 2.83
CA VAL A 99 -22.83 -8.18 1.65
C VAL A 99 -21.90 -9.38 1.68
N LEU A 100 -21.42 -9.75 2.87
CA LEU A 100 -20.49 -10.88 2.97
C LEU A 100 -21.21 -12.21 2.82
N VAL A 101 -22.43 -12.33 3.36
CA VAL A 101 -23.19 -13.56 3.17
C VAL A 101 -23.43 -13.81 1.69
N LYS A 102 -23.76 -12.75 0.94
CA LYS A 102 -24.01 -12.90 -0.49
C LYS A 102 -22.74 -13.26 -1.24
N SER A 103 -21.64 -12.53 -0.98
CA SER A 103 -20.39 -12.80 -1.69
C SER A 103 -19.78 -14.14 -1.31
N ASN A 104 -20.08 -14.65 -0.11
CA ASN A 104 -19.64 -15.98 0.29
C ASN A 104 -20.65 -17.07 -0.06
N ASN A 105 -21.66 -16.75 -0.87
CA ASN A 105 -22.61 -17.72 -1.37
C ASN A 105 -23.25 -18.52 -0.22
N LEU A 106 -23.62 -17.82 0.84
CA LEU A 106 -24.23 -18.44 2.01
C LEU A 106 -25.60 -17.86 2.32
N THR A 107 -26.24 -17.21 1.35
CA THR A 107 -27.59 -16.68 1.56
C THR A 107 -28.57 -17.80 1.91
N ASP A 108 -28.30 -19.02 1.42
CA ASP A 108 -29.19 -20.14 1.70
C ASP A 108 -29.19 -20.55 3.16
N ARG A 109 -28.16 -20.17 3.92
CA ARG A 109 -28.02 -20.66 5.29
C ARG A 109 -27.87 -19.56 6.34
N ILE A 110 -27.52 -18.33 5.96
CA ILE A 110 -27.37 -17.24 6.91
C ILE A 110 -28.38 -16.14 6.55
N VAL A 111 -29.19 -15.75 7.52
CA VAL A 111 -30.17 -14.68 7.35
C VAL A 111 -29.78 -13.56 8.30
N VAL A 112 -29.33 -12.43 7.75
CA VAL A 112 -29.03 -11.25 8.54
C VAL A 112 -30.34 -10.52 8.83
N ILE A 113 -30.60 -10.25 10.10
CA ILE A 113 -31.82 -9.57 10.54
C ILE A 113 -31.42 -8.25 11.18
N PRO A 114 -31.61 -7.13 10.48
CA PRO A 114 -31.18 -5.85 11.05
C PRO A 114 -32.12 -5.40 12.15
N GLY A 115 -31.54 -5.09 13.31
CA GLY A 115 -32.32 -4.62 14.44
C GLY A 115 -31.80 -5.15 15.76
N LYS A 116 -32.47 -4.78 16.85
CA LYS A 116 -32.09 -5.22 18.18
C LYS A 116 -32.78 -6.54 18.51
N VAL A 117 -32.03 -7.45 19.12
CA VAL A 117 -32.56 -8.79 19.37
C VAL A 117 -33.81 -8.74 20.24
N GLU A 118 -33.99 -7.67 21.02
CA GLU A 118 -35.19 -7.49 21.83
C GLU A 118 -36.40 -7.08 21.00
N GLU A 119 -36.21 -6.66 19.76
CA GLU A 119 -37.28 -6.07 18.96
C GLU A 119 -37.58 -6.81 17.66
N VAL A 120 -36.60 -7.49 17.07
CA VAL A 120 -36.84 -8.24 15.85
C VAL A 120 -37.70 -9.45 16.18
N SER A 121 -38.20 -10.13 15.15
CA SER A 121 -38.91 -11.39 15.33
C SER A 121 -38.17 -12.47 14.54
N LEU A 122 -37.95 -13.60 15.19
CA LEU A 122 -37.35 -14.75 14.52
C LEU A 122 -38.43 -15.70 14.03
N PRO A 123 -38.21 -16.36 12.89
CA PRO A 123 -39.26 -17.25 12.36
C PRO A 123 -39.41 -18.56 13.12
N GLU A 124 -38.41 -18.97 13.90
CA GLU A 124 -38.46 -20.26 14.58
C GLU A 124 -37.52 -20.23 15.77
N GLN A 125 -37.67 -21.24 16.63
CA GLN A 125 -36.74 -21.44 17.73
C GLN A 125 -35.42 -21.99 17.20
N VAL A 126 -34.38 -21.92 18.03
CA VAL A 126 -33.03 -22.28 17.62
C VAL A 126 -32.44 -23.28 18.61
N ASP A 127 -31.42 -24.00 18.15
CA ASP A 127 -30.75 -25.01 18.96
C ASP A 127 -29.64 -24.45 19.81
N ILE A 128 -29.00 -23.38 19.37
CA ILE A 128 -27.84 -22.83 20.07
C ILE A 128 -27.74 -21.35 19.75
N ILE A 129 -27.36 -20.55 20.75
CA ILE A 129 -27.12 -19.12 20.58
C ILE A 129 -25.62 -18.88 20.71
N ILE A 130 -25.06 -18.15 19.75
CA ILE A 130 -23.67 -17.74 19.80
C ILE A 130 -23.63 -16.21 19.86
N SER A 131 -22.59 -15.68 20.50
CA SER A 131 -22.48 -14.24 20.66
C SER A 131 -21.14 -13.92 21.29
N GLU A 132 -20.76 -12.63 21.19
CA GLU A 132 -19.59 -12.08 21.86
C GLU A 132 -20.09 -10.90 22.70
N PRO A 133 -20.76 -11.16 23.82
CA PRO A 133 -21.35 -10.08 24.62
C PRO A 133 -20.46 -9.52 25.72
N MET A 134 -19.23 -9.98 25.86
CA MET A 134 -18.39 -9.55 26.96
C MET A 134 -17.85 -8.13 26.69
N GLY A 135 -17.95 -7.28 27.72
CA GLY A 135 -17.24 -6.02 27.75
C GLY A 135 -16.16 -6.03 28.81
N TYR A 136 -15.60 -4.85 29.05
CA TYR A 136 -14.66 -4.69 30.16
C TYR A 136 -15.29 -5.23 31.43
N MET A 137 -14.49 -5.88 32.27
CA MET A 137 -14.99 -6.48 33.50
C MET A 137 -16.13 -7.45 33.23
N LEU A 138 -16.17 -8.00 32.02
CA LEU A 138 -17.24 -8.90 31.55
C LEU A 138 -18.54 -8.13 31.29
N PHE A 139 -19.04 -7.40 32.30
CA PHE A 139 -20.40 -6.87 32.25
C PHE A 139 -20.52 -5.54 31.52
N ASN A 140 -19.44 -4.78 31.37
CA ASN A 140 -19.54 -3.46 30.75
C ASN A 140 -20.25 -3.57 29.41
N GLU A 141 -20.99 -2.52 29.07
CA GLU A 141 -21.79 -2.37 27.85
C GLU A 141 -23.13 -3.09 27.97
N ARG A 142 -23.33 -3.93 29.00
CA ARG A 142 -24.64 -4.52 29.31
C ARG A 142 -25.18 -5.35 28.15
N MET A 143 -24.28 -5.90 27.33
CA MET A 143 -24.70 -6.76 26.24
C MET A 143 -25.13 -8.14 26.73
N LEU A 144 -24.63 -8.58 27.89
CA LEU A 144 -25.03 -9.88 28.42
C LEU A 144 -26.54 -9.97 28.59
N GLU A 145 -27.20 -8.85 28.89
CA GLU A 145 -28.65 -8.87 29.05
C GLU A 145 -29.35 -9.18 27.73
N SER A 146 -28.85 -8.62 26.62
CA SER A 146 -29.36 -8.99 25.31
C SER A 146 -29.10 -10.46 25.02
N TYR A 147 -27.92 -10.94 25.41
CA TYR A 147 -27.59 -12.36 25.22
C TYR A 147 -28.58 -13.24 25.97
N LEU A 148 -28.83 -12.94 27.25
CA LEU A 148 -29.79 -13.71 28.02
C LEU A 148 -31.20 -13.49 27.51
N HIS A 149 -31.54 -12.25 27.14
CA HIS A 149 -32.86 -11.98 26.57
C HIS A 149 -33.14 -12.85 25.38
N ALA A 150 -32.11 -13.17 24.59
CA ALA A 150 -32.29 -13.97 23.39
C ALA A 150 -32.73 -15.40 23.71
N LYS A 151 -32.59 -15.85 24.95
CA LYS A 151 -32.99 -17.20 25.30
C LYS A 151 -34.48 -17.44 25.11
N LYS A 152 -35.27 -16.39 24.87
CA LYS A 152 -36.68 -16.59 24.52
C LYS A 152 -36.83 -17.35 23.21
N TYR A 153 -35.79 -17.38 22.38
CA TYR A 153 -35.80 -18.12 21.14
C TYR A 153 -35.11 -19.48 21.24
N LEU A 154 -34.57 -19.82 22.41
CA LEU A 154 -33.77 -21.03 22.57
C LEU A 154 -34.68 -22.21 22.90
N LYS A 155 -34.49 -23.31 22.17
CA LYS A 155 -35.23 -24.52 22.47
C LYS A 155 -34.96 -24.96 23.90
N PRO A 156 -35.86 -25.76 24.49
CA PRO A 156 -35.53 -26.43 25.74
C PRO A 156 -34.31 -27.32 25.55
N SER A 157 -33.38 -27.23 26.49
CA SER A 157 -32.13 -27.98 26.45
C SER A 157 -31.21 -27.52 25.33
N GLY A 158 -31.42 -26.31 24.82
CA GLY A 158 -30.47 -25.71 23.91
C GLY A 158 -29.22 -25.27 24.64
N ASN A 159 -28.24 -24.81 23.88
CA ASN A 159 -26.93 -24.46 24.42
C ASN A 159 -26.59 -23.01 24.13
N MET A 160 -25.63 -22.49 24.89
CA MET A 160 -25.15 -21.12 24.75
C MET A 160 -23.64 -21.13 24.55
N PHE A 161 -23.17 -20.32 23.60
CA PHE A 161 -21.75 -20.21 23.28
C PHE A 161 -21.40 -18.72 23.30
N PRO A 162 -20.80 -18.20 24.40
CA PRO A 162 -20.28 -18.90 25.58
C PRO A 162 -21.36 -19.39 26.54
N THR A 163 -21.00 -20.40 27.35
CA THR A 163 -21.93 -21.03 28.26
C THR A 163 -21.89 -20.41 29.65
N ILE A 164 -20.71 -20.06 30.15
CA ILE A 164 -20.55 -19.44 31.46
C ILE A 164 -19.51 -18.35 31.35
N GLY A 165 -19.50 -17.49 32.37
CA GLY A 165 -18.48 -16.46 32.49
C GLY A 165 -17.96 -16.36 33.91
N ASP A 166 -16.63 -16.39 34.07
CA ASP A 166 -15.99 -16.26 35.36
C ASP A 166 -15.34 -14.89 35.44
N VAL A 167 -15.77 -14.08 36.40
CA VAL A 167 -15.13 -12.81 36.71
C VAL A 167 -14.19 -13.04 37.87
N HIS A 168 -12.94 -12.63 37.72
CA HIS A 168 -11.92 -12.81 38.74
C HIS A 168 -11.56 -11.46 39.36
N LEU A 169 -11.51 -11.43 40.69
CA LEU A 169 -11.08 -10.26 41.44
C LEU A 169 -9.82 -10.62 42.22
N ALA A 170 -8.92 -9.66 42.36
CA ALA A 170 -7.71 -9.87 43.15
C ALA A 170 -7.20 -8.54 43.66
N PRO A 171 -6.72 -8.49 44.90
CA PRO A 171 -6.11 -7.24 45.40
C PRO A 171 -4.72 -7.04 44.79
N PHE A 172 -4.40 -5.78 44.50
CA PHE A 172 -3.13 -5.45 43.88
C PHE A 172 -2.46 -4.30 44.63
N THR A 173 -1.15 -4.21 44.48
CA THR A 173 -0.35 -3.10 44.97
C THR A 173 0.29 -2.41 43.78
N ASP A 174 0.05 -1.10 43.65
CA ASP A 174 0.69 -0.32 42.57
C ASP A 174 0.83 1.11 43.08
N GLU A 175 1.89 1.34 43.86
CA GLU A 175 2.12 2.65 44.44
C GLU A 175 2.16 3.73 43.37
N GLN A 176 2.83 3.46 42.25
CA GLN A 176 3.00 4.48 41.22
C GLN A 176 1.68 4.81 40.54
N LEU A 177 0.82 3.82 40.33
CA LEU A 177 -0.51 4.10 39.78
C LEU A 177 -1.31 4.96 40.75
N TYR A 178 -1.23 4.66 42.05
CA TYR A 178 -1.95 5.44 43.04
C TYR A 178 -1.47 6.89 43.04
N MET A 179 -0.16 7.09 43.19
CA MET A 179 0.37 8.44 43.27
C MET A 179 0.13 9.22 41.99
N GLU A 180 0.01 8.53 40.86
CA GLU A 180 -0.28 9.19 39.60
C GLU A 180 -1.57 9.98 39.66
N GLN A 181 -2.52 9.55 40.50
CA GLN A 181 -3.81 10.24 40.58
C GLN A 181 -3.67 11.62 41.18
N PHE A 182 -2.83 11.76 42.21
CA PHE A 182 -2.67 13.04 42.88
C PHE A 182 -1.72 13.96 42.13
N THR A 183 -0.76 13.41 41.41
CA THR A 183 0.07 14.24 40.53
C THR A 183 -0.80 14.93 39.49
N LYS A 184 -1.75 14.21 38.90
CA LYS A 184 -2.64 14.81 37.91
C LYS A 184 -3.58 15.82 38.57
N ALA A 185 -4.17 15.46 39.70
CA ALA A 185 -5.14 16.34 40.35
C ALA A 185 -4.49 17.58 40.93
N ASN A 186 -3.24 17.47 41.40
CA ASN A 186 -2.58 18.64 41.99
C ASN A 186 -2.31 19.74 40.97
N PHE A 187 -2.64 19.54 39.70
CA PHE A 187 -2.61 20.67 38.76
C PHE A 187 -3.48 21.81 39.29
N TRP A 188 -4.61 21.46 39.91
CA TRP A 188 -5.51 22.46 40.44
C TRP A 188 -5.02 23.09 41.74
N TYR A 189 -3.99 22.51 42.37
CA TYR A 189 -3.52 23.03 43.66
C TYR A 189 -2.38 24.02 43.43
N GLN A 190 -2.76 25.15 42.82
CA GLN A 190 -1.84 26.27 42.70
C GLN A 190 -2.62 27.58 42.85
N PRO A 191 -2.09 28.54 43.60
CA PRO A 191 -2.87 29.75 43.93
C PRO A 191 -2.89 30.80 42.84
N SER A 192 -2.07 30.68 41.79
CA SER A 192 -2.04 31.69 40.75
C SER A 192 -1.68 31.04 39.40
N PHE A 193 -2.63 30.29 38.85
CA PHE A 193 -2.52 29.80 37.48
C PHE A 193 -2.97 30.93 36.56
N HIS A 194 -2.02 31.59 35.91
CA HIS A 194 -2.32 32.77 35.10
C HIS A 194 -3.09 33.80 35.94
N GLY A 195 -2.75 33.87 37.22
CA GLY A 195 -3.39 34.80 38.13
C GLY A 195 -4.64 34.28 38.81
N VAL A 196 -5.03 33.02 38.58
CA VAL A 196 -6.26 32.46 39.13
C VAL A 196 -5.92 31.38 40.14
N ASP A 197 -6.62 31.39 41.27
CA ASP A 197 -6.46 30.39 42.31
C ASP A 197 -7.39 29.21 42.02
N LEU A 198 -6.81 28.07 41.66
CA LEU A 198 -7.56 26.90 41.25
C LEU A 198 -7.74 25.89 42.38
N SER A 199 -7.13 26.12 43.54
CA SER A 199 -7.05 25.10 44.57
C SER A 199 -8.41 24.60 45.04
N ALA A 200 -9.46 25.41 44.91
CA ALA A 200 -10.77 24.99 45.40
C ALA A 200 -11.29 23.75 44.70
N LEU A 201 -10.80 23.44 43.50
CA LEU A 201 -11.29 22.31 42.73
C LEU A 201 -10.38 21.09 42.83
N ARG A 202 -9.32 21.14 43.63
CA ARG A 202 -8.41 20.01 43.73
C ARG A 202 -9.13 18.76 44.23
N GLY A 203 -9.96 18.92 45.26
CA GLY A 203 -10.69 17.77 45.78
C GLY A 203 -11.60 17.13 44.74
N ALA A 204 -12.30 17.96 43.96
CA ALA A 204 -13.17 17.43 42.92
C ALA A 204 -12.37 16.75 41.83
N ALA A 205 -11.16 17.25 41.54
CA ALA A 205 -10.32 16.61 40.53
C ALA A 205 -9.84 15.24 41.01
N VAL A 206 -9.41 15.15 42.27
CA VAL A 206 -9.05 13.87 42.84
C VAL A 206 -10.22 12.89 42.74
N ASP A 207 -11.41 13.34 43.14
CA ASP A 207 -12.59 12.48 43.08
C ASP A 207 -12.80 11.95 41.66
N GLU A 208 -12.80 12.85 40.68
CA GLU A 208 -13.06 12.46 39.30
C GLU A 208 -12.08 11.38 38.84
N TYR A 209 -10.80 11.54 39.16
CA TYR A 209 -9.80 10.56 38.72
C TYR A 209 -10.03 9.21 39.37
N PHE A 210 -10.38 9.20 40.66
CA PHE A 210 -10.56 7.93 41.36
C PHE A 210 -11.85 7.21 40.98
N ARG A 211 -12.82 7.91 40.42
CA ARG A 211 -14.03 7.25 39.92
C ARG A 211 -13.79 6.54 38.59
N GLN A 212 -12.60 6.69 37.99
CA GLN A 212 -12.33 6.09 36.70
C GLN A 212 -11.68 4.72 36.88
N PRO A 213 -12.31 3.64 36.45
CA PRO A 213 -11.58 2.37 36.38
C PRO A 213 -10.46 2.45 35.36
N VAL A 214 -9.31 1.88 35.71
CA VAL A 214 -8.13 1.93 34.87
C VAL A 214 -8.13 0.69 33.97
N VAL A 215 -8.31 0.92 32.67
CA VAL A 215 -8.22 -0.13 31.67
C VAL A 215 -6.76 -0.21 31.22
N ASP A 216 -6.12 -1.33 31.54
CA ASP A 216 -4.67 -1.45 31.39
C ASP A 216 -4.34 -2.93 31.51
N THR A 217 -3.09 -3.27 31.23
CA THR A 217 -2.57 -4.56 31.64
C THR A 217 -1.49 -4.31 32.69
N PHE A 218 -0.97 -5.40 33.26
CA PHE A 218 -0.04 -5.25 34.37
C PHE A 218 0.70 -6.56 34.60
N ASP A 219 1.88 -6.45 35.20
CA ASP A 219 2.62 -7.61 35.65
C ASP A 219 1.86 -8.31 36.77
N ILE A 220 1.73 -9.63 36.67
CA ILE A 220 0.98 -10.39 37.65
C ILE A 220 1.58 -10.31 39.05
N ARG A 221 2.82 -9.83 39.18
CA ARG A 221 3.45 -9.75 40.49
C ARG A 221 2.89 -8.64 41.36
N ILE A 222 2.04 -7.76 40.81
CA ILE A 222 1.36 -6.78 41.65
C ILE A 222 0.22 -7.40 42.43
N LEU A 223 -0.22 -8.59 42.07
CA LEU A 223 -1.30 -9.26 42.77
C LEU A 223 -0.79 -9.82 44.09
N MET A 224 -1.60 -9.66 45.14
CA MET A 224 -1.19 -10.00 46.49
C MET A 224 -1.98 -11.16 47.09
N ALA A 225 -2.95 -11.71 46.37
CA ALA A 225 -3.69 -12.85 46.86
C ALA A 225 -4.30 -13.59 45.69
N LYS A 226 -4.51 -14.89 45.87
CA LYS A 226 -5.21 -15.69 44.87
C LYS A 226 -6.56 -15.05 44.57
N SER A 227 -6.91 -15.01 43.30
CA SER A 227 -8.13 -14.32 42.89
C SER A 227 -9.37 -15.05 43.39
N VAL A 228 -10.44 -14.29 43.49
CA VAL A 228 -11.77 -14.76 43.84
C VAL A 228 -12.62 -14.74 42.58
N LYS A 229 -13.47 -15.75 42.42
CA LYS A 229 -14.19 -16.00 41.19
C LYS A 229 -15.69 -15.82 41.41
N TYR A 230 -16.33 -15.08 40.51
CA TYR A 230 -17.77 -14.96 40.48
C TYR A 230 -18.27 -15.44 39.13
N THR A 231 -19.20 -16.40 39.14
CA THR A 231 -19.59 -17.12 37.94
C THR A 231 -21.02 -16.81 37.57
N VAL A 232 -21.23 -16.47 36.30
CA VAL A 232 -22.57 -16.36 35.71
C VAL A 232 -22.75 -17.55 34.78
N ASN A 233 -23.79 -18.34 35.03
CA ASN A 233 -24.17 -19.44 34.15
C ASN A 233 -25.19 -18.90 33.15
N PHE A 234 -24.76 -18.71 31.90
CA PHE A 234 -25.63 -18.10 30.90
C PHE A 234 -26.81 -18.99 30.55
N LEU A 235 -26.74 -20.30 30.84
CA LEU A 235 -27.87 -21.18 30.59
C LEU A 235 -28.98 -20.96 31.60
N GLU A 236 -28.63 -20.53 32.82
CA GLU A 236 -29.59 -20.38 33.91
C GLU A 236 -29.93 -18.94 34.25
N ALA A 237 -29.01 -18.00 34.03
CA ALA A 237 -29.20 -16.63 34.46
C ALA A 237 -30.33 -15.96 33.68
N LYS A 238 -30.93 -14.95 34.31
CA LYS A 238 -31.96 -14.13 33.71
C LYS A 238 -31.46 -12.71 33.55
N GLU A 239 -32.09 -11.97 32.64
CA GLU A 239 -31.74 -10.57 32.41
C GLU A 239 -31.60 -9.82 33.72
N GLY A 240 -32.63 -9.86 34.56
CA GLY A 240 -32.64 -9.08 35.79
C GLY A 240 -31.52 -9.42 36.75
N ASP A 241 -30.93 -10.61 36.62
CA ASP A 241 -29.84 -11.00 37.49
C ASP A 241 -28.64 -10.08 37.36
N LEU A 242 -28.50 -9.38 36.24
CA LEU A 242 -27.35 -8.55 35.97
C LEU A 242 -27.58 -7.07 36.27
N HIS A 243 -28.80 -6.70 36.68
CA HIS A 243 -29.06 -5.31 37.09
C HIS A 243 -28.36 -4.98 38.40
N ARG A 244 -28.25 -5.95 39.30
CA ARG A 244 -27.57 -5.77 40.58
C ARG A 244 -26.71 -7.00 40.82
N ILE A 245 -25.40 -6.82 40.81
CA ILE A 245 -24.44 -7.91 40.94
C ILE A 245 -23.62 -7.65 42.19
N GLU A 246 -23.81 -8.48 43.21
CA GLU A 246 -23.04 -8.39 44.45
C GLU A 246 -22.01 -9.52 44.45
N ILE A 247 -20.74 -9.14 44.56
CA ILE A 247 -19.63 -10.08 44.55
C ILE A 247 -18.93 -10.01 45.90
N PRO A 248 -19.20 -10.93 46.81
CA PRO A 248 -18.43 -10.96 48.06
C PRO A 248 -17.05 -11.54 47.80
N PHE A 249 -16.09 -11.14 48.65
CA PHE A 249 -14.74 -11.65 48.52
C PHE A 249 -14.08 -11.73 49.88
N LYS A 250 -13.25 -12.76 50.04
CA LYS A 250 -12.42 -12.93 51.22
C LYS A 250 -11.03 -13.34 50.72
N PHE A 251 -10.12 -12.39 50.66
CA PHE A 251 -8.78 -12.65 50.16
C PHE A 251 -7.86 -13.03 51.30
N HIS A 252 -6.99 -13.99 51.04
CA HIS A 252 -6.00 -14.47 52.01
C HIS A 252 -4.64 -14.02 51.48
N MET A 253 -4.12 -12.94 52.08
CA MET A 253 -2.99 -12.23 51.51
C MET A 253 -1.77 -13.14 51.45
N LEU A 254 -1.21 -13.29 50.25
CA LEU A 254 0.02 -14.04 50.04
C LEU A 254 1.28 -13.19 50.23
N HIS A 255 1.14 -11.87 50.21
CA HIS A 255 2.28 -10.98 50.38
C HIS A 255 1.88 -9.85 51.31
N SER A 256 2.89 -9.25 51.95
CA SER A 256 2.70 -8.11 52.82
C SER A 256 2.93 -6.82 52.04
N GLY A 257 2.11 -5.82 52.32
CA GLY A 257 2.28 -4.52 51.69
C GLY A 257 0.97 -3.77 51.64
N LEU A 258 1.01 -2.61 50.98
CA LEU A 258 -0.17 -1.78 50.83
C LEU A 258 -1.01 -2.26 49.65
N VAL A 259 -2.31 -2.42 49.89
CA VAL A 259 -3.26 -2.78 48.84
C VAL A 259 -3.88 -1.49 48.32
N HIS A 260 -3.74 -1.24 47.01
CA HIS A 260 -4.21 -0.01 46.41
C HIS A 260 -5.54 -0.16 45.66
N GLY A 261 -6.01 -1.38 45.44
CA GLY A 261 -7.27 -1.55 44.74
C GLY A 261 -7.50 -3.01 44.40
N LEU A 262 -8.52 -3.22 43.55
CA LEU A 262 -8.88 -4.54 43.07
C LEU A 262 -8.71 -4.61 41.55
N ALA A 263 -8.11 -5.69 41.09
CA ALA A 263 -7.95 -5.95 39.66
C ALA A 263 -9.02 -6.93 39.20
N PHE A 264 -9.51 -6.73 37.98
CA PHE A 264 -10.59 -7.53 37.43
C PHE A 264 -10.18 -8.10 36.07
N TRP A 265 -10.57 -9.34 35.82
CA TRP A 265 -10.50 -9.96 34.52
C TRP A 265 -11.55 -11.05 34.47
N PHE A 266 -11.69 -11.70 33.31
CA PHE A 266 -12.74 -12.70 33.18
C PHE A 266 -12.33 -13.79 32.20
N ASP A 267 -12.94 -14.96 32.39
CA ASP A 267 -12.88 -16.06 31.44
C ASP A 267 -14.29 -16.44 31.05
N VAL A 268 -14.44 -16.99 29.85
CA VAL A 268 -15.69 -17.61 29.42
C VAL A 268 -15.38 -18.99 28.90
N ALA A 269 -16.34 -19.90 29.04
CA ALA A 269 -16.19 -21.28 28.61
C ALA A 269 -17.26 -21.62 27.59
N PHE A 270 -16.85 -22.31 26.52
CA PHE A 270 -17.76 -22.83 25.51
C PHE A 270 -17.91 -24.32 25.81
N ILE A 271 -18.91 -24.66 26.62
CA ILE A 271 -19.12 -26.04 27.04
C ILE A 271 -19.90 -26.78 25.96
N GLY A 272 -19.17 -27.37 25.01
CA GLY A 272 -19.78 -28.10 23.92
C GLY A 272 -19.92 -29.58 24.21
N SER A 273 -20.55 -30.28 23.27
CA SER A 273 -20.78 -31.71 23.45
C SER A 273 -19.47 -32.50 23.42
N ILE A 274 -18.52 -32.08 22.59
CA ILE A 274 -17.27 -32.81 22.44
C ILE A 274 -16.23 -32.35 23.46
N MET A 275 -16.16 -31.06 23.73
CA MET A 275 -15.13 -30.55 24.64
C MET A 275 -15.53 -29.16 25.11
N THR A 276 -14.80 -28.68 26.12
CA THR A 276 -14.95 -27.33 26.64
C THR A 276 -13.73 -26.51 26.23
N VAL A 277 -13.97 -25.34 25.64
CA VAL A 277 -12.92 -24.43 25.22
C VAL A 277 -13.04 -23.15 26.03
N TRP A 278 -11.90 -22.61 26.45
CA TRP A 278 -11.85 -21.44 27.31
C TRP A 278 -11.26 -20.26 26.56
N LEU A 279 -11.87 -19.09 26.76
CA LEU A 279 -11.34 -17.81 26.31
C LEU A 279 -11.06 -16.98 27.55
N SER A 280 -9.78 -16.78 27.86
CA SER A 280 -9.36 -16.14 29.08
C SER A 280 -8.71 -14.79 28.79
N THR A 281 -9.02 -13.80 29.61
CA THR A 281 -8.38 -12.49 29.54
C THR A 281 -7.53 -12.20 30.77
N ALA A 282 -7.14 -13.25 31.49
CA ALA A 282 -6.37 -13.08 32.71
C ALA A 282 -5.00 -12.45 32.40
N PRO A 283 -4.39 -11.77 33.37
CA PRO A 283 -3.07 -11.16 33.13
C PRO A 283 -1.97 -12.16 32.90
N THR A 284 -2.22 -13.46 33.09
CA THR A 284 -1.25 -14.50 32.77
C THR A 284 -1.36 -14.96 31.31
N GLU A 285 -2.42 -14.56 30.60
CA GLU A 285 -2.63 -14.95 29.22
C GLU A 285 -2.26 -13.82 28.28
N PRO A 286 -2.08 -14.10 26.99
CA PRO A 286 -1.78 -13.03 26.04
C PRO A 286 -2.85 -11.95 26.07
N LEU A 287 -2.43 -10.72 25.82
CA LEU A 287 -3.34 -9.58 25.94
C LEU A 287 -4.42 -9.63 24.87
N THR A 288 -5.62 -9.24 25.25
CA THR A 288 -6.77 -9.15 24.35
C THR A 288 -7.31 -7.73 24.38
N HIS A 289 -8.27 -7.45 23.49
CA HIS A 289 -8.85 -6.12 23.46
C HIS A 289 -9.77 -5.85 24.65
N TRP A 290 -9.90 -6.79 25.59
CA TRP A 290 -10.55 -6.53 26.86
C TRP A 290 -9.57 -6.06 27.93
N TYR A 291 -8.28 -6.25 27.72
CA TYR A 291 -7.25 -5.84 28.68
C TYR A 291 -7.61 -6.41 30.04
N GLN A 292 -7.30 -5.66 31.10
CA GLN A 292 -7.78 -5.91 32.44
C GLN A 292 -8.25 -4.58 33.02
N VAL A 293 -8.92 -4.64 34.16
CA VAL A 293 -9.50 -3.44 34.78
C VAL A 293 -9.06 -3.40 36.25
N ARG A 294 -8.65 -2.22 36.70
CA ARG A 294 -8.26 -2.01 38.08
C ARG A 294 -9.07 -0.86 38.65
N CYS A 295 -9.64 -1.07 39.83
CA CYS A 295 -10.36 -0.05 40.57
C CYS A 295 -9.55 0.29 41.80
N LEU A 296 -9.13 1.54 41.91
CA LEU A 296 -8.32 1.98 43.03
C LEU A 296 -9.17 2.16 44.28
N PHE A 297 -8.54 1.96 45.43
CA PHE A 297 -9.13 2.39 46.69
C PHE A 297 -8.78 3.86 46.93
N GLN A 298 -9.75 4.62 47.42
CA GLN A 298 -9.48 6.01 47.77
C GLN A 298 -8.34 6.10 48.77
N SER A 299 -8.26 5.13 49.68
CA SER A 299 -7.19 5.04 50.67
C SER A 299 -6.65 3.62 50.67
N PRO A 300 -5.35 3.42 50.54
CA PRO A 300 -4.80 2.06 50.56
C PRO A 300 -4.98 1.42 51.93
N LEU A 301 -4.75 0.11 51.97
CA LEU A 301 -4.90 -0.68 53.18
C LEU A 301 -3.68 -1.55 53.36
N PHE A 302 -3.04 -1.46 54.52
CA PHE A 302 -1.91 -2.31 54.84
C PHE A 302 -2.40 -3.68 55.27
N ALA A 303 -1.74 -4.72 54.76
CA ALA A 303 -2.11 -6.09 55.09
C ALA A 303 -0.84 -6.93 55.15
N LYS A 304 -0.71 -7.71 56.21
CA LYS A 304 0.41 -8.63 56.33
C LYS A 304 0.08 -9.94 55.62
N ALA A 305 1.13 -10.61 55.13
CA ALA A 305 0.94 -11.94 54.57
C ALA A 305 0.28 -12.85 55.59
N GLY A 306 -0.84 -13.44 55.20
CA GLY A 306 -1.66 -14.23 56.12
C GLY A 306 -2.84 -13.48 56.68
N ASP A 307 -2.90 -12.16 56.55
CA ASP A 307 -4.08 -11.42 56.92
C ASP A 307 -5.22 -11.73 55.94
N THR A 308 -6.40 -11.21 56.26
CA THR A 308 -7.60 -11.44 55.46
C THR A 308 -8.20 -10.11 55.08
N LEU A 309 -8.41 -9.91 53.78
CA LEU A 309 -9.05 -8.71 53.25
C LEU A 309 -10.43 -9.12 52.73
N SER A 310 -11.47 -8.73 53.47
CA SER A 310 -12.84 -9.09 53.13
C SER A 310 -13.63 -7.83 52.76
N GLY A 311 -14.67 -8.04 51.97
CA GLY A 311 -15.50 -6.94 51.52
C GLY A 311 -16.46 -7.41 50.44
N THR A 312 -16.99 -6.44 49.69
CA THR A 312 -17.95 -6.73 48.63
C THR A 312 -17.75 -5.76 47.49
N CYS A 313 -17.96 -6.25 46.27
CA CYS A 313 -18.02 -5.43 45.07
C CYS A 313 -19.45 -5.48 44.54
N LEU A 314 -20.12 -4.34 44.55
CA LEU A 314 -21.51 -4.25 44.13
C LEU A 314 -21.58 -3.47 42.83
N LEU A 315 -22.08 -4.12 41.78
CA LEU A 315 -22.23 -3.52 40.46
C LEU A 315 -23.71 -3.23 40.22
N ILE A 316 -24.04 -1.97 39.96
CA ILE A 316 -25.41 -1.55 39.74
C ILE A 316 -25.50 -1.00 38.33
N ALA A 317 -26.31 -1.65 37.50
CA ALA A 317 -26.49 -1.21 36.12
C ALA A 317 -27.11 0.18 36.08
N ASN A 318 -26.71 0.96 35.07
CA ASN A 318 -27.28 2.28 34.82
C ASN A 318 -27.75 2.33 33.37
N LYS A 319 -28.49 3.39 33.03
CA LYS A 319 -29.04 3.52 31.69
C LYS A 319 -28.02 4.02 30.67
N ARG A 320 -26.75 4.19 31.07
CA ARG A 320 -25.67 4.46 30.13
C ARG A 320 -24.95 3.19 29.71
N GLN A 321 -25.66 2.06 29.69
CA GLN A 321 -25.09 0.78 29.25
C GLN A 321 -23.82 0.43 30.02
N SER A 322 -23.76 0.79 31.30
CA SER A 322 -22.58 0.51 32.10
C SER A 322 -23.03 0.21 33.53
N TYR A 323 -22.13 0.42 34.48
CA TYR A 323 -22.38 0.08 35.88
C TYR A 323 -21.76 1.12 36.79
N ASP A 324 -22.49 1.47 37.85
CA ASP A 324 -21.88 2.12 39.00
C ASP A 324 -21.23 1.05 39.86
N ILE A 325 -19.97 1.25 40.21
CA ILE A 325 -19.20 0.27 40.96
C ILE A 325 -19.02 0.80 42.39
N SER A 326 -19.40 -0.03 43.36
CA SER A 326 -19.18 0.26 44.77
C SER A 326 -18.34 -0.86 45.35
N ILE A 327 -17.18 -0.50 45.91
CA ILE A 327 -16.25 -1.46 46.49
C ILE A 327 -15.98 -1.04 47.93
N VAL A 328 -16.19 -1.96 48.87
CA VAL A 328 -15.86 -1.76 50.26
C VAL A 328 -14.98 -2.91 50.71
N ALA A 329 -13.90 -2.61 51.42
CA ALA A 329 -12.93 -3.62 51.81
C ALA A 329 -12.31 -3.24 53.13
N GLN A 330 -12.02 -4.26 53.94
CA GLN A 330 -11.36 -4.06 55.22
C GLN A 330 -10.41 -5.22 55.49
N VAL A 331 -9.31 -4.91 56.17
CA VAL A 331 -8.40 -5.94 56.68
C VAL A 331 -8.98 -6.42 58.01
N ASP A 332 -9.43 -7.67 58.04
CA ASP A 332 -10.16 -8.17 59.20
C ASP A 332 -9.32 -8.11 60.47
N GLN A 333 -8.01 -8.35 60.37
CA GLN A 333 -7.17 -8.42 61.55
C GLN A 333 -6.93 -7.05 62.19
N THR A 334 -7.15 -5.96 61.44
CA THR A 334 -6.93 -4.62 61.98
C THR A 334 -8.17 -3.75 61.96
N GLY A 335 -9.21 -4.11 61.21
CA GLY A 335 -10.37 -3.25 61.05
C GLY A 335 -10.17 -2.10 60.09
N SER A 336 -8.95 -1.89 59.59
CA SER A 336 -8.71 -0.84 58.61
C SER A 336 -9.62 -1.04 57.40
N LYS A 337 -10.37 0.00 57.04
CA LYS A 337 -11.41 -0.08 56.03
C LYS A 337 -11.17 0.97 54.95
N SER A 338 -11.68 0.69 53.76
CA SER A 338 -11.64 1.65 52.66
C SER A 338 -12.80 1.39 51.72
N SER A 339 -13.14 2.41 50.93
CA SER A 339 -14.25 2.37 49.99
C SER A 339 -13.78 2.88 48.65
N ASN A 340 -14.70 2.85 47.68
CA ASN A 340 -14.60 3.66 46.47
C ASN A 340 -15.86 3.48 45.64
N LEU A 341 -16.31 4.57 45.01
CA LEU A 341 -17.39 4.54 44.03
C LEU A 341 -16.76 4.87 42.68
N LEU A 342 -16.93 3.98 41.71
CA LEU A 342 -16.40 4.20 40.37
C LEU A 342 -17.54 4.11 39.35
N ASP A 343 -17.34 4.77 38.23
CA ASP A 343 -18.30 4.76 37.12
C ASP A 343 -17.64 4.10 35.93
N LEU A 344 -18.12 2.90 35.58
CA LEU A 344 -17.49 2.09 34.56
C LEU A 344 -17.64 2.67 33.15
N LYS A 345 -18.42 3.73 32.98
CA LYS A 345 -18.65 4.29 31.65
C LYS A 345 -17.59 5.32 31.26
N ASN A 346 -16.77 5.81 32.19
CA ASN A 346 -15.68 6.72 31.91
C ASN A 346 -14.36 6.10 32.35
N PRO A 347 -13.95 4.99 31.75
CA PRO A 347 -12.66 4.39 32.11
C PRO A 347 -11.50 5.25 31.63
N PHE A 348 -10.37 5.10 32.32
CA PHE A 348 -9.13 5.72 31.90
C PHE A 348 -8.30 4.69 31.16
N PHE A 349 -8.08 4.94 29.86
CA PHE A 349 -7.27 4.05 29.03
C PHE A 349 -5.81 4.42 29.22
N ARG A 350 -5.10 3.58 29.96
CA ARG A 350 -3.73 3.86 30.38
C ARG A 350 -2.69 3.06 29.61
N TYR A 351 -3.11 2.07 28.84
CA TYR A 351 -2.18 1.21 28.12
C TYR A 351 -1.39 2.00 27.07
N THR A 352 -0.18 1.53 26.80
CA THR A 352 0.67 2.13 25.76
C THR A 352 1.50 1.05 25.07
N ARG B 9 -38.96 26.17 20.53
CA ARG B 9 -37.77 25.33 20.41
C ARG B 9 -36.55 26.20 20.19
N SER B 10 -35.50 25.96 20.95
CA SER B 10 -34.29 26.77 20.85
C SER B 10 -33.56 26.48 19.55
N VAL B 11 -32.73 27.45 19.14
CA VAL B 11 -31.92 27.27 17.94
C VAL B 11 -30.99 26.07 18.08
N PHE B 12 -30.41 25.89 19.27
CA PHE B 12 -29.44 24.82 19.46
C PHE B 12 -30.09 23.46 19.21
N SER B 13 -31.16 23.15 19.95
CA SER B 13 -31.78 21.84 19.83
C SER B 13 -32.34 21.62 18.42
N GLU B 14 -32.82 22.69 17.77
CA GLU B 14 -33.33 22.55 16.41
C GLU B 14 -32.26 22.04 15.46
N ARG B 15 -31.01 22.45 15.66
CA ARG B 15 -29.91 22.09 14.78
C ARG B 15 -29.06 20.95 15.32
N THR B 16 -29.36 20.43 16.50
CA THR B 16 -28.51 19.44 17.17
C THR B 16 -29.33 18.21 17.51
N GLU B 17 -28.91 17.06 17.00
CA GLU B 17 -29.41 15.78 17.47
C GLU B 17 -29.14 15.65 18.96
N GLU B 18 -30.19 15.47 19.75
CA GLU B 18 -30.04 15.47 21.20
C GLU B 18 -29.01 14.44 21.67
N SER B 19 -28.90 13.32 20.96
CA SER B 19 -27.89 12.32 21.33
C SER B 19 -26.49 12.90 21.24
N SER B 20 -26.24 13.80 20.28
CA SER B 20 -24.92 14.39 20.13
C SER B 20 -24.64 15.41 21.21
N ALA B 21 -25.67 16.16 21.63
CA ALA B 21 -25.47 17.21 22.63
C ALA B 21 -25.14 16.61 24.00
N VAL B 22 -25.79 15.51 24.35
CA VAL B 22 -25.53 14.88 25.65
C VAL B 22 -24.10 14.40 25.71
N GLN B 23 -23.65 13.69 24.69
CA GLN B 23 -22.24 13.27 24.62
C GLN B 23 -21.33 14.49 24.63
N TYR B 24 -21.65 15.49 23.82
CA TYR B 24 -20.79 16.66 23.69
C TYR B 24 -20.56 17.33 25.02
N PHE B 25 -21.64 17.62 25.76
CA PHE B 25 -21.51 18.35 27.01
C PHE B 25 -21.02 17.48 28.16
N GLN B 26 -21.20 16.16 28.07
CA GLN B 26 -20.55 15.28 29.04
C GLN B 26 -19.03 15.31 28.89
N PHE B 27 -18.54 15.36 27.64
CA PHE B 27 -17.11 15.40 27.40
C PHE B 27 -16.48 16.62 28.07
N TYR B 28 -17.09 17.78 27.92
CA TYR B 28 -16.56 19.01 28.50
C TYR B 28 -16.95 19.20 29.96
N GLY B 29 -17.71 18.27 30.54
CA GLY B 29 -18.01 18.34 31.96
C GLY B 29 -16.92 17.80 32.86
N TYR B 30 -15.88 17.19 32.28
CA TYR B 30 -14.83 16.56 33.07
C TYR B 30 -13.71 17.56 33.35
N LEU B 31 -13.24 17.57 34.60
CA LEU B 31 -12.16 18.47 34.97
C LEU B 31 -10.86 18.12 34.27
N SER B 32 -10.63 16.84 33.97
CA SER B 32 -9.43 16.46 33.24
C SER B 32 -9.38 17.11 31.87
N GLN B 33 -10.53 17.23 31.21
CA GLN B 33 -10.56 17.90 29.91
C GLN B 33 -10.26 19.39 30.04
N GLN B 34 -10.77 20.02 31.11
CA GLN B 34 -10.42 21.41 31.36
C GLN B 34 -8.93 21.57 31.59
N GLN B 35 -8.33 20.68 32.39
CA GLN B 35 -6.89 20.75 32.63
C GLN B 35 -6.11 20.66 31.33
N ASN B 36 -6.50 19.73 30.45
CA ASN B 36 -5.78 19.58 29.18
C ASN B 36 -5.84 20.85 28.37
N MET B 37 -7.01 21.50 28.31
CA MET B 37 -7.13 22.74 27.56
C MET B 37 -6.32 23.85 28.23
N MET B 38 -6.38 23.93 29.56
CA MET B 38 -5.72 25.02 30.27
C MET B 38 -4.19 24.88 30.21
N GLN B 39 -3.68 23.65 30.21
CA GLN B 39 -2.24 23.45 30.20
C GLN B 39 -1.61 23.72 28.83
N ASP B 40 -2.41 23.97 27.80
CA ASP B 40 -1.89 24.46 26.53
C ASP B 40 -1.49 25.91 26.72
N TYR B 41 -0.21 26.15 26.97
CA TYR B 41 0.22 27.51 27.33
C TYR B 41 0.07 28.48 26.16
N VAL B 42 0.19 28.00 24.93
CA VAL B 42 -0.02 28.89 23.78
C VAL B 42 -1.45 29.41 23.79
N ARG B 43 -2.42 28.50 23.94
CA ARG B 43 -3.82 28.92 23.99
C ARG B 43 -4.08 29.83 25.17
N THR B 44 -3.81 29.34 26.38
CA THR B 44 -4.15 30.09 27.58
C THR B 44 -3.35 31.38 27.67
N GLY B 45 -2.06 31.32 27.35
CA GLY B 45 -1.24 32.51 27.40
C GLY B 45 -1.64 33.54 26.37
N THR B 46 -2.04 33.08 25.17
CA THR B 46 -2.41 34.02 24.12
C THR B 46 -3.75 34.66 24.41
N TYR B 47 -4.74 33.89 24.89
CA TYR B 47 -6.01 34.46 25.30
C TYR B 47 -5.81 35.53 26.36
N GLN B 48 -4.92 35.27 27.33
CA GLN B 48 -4.68 36.25 28.38
C GLN B 48 -4.01 37.50 27.83
N ARG B 49 -3.03 37.33 26.93
CA ARG B 49 -2.30 38.47 26.29
C ARG B 49 -3.33 39.29 25.49
N ALA B 50 -4.20 38.69 24.71
CA ALA B 50 -5.18 39.43 23.91
C ALA B 50 -6.09 40.26 24.80
N ILE B 51 -6.45 39.73 25.97
CA ILE B 51 -7.37 40.43 26.85
C ILE B 51 -6.63 41.49 27.67
N LEU B 52 -5.54 41.11 28.33
CA LEU B 52 -4.85 42.05 29.22
C LEU B 52 -4.21 43.19 28.45
N GLN B 53 -3.71 42.93 27.25
CA GLN B 53 -3.08 43.98 26.46
C GLN B 53 -4.10 44.85 25.73
N ASN B 54 -5.37 44.45 25.72
CA ASN B 54 -6.45 45.31 25.27
C ASN B 54 -7.38 45.60 26.45
N HIS B 55 -6.79 45.94 27.60
CA HIS B 55 -7.58 46.09 28.83
C HIS B 55 -8.65 47.16 28.69
N THR B 56 -8.39 48.23 27.93
CA THR B 56 -9.37 49.29 27.79
C THR B 56 -10.64 48.79 27.12
N ASP B 57 -10.58 47.70 26.36
CA ASP B 57 -11.78 47.09 25.81
C ASP B 57 -12.59 46.33 26.85
N PHE B 58 -12.12 46.27 28.10
CA PHE B 58 -12.80 45.53 29.15
C PHE B 58 -13.05 46.39 30.37
N LYS B 59 -12.19 47.38 30.60
CA LYS B 59 -12.28 48.21 31.80
C LYS B 59 -13.68 48.78 31.96
N ASP B 60 -14.36 48.39 33.05
CA ASP B 60 -15.70 48.87 33.37
C ASP B 60 -16.70 48.52 32.27
N LYS B 61 -16.53 47.37 31.64
CA LYS B 61 -17.38 46.92 30.55
C LYS B 61 -18.17 45.68 30.96
N ILE B 62 -19.28 45.46 30.25
CA ILE B 62 -20.09 44.26 30.41
C ILE B 62 -19.60 43.22 29.42
N VAL B 63 -19.36 42.00 29.90
CA VAL B 63 -18.73 40.95 29.11
C VAL B 63 -19.64 39.73 29.11
N LEU B 64 -19.68 39.04 27.97
CA LEU B 64 -20.33 37.74 27.85
C LEU B 64 -19.28 36.71 27.47
N ASP B 65 -19.15 35.67 28.29
CA ASP B 65 -18.23 34.57 28.04
C ASP B 65 -19.06 33.35 27.62
N VAL B 66 -18.98 33.00 26.35
CA VAL B 66 -19.79 31.92 25.79
C VAL B 66 -19.04 30.61 25.94
N GLY B 67 -19.62 29.67 26.68
CA GLY B 67 -18.98 28.39 26.92
C GLY B 67 -17.75 28.53 27.77
N CYS B 68 -17.91 29.09 28.97
CA CYS B 68 -16.79 29.48 29.81
C CYS B 68 -16.03 28.31 30.42
N GLY B 69 -16.58 27.10 30.38
CA GLY B 69 -15.94 25.97 31.02
C GLY B 69 -15.64 26.25 32.48
N SER B 70 -14.37 26.16 32.87
CA SER B 70 -13.97 26.45 34.24
C SER B 70 -13.99 27.94 34.54
N GLY B 71 -14.06 28.79 33.51
CA GLY B 71 -14.17 30.23 33.71
C GLY B 71 -12.90 31.02 33.50
N ILE B 72 -11.83 30.39 32.99
CA ILE B 72 -10.54 31.06 32.92
C ILE B 72 -10.64 32.37 32.14
N LEU B 73 -11.39 32.37 31.04
CA LEU B 73 -11.50 33.58 30.23
C LEU B 73 -12.25 34.67 30.98
N SER B 74 -13.25 34.30 31.78
CA SER B 74 -13.94 35.29 32.60
C SER B 74 -13.00 35.90 33.62
N PHE B 75 -12.09 35.09 34.19
CA PHE B 75 -11.13 35.63 35.14
C PHE B 75 -10.17 36.59 34.47
N PHE B 76 -9.79 36.32 33.21
CA PHE B 76 -8.95 37.25 32.47
C PHE B 76 -9.68 38.58 32.26
N ALA B 77 -10.94 38.51 31.84
CA ALA B 77 -11.73 39.73 31.69
C ALA B 77 -11.81 40.49 33.01
N ALA B 78 -11.90 39.77 34.13
CA ALA B 78 -11.96 40.44 35.43
C ALA B 78 -10.61 41.08 35.75
N GLN B 79 -9.51 40.43 35.40
CA GLN B 79 -8.19 41.04 35.61
C GLN B 79 -8.04 42.31 34.78
N ALA B 80 -8.70 42.38 33.63
CA ALA B 80 -8.63 43.57 32.78
C ALA B 80 -9.57 44.69 33.26
N GLY B 81 -10.39 44.43 34.27
CA GLY B 81 -11.21 45.46 34.87
C GLY B 81 -12.67 45.45 34.46
N ALA B 82 -13.19 44.33 33.97
CA ALA B 82 -14.60 44.27 33.56
C ALA B 82 -15.52 44.54 34.74
N ARG B 83 -16.51 45.39 34.52
CA ARG B 83 -17.51 45.66 35.56
C ARG B 83 -18.33 44.41 35.86
N LYS B 84 -18.75 43.69 34.82
CA LYS B 84 -19.65 42.56 34.99
C LYS B 84 -19.42 41.57 33.87
N ILE B 85 -19.24 40.30 34.22
CA ILE B 85 -19.01 39.23 33.26
C ILE B 85 -20.10 38.19 33.46
N TYR B 86 -20.88 37.93 32.42
CA TYR B 86 -21.83 36.83 32.40
C TYR B 86 -21.16 35.63 31.74
N ALA B 87 -20.95 34.57 32.51
CA ALA B 87 -20.22 33.40 32.06
C ALA B 87 -21.23 32.27 31.84
N VAL B 88 -21.54 31.99 30.58
CA VAL B 88 -22.55 31.00 30.22
C VAL B 88 -21.87 29.68 29.91
N GLU B 89 -22.37 28.60 30.50
CA GLU B 89 -21.84 27.26 30.27
C GLU B 89 -22.97 26.26 30.42
N ALA B 90 -23.05 25.32 29.48
CA ALA B 90 -24.14 24.34 29.46
C ALA B 90 -23.77 23.01 30.08
N SER B 91 -22.49 22.67 30.17
CA SER B 91 -22.08 21.44 30.83
C SER B 91 -22.16 21.61 32.35
N THR B 92 -21.98 20.51 33.06
CA THR B 92 -21.92 20.55 34.52
C THR B 92 -20.67 21.26 35.02
N MET B 93 -19.74 21.64 34.14
CA MET B 93 -18.60 22.43 34.55
C MET B 93 -19.01 23.79 35.10
N ALA B 94 -20.25 24.22 34.82
CA ALA B 94 -20.73 25.49 35.35
C ALA B 94 -20.66 25.52 36.87
N GLN B 95 -20.93 24.39 37.52
CA GLN B 95 -20.90 24.36 38.98
C GLN B 95 -19.47 24.58 39.49
N HIS B 96 -18.48 24.01 38.81
CA HIS B 96 -17.09 24.21 39.22
C HIS B 96 -16.67 25.65 39.01
N ALA B 97 -17.13 26.28 37.93
CA ALA B 97 -16.83 27.69 37.70
C ALA B 97 -17.36 28.55 38.86
N GLU B 98 -18.59 28.28 39.31
CA GLU B 98 -19.13 29.00 40.45
C GLU B 98 -18.21 28.88 41.66
N VAL B 99 -17.67 27.69 41.90
CA VAL B 99 -16.78 27.48 43.03
C VAL B 99 -15.55 28.38 42.93
N LEU B 100 -14.98 28.48 41.72
CA LEU B 100 -13.77 29.28 41.56
C LEU B 100 -14.07 30.77 41.68
N VAL B 101 -15.23 31.21 41.18
CA VAL B 101 -15.62 32.61 41.35
C VAL B 101 -15.69 32.97 42.82
N LYS B 102 -16.30 32.09 43.63
CA LYS B 102 -16.39 32.35 45.06
C LYS B 102 -15.01 32.31 45.71
N SER B 103 -14.24 31.25 45.45
CA SER B 103 -12.93 31.12 46.09
C SER B 103 -11.96 32.19 45.64
N ASN B 104 -12.20 32.84 44.50
CA ASN B 104 -11.38 33.95 44.05
C ASN B 104 -12.00 35.31 44.39
N ASN B 105 -13.07 35.33 45.19
CA ASN B 105 -13.66 36.57 45.68
C ASN B 105 -14.05 37.50 44.54
N LEU B 106 -14.71 36.93 43.53
CA LEU B 106 -15.19 37.67 42.37
C LEU B 106 -16.70 37.49 42.19
N THR B 107 -17.42 37.29 43.30
CA THR B 107 -18.86 37.09 43.22
C THR B 107 -19.58 38.36 42.79
N ASP B 108 -18.97 39.52 43.02
CA ASP B 108 -19.57 40.79 42.64
C ASP B 108 -19.32 41.16 41.18
N ARG B 109 -18.63 40.31 40.42
CA ARG B 109 -18.25 40.64 39.05
C ARG B 109 -18.45 39.52 38.06
N ILE B 110 -18.28 38.25 38.42
CA ILE B 110 -18.48 37.12 37.53
C ILE B 110 -19.77 36.42 37.94
N VAL B 111 -20.73 36.38 37.03
CA VAL B 111 -22.03 35.75 37.27
C VAL B 111 -22.13 34.57 36.31
N VAL B 112 -21.95 33.36 36.85
CA VAL B 112 -22.14 32.16 36.05
C VAL B 112 -23.62 31.97 35.77
N ILE B 113 -23.94 31.63 34.52
CA ILE B 113 -25.33 31.38 34.13
C ILE B 113 -25.38 30.01 33.47
N PRO B 114 -25.86 28.97 34.17
CA PRO B 114 -25.88 27.64 33.57
C PRO B 114 -26.91 27.55 32.45
N GLY B 115 -26.55 26.82 31.39
CA GLY B 115 -27.42 26.60 30.27
C GLY B 115 -26.73 26.90 28.96
N LYS B 116 -27.51 26.81 27.88
CA LYS B 116 -27.01 27.10 26.55
C LYS B 116 -27.28 28.56 26.22
N VAL B 117 -26.30 29.21 25.58
CA VAL B 117 -26.43 30.62 25.25
C VAL B 117 -27.65 30.86 24.36
N GLU B 118 -28.10 29.84 23.63
CA GLU B 118 -29.31 29.98 22.83
C GLU B 118 -30.57 29.93 23.68
N GLU B 119 -30.47 29.49 24.93
CA GLU B 119 -31.64 29.22 25.75
C GLU B 119 -31.71 30.06 27.03
N VAL B 120 -30.58 30.43 27.62
CA VAL B 120 -30.61 31.22 28.84
C VAL B 120 -31.07 32.63 28.50
N SER B 121 -31.26 33.47 29.51
CA SER B 121 -31.63 34.87 29.33
C SER B 121 -30.62 35.72 30.10
N LEU B 122 -30.06 36.73 29.42
CA LEU B 122 -29.12 37.61 30.10
C LEU B 122 -29.83 38.85 30.61
N PRO B 123 -29.32 39.46 31.69
CA PRO B 123 -30.00 40.65 32.23
C PRO B 123 -29.81 41.90 31.40
N GLU B 124 -28.72 42.01 30.64
CA GLU B 124 -28.42 43.23 29.92
C GLU B 124 -27.57 42.90 28.70
N GLN B 125 -27.57 43.82 27.74
CA GLN B 125 -26.69 43.72 26.59
C GLN B 125 -25.25 43.97 27.01
N VAL B 126 -24.31 43.40 26.25
CA VAL B 126 -22.91 43.38 26.65
C VAL B 126 -22.08 44.17 25.65
N ASP B 127 -20.90 44.60 26.11
CA ASP B 127 -20.00 45.38 25.27
C ASP B 127 -19.12 44.49 24.40
N ILE B 128 -18.76 43.31 24.90
CA ILE B 128 -17.81 42.44 24.20
C ILE B 128 -18.11 41.00 24.57
N ILE B 129 -18.06 40.11 23.59
CA ILE B 129 -18.22 38.67 23.79
C ILE B 129 -16.85 38.03 23.67
N ILE B 130 -16.54 37.12 24.60
CA ILE B 130 -15.32 36.35 24.56
C ILE B 130 -15.70 34.87 24.57
N SER B 131 -14.90 34.06 23.89
CA SER B 131 -15.20 32.63 23.78
C SER B 131 -14.02 31.91 23.17
N GLU B 132 -14.04 30.58 23.29
CA GLU B 132 -13.14 29.68 22.58
C GLU B 132 -13.99 28.71 21.77
N PRO B 133 -14.59 29.17 20.68
CA PRO B 133 -15.54 28.35 19.92
C PRO B 133 -14.92 27.49 18.83
N MET B 134 -13.60 27.48 18.69
CA MET B 134 -12.91 26.80 17.61
C MET B 134 -12.70 25.33 17.92
N GLY B 135 -13.08 24.45 16.99
CA GLY B 135 -12.68 23.07 17.00
C GLY B 135 -11.67 22.76 15.91
N TYR B 136 -11.51 21.46 15.63
CA TYR B 136 -10.67 21.03 14.51
C TYR B 136 -11.15 21.70 13.24
N MET B 137 -10.21 22.07 12.37
CA MET B 137 -10.52 22.79 11.14
C MET B 137 -11.34 24.04 11.42
N LEU B 138 -11.24 24.58 12.64
CA LEU B 138 -11.99 25.75 13.08
C LEU B 138 -13.47 25.45 13.29
N PHE B 139 -14.10 24.72 12.35
CA PHE B 139 -15.55 24.63 12.32
C PHE B 139 -16.11 23.42 13.07
N ASN B 140 -15.30 22.42 13.39
CA ASN B 140 -15.83 21.23 14.03
C ASN B 140 -16.44 21.58 15.38
N GLU B 141 -17.47 20.82 15.76
CA GLU B 141 -18.27 20.97 16.96
C GLU B 141 -19.33 22.05 16.80
N ARG B 142 -19.29 22.84 15.73
CA ARG B 142 -20.37 23.77 15.39
C ARG B 142 -20.60 24.83 16.46
N MET B 143 -19.61 25.12 17.30
CA MET B 143 -19.84 26.10 18.35
C MET B 143 -19.74 27.54 17.85
N LEU B 144 -19.12 27.77 16.71
CA LEU B 144 -19.09 29.12 16.16
C LEU B 144 -20.50 29.68 15.98
N GLU B 145 -21.47 28.81 15.68
CA GLU B 145 -22.85 29.27 15.56
C GLU B 145 -23.39 29.77 16.89
N SER B 146 -23.10 29.06 17.98
CA SER B 146 -23.45 29.57 19.30
C SER B 146 -22.75 30.89 19.58
N TYR B 147 -21.49 31.00 19.17
CA TYR B 147 -20.76 32.26 19.31
C TYR B 147 -21.45 33.38 18.55
N LEU B 148 -21.80 33.12 17.28
CA LEU B 148 -22.48 34.13 16.49
C LEU B 148 -23.90 34.35 17.00
N HIS B 149 -24.57 33.29 17.42
CA HIS B 149 -25.91 33.43 17.98
C HIS B 149 -25.90 34.40 19.15
N ALA B 150 -24.84 34.38 19.96
CA ALA B 150 -24.76 35.23 21.14
C ALA B 150 -24.76 36.72 20.81
N LYS B 151 -24.58 37.08 19.54
CA LYS B 151 -24.56 38.48 19.15
C LYS B 151 -25.91 39.17 19.37
N LYS B 152 -26.97 38.42 19.65
CA LYS B 152 -28.24 39.05 20.00
C LYS B 152 -28.12 39.85 21.29
N TYR B 153 -27.13 39.54 22.13
CA TYR B 153 -26.88 40.28 23.36
C TYR B 153 -25.82 41.36 23.20
N LEU B 154 -25.24 41.51 22.00
CA LEU B 154 -24.13 42.43 21.80
C LEU B 154 -24.64 43.81 21.45
N LYS B 155 -24.07 44.84 22.09
CA LYS B 155 -24.45 46.20 21.80
C LYS B 155 -24.05 46.57 20.37
N PRO B 156 -24.65 47.64 19.83
CA PRO B 156 -24.28 48.05 18.46
C PRO B 156 -22.78 48.23 18.26
N SER B 157 -22.11 48.91 19.17
CA SER B 157 -20.67 49.13 19.09
C SER B 157 -19.86 47.92 19.56
N GLY B 158 -20.50 46.79 19.80
CA GLY B 158 -19.85 45.68 20.46
C GLY B 158 -18.69 45.10 19.66
N ASN B 159 -17.92 44.28 20.34
CA ASN B 159 -16.74 43.63 19.77
C ASN B 159 -16.76 42.15 20.12
N MET B 160 -16.00 41.37 19.36
CA MET B 160 -15.90 39.93 19.54
C MET B 160 -14.45 39.54 19.72
N PHE B 161 -14.17 38.72 20.73
CA PHE B 161 -12.84 38.16 20.96
C PHE B 161 -12.95 36.63 20.95
N PRO B 162 -12.51 35.93 19.90
CA PRO B 162 -11.82 36.43 18.70
C PRO B 162 -12.74 37.22 17.77
N THR B 163 -12.14 38.05 16.92
CA THR B 163 -12.90 38.88 15.99
C THR B 163 -13.03 38.23 14.62
N ILE B 164 -11.98 37.57 14.14
CA ILE B 164 -11.99 36.91 12.83
C ILE B 164 -11.30 35.56 12.95
N GLY B 165 -11.60 34.70 11.99
CA GLY B 165 -10.93 33.41 11.91
C GLY B 165 -10.49 33.11 10.49
N ASP B 166 -9.21 32.82 10.30
CA ASP B 166 -8.67 32.49 8.99
C ASP B 166 -8.46 30.98 8.90
N VAL B 167 -9.12 30.35 7.95
CA VAL B 167 -8.85 28.96 7.61
C VAL B 167 -7.80 28.93 6.52
N HIS B 168 -6.77 28.12 6.71
CA HIS B 168 -5.73 27.93 5.72
C HIS B 168 -5.78 26.51 5.20
N LEU B 169 -5.59 26.36 3.90
CA LEU B 169 -5.48 25.03 3.33
C LEU B 169 -4.38 25.04 2.28
N ALA B 170 -3.73 23.89 2.13
CA ALA B 170 -2.62 23.78 1.21
C ALA B 170 -2.46 22.32 0.82
N PRO B 171 -2.09 22.04 -0.42
CA PRO B 171 -1.83 20.65 -0.81
C PRO B 171 -0.54 20.14 -0.22
N PHE B 172 -0.55 18.88 0.19
CA PHE B 172 0.62 18.26 0.79
C PHE B 172 0.94 16.97 0.06
N THR B 173 2.13 16.45 0.32
CA THR B 173 2.57 15.15 -0.14
C THR B 173 3.11 14.41 1.06
N ASP B 174 2.59 13.21 1.30
CA ASP B 174 3.01 12.43 2.46
C ASP B 174 2.72 10.96 2.15
N GLU B 175 3.68 10.33 1.47
CA GLU B 175 3.49 8.96 1.02
C GLU B 175 3.27 8.02 2.21
N GLN B 176 4.01 8.21 3.30
CA GLN B 176 3.87 7.34 4.46
C GLN B 176 2.45 7.38 5.02
N LEU B 177 1.88 8.58 5.16
CA LEU B 177 0.52 8.69 5.66
C LEU B 177 -0.45 7.98 4.74
N TYR B 178 -0.32 8.19 3.42
CA TYR B 178 -1.24 7.56 2.48
C TYR B 178 -1.10 6.05 2.50
N MET B 179 0.13 5.55 2.56
CA MET B 179 0.33 4.10 2.66
C MET B 179 -0.23 3.56 3.97
N GLU B 180 -0.02 4.29 5.07
CA GLU B 180 -0.50 3.84 6.37
C GLU B 180 -2.00 3.58 6.34
N GLN B 181 -2.77 4.52 5.80
CA GLN B 181 -4.22 4.35 5.73
C GLN B 181 -4.60 3.29 4.69
N PHE B 182 -3.95 3.32 3.53
CA PHE B 182 -4.26 2.33 2.49
C PHE B 182 -3.95 0.91 2.97
N THR B 183 -2.94 0.76 3.82
CA THR B 183 -2.60 -0.56 4.35
C THR B 183 -3.69 -1.07 5.30
N LYS B 184 -4.20 -0.21 6.16
CA LYS B 184 -5.26 -0.61 7.07
C LYS B 184 -6.44 -1.20 6.31
N ALA B 185 -6.87 -0.52 5.24
CA ALA B 185 -8.02 -0.99 4.48
C ALA B 185 -7.71 -2.28 3.73
N ASN B 186 -6.43 -2.52 3.41
CA ASN B 186 -6.07 -3.75 2.71
C ASN B 186 -6.49 -5.00 3.48
N PHE B 187 -6.72 -4.88 4.78
CA PHE B 187 -7.23 -6.00 5.56
C PHE B 187 -8.45 -6.62 4.89
N TRP B 188 -9.30 -5.80 4.30
CA TRP B 188 -10.56 -6.28 3.72
C TRP B 188 -10.40 -6.76 2.29
N TYR B 189 -9.18 -6.96 1.82
CA TYR B 189 -8.92 -7.66 0.57
C TYR B 189 -8.96 -9.17 0.73
N GLN B 190 -8.71 -9.66 1.94
CA GLN B 190 -8.44 -11.06 2.19
C GLN B 190 -9.52 -11.95 1.58
N PRO B 191 -9.17 -12.90 0.70
CA PRO B 191 -10.17 -13.85 0.22
C PRO B 191 -10.49 -14.97 1.21
N SER B 192 -9.70 -15.12 2.28
CA SER B 192 -9.87 -16.26 3.18
C SER B 192 -9.33 -15.88 4.56
N PHE B 193 -9.99 -14.93 5.22
CA PHE B 193 -9.71 -14.62 6.62
C PHE B 193 -10.41 -15.66 7.48
N HIS B 194 -9.65 -16.58 8.06
CA HIS B 194 -10.22 -17.71 8.79
C HIS B 194 -11.21 -18.45 7.90
N GLY B 195 -10.90 -18.53 6.61
CA GLY B 195 -11.77 -19.18 5.65
C GLY B 195 -12.91 -18.33 5.13
N VAL B 196 -12.91 -17.03 5.42
CA VAL B 196 -14.02 -16.14 5.07
C VAL B 196 -13.52 -15.12 4.06
N ASP B 197 -14.30 -14.89 3.02
CA ASP B 197 -13.96 -13.95 1.95
C ASP B 197 -14.50 -12.58 2.32
N LEU B 198 -13.59 -11.64 2.62
CA LEU B 198 -13.96 -10.28 2.98
C LEU B 198 -13.86 -9.30 1.81
N SER B 199 -13.38 -9.76 0.66
CA SER B 199 -12.99 -8.84 -0.41
C SER B 199 -14.17 -7.99 -0.89
N ALA B 200 -15.40 -8.48 -0.75
CA ALA B 200 -16.56 -7.73 -1.21
C ALA B 200 -16.73 -6.42 -0.44
N LEU B 201 -16.15 -6.30 0.75
CA LEU B 201 -16.24 -5.08 1.54
C LEU B 201 -15.01 -4.19 1.40
N ARG B 202 -14.09 -4.52 0.49
CA ARG B 202 -12.86 -3.76 0.37
C ARG B 202 -13.16 -2.29 0.06
N GLY B 203 -13.99 -2.05 -0.95
CA GLY B 203 -14.32 -0.66 -1.30
C GLY B 203 -14.91 0.11 -0.14
N ALA B 204 -15.80 -0.54 0.63
CA ALA B 204 -16.43 0.14 1.75
C ALA B 204 -15.41 0.50 2.82
N ALA B 205 -14.41 -0.36 3.03
CA ALA B 205 -13.40 -0.08 4.04
C ALA B 205 -12.56 1.13 3.67
N VAL B 206 -12.05 1.17 2.44
CA VAL B 206 -11.24 2.31 2.01
C VAL B 206 -12.04 3.59 2.10
N ASP B 207 -13.29 3.56 1.63
CA ASP B 207 -14.16 4.72 1.78
C ASP B 207 -14.21 5.19 3.23
N GLU B 208 -14.34 4.24 4.16
CA GLU B 208 -14.43 4.59 5.57
C GLU B 208 -13.13 5.20 6.06
N TYR B 209 -11.99 4.54 5.79
CA TYR B 209 -10.71 5.02 6.30
C TYR B 209 -10.38 6.40 5.73
N PHE B 210 -10.65 6.62 4.44
CA PHE B 210 -10.30 7.88 3.80
C PHE B 210 -11.32 8.98 4.03
N ARG B 211 -12.45 8.68 4.68
CA ARG B 211 -13.33 9.72 5.18
C ARG B 211 -12.83 10.33 6.48
N GLN B 212 -11.87 9.69 7.14
CA GLN B 212 -11.40 10.15 8.44
C GLN B 212 -10.40 11.30 8.26
N PRO B 213 -10.69 12.49 8.77
CA PRO B 213 -9.66 13.53 8.80
C PRO B 213 -8.54 13.11 9.73
N VAL B 214 -7.31 13.36 9.28
CA VAL B 214 -6.11 12.97 10.01
C VAL B 214 -5.72 14.15 10.90
N VAL B 215 -5.88 13.99 12.21
CA VAL B 215 -5.53 15.01 13.18
C VAL B 215 -4.12 14.70 13.66
N ASP B 216 -3.18 15.54 13.24
CA ASP B 216 -1.75 15.26 13.34
C ASP B 216 -1.04 16.58 13.22
N THR B 217 0.25 16.59 13.54
CA THR B 217 1.11 17.68 13.12
C THR B 217 2.11 17.15 12.11
N PHE B 218 2.71 18.06 11.37
CA PHE B 218 3.60 17.64 10.30
C PHE B 218 4.64 18.71 10.03
N ASP B 219 5.67 18.32 9.29
CA ASP B 219 6.71 19.23 8.85
C ASP B 219 6.23 19.99 7.63
N ILE B 220 6.48 21.31 7.64
CA ILE B 220 5.96 22.19 6.60
C ILE B 220 6.51 21.86 5.22
N ARG B 221 7.59 21.08 5.14
CA ARG B 221 8.14 20.74 3.83
C ARG B 221 7.29 19.76 3.05
N ILE B 222 6.24 19.20 3.67
CA ILE B 222 5.30 18.37 2.90
C ILE B 222 4.36 19.22 2.07
N LEU B 223 4.26 20.52 2.36
CA LEU B 223 3.34 21.39 1.65
C LEU B 223 3.92 21.77 0.29
N MET B 224 3.07 21.71 -0.74
CA MET B 224 3.50 21.86 -2.12
C MET B 224 3.09 23.18 -2.74
N ALA B 225 2.43 24.06 -1.99
CA ALA B 225 2.04 25.36 -2.52
C ALA B 225 1.71 26.28 -1.35
N LYS B 226 1.75 27.58 -1.61
CA LYS B 226 1.32 28.55 -0.62
C LYS B 226 -0.13 28.28 -0.23
N SER B 227 -0.46 28.50 1.03
CA SER B 227 -1.79 28.21 1.52
C SER B 227 -2.80 29.22 0.98
N VAL B 228 -4.01 28.73 0.76
CA VAL B 228 -5.16 29.58 0.44
C VAL B 228 -5.90 29.88 1.74
N LYS B 229 -6.44 31.09 1.85
CA LYS B 229 -7.02 31.57 3.09
C LYS B 229 -8.51 31.85 2.91
N TYR B 230 -9.31 31.38 3.86
CA TYR B 230 -10.74 31.67 3.91
C TYR B 230 -11.03 32.33 5.26
N THR B 231 -11.52 33.56 5.22
CA THR B 231 -11.73 34.35 6.42
C THR B 231 -13.21 34.36 6.81
N VAL B 232 -13.47 34.21 8.09
CA VAL B 232 -14.79 34.39 8.66
C VAL B 232 -14.70 35.57 9.63
N ASN B 233 -15.44 36.64 9.34
CA ASN B 233 -15.48 37.82 10.20
C ASN B 233 -16.61 37.62 11.20
N PHE B 234 -16.25 37.30 12.45
CA PHE B 234 -17.27 36.98 13.44
C PHE B 234 -18.14 38.18 13.77
N LEU B 235 -17.64 39.41 13.56
CA LEU B 235 -18.45 40.59 13.78
C LEU B 235 -19.59 40.69 12.78
N GLU B 236 -19.37 40.22 11.54
CA GLU B 236 -20.33 40.38 10.47
C GLU B 236 -21.08 39.10 10.12
N ALA B 237 -20.48 37.94 10.36
CA ALA B 237 -21.11 36.68 9.94
C ALA B 237 -22.39 36.43 10.73
N LYS B 238 -23.35 35.80 10.05
CA LYS B 238 -24.61 35.40 10.67
C LYS B 238 -24.60 33.90 10.91
N GLU B 239 -25.32 33.48 11.96
CA GLU B 239 -25.33 32.07 12.33
C GLU B 239 -25.61 31.17 11.15
N GLY B 240 -26.54 31.57 10.28
CA GLY B 240 -26.89 30.76 9.12
C GLY B 240 -25.78 30.61 8.11
N ASP B 241 -24.79 31.51 8.12
CA ASP B 241 -23.69 31.42 7.17
C ASP B 241 -22.97 30.09 7.26
N LEU B 242 -22.90 29.50 8.45
CA LEU B 242 -22.07 28.33 8.69
C LEU B 242 -22.79 27.01 8.45
N HIS B 243 -24.04 27.05 7.98
CA HIS B 243 -24.70 25.81 7.59
C HIS B 243 -24.11 25.26 6.29
N ARG B 244 -23.68 26.15 5.38
CA ARG B 244 -23.03 25.75 4.14
C ARG B 244 -21.83 26.67 3.93
N ILE B 245 -20.63 26.11 4.04
CA ILE B 245 -19.39 26.86 3.90
C ILE B 245 -18.69 26.38 2.63
N GLU B 246 -18.55 27.27 1.66
CA GLU B 246 -17.93 26.95 0.38
C GLU B 246 -16.59 27.67 0.30
N ILE B 247 -15.51 26.91 0.18
CA ILE B 247 -14.16 27.44 0.12
C ILE B 247 -13.55 27.05 -1.23
N PRO B 248 -13.55 27.96 -2.20
CA PRO B 248 -12.81 27.71 -3.43
C PRO B 248 -11.32 27.92 -3.22
N PHE B 249 -10.53 27.30 -4.09
CA PHE B 249 -9.08 27.40 -3.98
C PHE B 249 -8.45 27.18 -5.34
N LYS B 250 -7.30 27.83 -5.54
CA LYS B 250 -6.54 27.70 -6.78
C LYS B 250 -5.07 27.79 -6.39
N PHE B 251 -4.43 26.63 -6.20
CA PHE B 251 -3.04 26.57 -5.76
C PHE B 251 -2.10 26.59 -6.96
N HIS B 252 -1.00 27.34 -6.82
CA HIS B 252 0.07 27.36 -7.80
C HIS B 252 1.18 26.46 -7.26
N MET B 253 1.33 25.27 -7.87
CA MET B 253 2.21 24.25 -7.32
C MET B 253 3.66 24.70 -7.39
N LEU B 254 4.33 24.70 -6.25
CA LEU B 254 5.74 25.08 -6.17
C LEU B 254 6.67 23.90 -6.32
N HIS B 255 6.18 22.68 -6.14
CA HIS B 255 6.99 21.48 -6.29
C HIS B 255 6.20 20.44 -7.08
N SER B 256 6.93 19.58 -7.79
CA SER B 256 6.31 18.49 -8.52
C SER B 256 6.26 17.24 -7.66
N GLY B 257 5.24 16.42 -7.90
CA GLY B 257 5.09 15.17 -7.19
C GLY B 257 3.63 14.87 -6.97
N LEU B 258 3.38 13.83 -6.16
CA LEU B 258 2.02 13.40 -5.88
C LEU B 258 1.40 14.27 -4.79
N VAL B 259 0.17 14.73 -5.04
CA VAL B 259 -0.62 15.45 -4.06
C VAL B 259 -1.52 14.43 -3.38
N HIS B 260 -1.28 14.17 -2.11
CA HIS B 260 -2.04 13.16 -1.36
C HIS B 260 -3.24 13.74 -0.64
N GLY B 261 -3.40 15.06 -0.62
CA GLY B 261 -4.57 15.66 -0.01
C GLY B 261 -4.31 17.12 0.32
N LEU B 262 -5.20 17.66 1.15
CA LEU B 262 -5.14 19.05 1.60
C LEU B 262 -4.94 19.08 3.10
N ALA B 263 -4.08 19.99 3.56
CA ALA B 263 -3.84 20.20 4.98
C ALA B 263 -4.55 21.48 5.40
N PHE B 264 -5.14 21.46 6.60
CA PHE B 264 -5.91 22.58 7.13
C PHE B 264 -5.36 23.01 8.48
N TRP B 265 -5.26 24.32 8.66
CA TRP B 265 -5.04 24.93 9.98
C TRP B 265 -5.79 26.25 10.00
N PHE B 266 -5.78 26.93 11.15
CA PHE B 266 -6.54 28.16 11.26
C PHE B 266 -5.84 29.14 12.22
N ASP B 267 -6.02 30.42 11.94
CA ASP B 267 -5.65 31.50 12.82
C ASP B 267 -6.89 32.28 13.22
N VAL B 268 -6.89 32.81 14.45
CA VAL B 268 -7.89 33.78 14.87
C VAL B 268 -7.16 35.01 15.38
N ALA B 269 -7.79 36.17 15.22
CA ALA B 269 -7.22 37.44 15.64
C ALA B 269 -8.16 38.10 16.63
N PHE B 270 -7.60 38.59 17.74
CA PHE B 270 -8.34 39.39 18.71
C PHE B 270 -8.05 40.85 18.36
N ILE B 271 -8.95 41.47 17.59
CA ILE B 271 -8.75 42.82 17.09
C ILE B 271 -9.26 43.77 18.16
N GLY B 272 -8.38 44.16 19.07
CA GLY B 272 -8.73 45.08 20.14
C GLY B 272 -8.46 46.52 19.76
N SER B 273 -8.69 47.40 20.73
CA SER B 273 -8.49 48.83 20.51
C SER B 273 -7.03 49.21 20.63
N ILE B 274 -6.25 48.49 21.43
CA ILE B 274 -4.84 48.80 21.61
C ILE B 274 -3.97 48.06 20.61
N MET B 275 -4.29 46.81 20.32
CA MET B 275 -3.49 46.03 19.38
C MET B 275 -4.25 44.78 18.99
N THR B 276 -3.86 44.21 17.85
CA THR B 276 -4.37 42.93 17.40
C THR B 276 -3.43 41.83 17.88
N VAL B 277 -4.00 40.82 18.51
CA VAL B 277 -3.25 39.65 18.99
C VAL B 277 -3.72 38.44 18.19
N TRP B 278 -2.77 37.68 17.67
CA TRP B 278 -3.05 36.53 16.82
C TRP B 278 -2.79 35.24 17.59
N LEU B 279 -3.69 34.26 17.40
CA LEU B 279 -3.52 32.91 17.90
C LEU B 279 -3.50 31.98 16.69
N SER B 280 -2.36 31.36 16.44
CA SER B 280 -2.15 30.56 15.25
C SER B 280 -1.97 29.09 15.59
N THR B 281 -2.64 28.22 14.84
CA THR B 281 -2.44 26.78 14.90
C THR B 281 -1.67 26.26 13.68
N ALA B 282 -0.93 27.13 13.01
CA ALA B 282 -0.23 26.74 11.80
C ALA B 282 0.91 25.78 12.11
N PRO B 283 1.29 24.92 11.17
CA PRO B 283 2.41 24.02 11.41
C PRO B 283 3.76 24.73 11.53
N THR B 284 3.82 26.02 11.18
CA THR B 284 5.01 26.82 11.42
C THR B 284 5.08 27.37 12.84
N GLU B 285 4.10 27.05 13.68
CA GLU B 285 4.01 27.58 15.03
C GLU B 285 4.01 26.43 16.03
N PRO B 286 4.26 26.73 17.32
CA PRO B 286 4.23 25.66 18.33
C PRO B 286 2.89 24.94 18.32
N LEU B 287 2.94 23.64 18.64
CA LEU B 287 1.75 22.81 18.55
C LEU B 287 0.73 23.21 19.62
N THR B 288 -0.54 23.14 19.24
CA THR B 288 -1.66 23.42 20.13
C THR B 288 -2.56 22.19 20.22
N HIS B 289 -3.57 22.26 21.09
CA HIS B 289 -4.51 21.15 21.19
C HIS B 289 -5.47 21.09 20.01
N TRP B 290 -5.34 21.98 19.03
CA TRP B 290 -6.06 21.85 17.76
C TRP B 290 -5.25 21.10 16.71
N TYR B 291 -3.94 20.98 16.89
CA TYR B 291 -3.07 20.31 15.93
C TYR B 291 -3.31 20.93 14.55
N GLN B 292 -3.22 20.10 13.52
CA GLN B 292 -3.64 20.43 12.17
C GLN B 292 -4.42 19.25 11.63
N VAL B 293 -5.12 19.46 10.51
CA VAL B 293 -6.02 18.46 9.94
C VAL B 293 -5.69 18.26 8.47
N ARG B 294 -5.66 17.00 8.05
CA ARG B 294 -5.43 16.65 6.65
C ARG B 294 -6.55 15.76 6.15
N CYS B 295 -7.03 16.05 4.94
CA CYS B 295 -8.01 15.24 4.24
C CYS B 295 -7.29 14.51 3.11
N LEU B 296 -7.22 13.20 3.20
CA LEU B 296 -6.51 12.40 2.21
C LEU B 296 -7.39 12.17 0.98
N PHE B 297 -6.74 12.05 -0.17
CA PHE B 297 -7.41 11.64 -1.39
C PHE B 297 -7.29 10.13 -1.54
N GLN B 298 -8.41 9.47 -1.83
CA GLN B 298 -8.36 8.04 -2.12
C GLN B 298 -7.37 7.75 -3.24
N SER B 299 -7.27 8.65 -4.20
CA SER B 299 -6.33 8.53 -5.31
C SER B 299 -5.54 9.83 -5.40
N PRO B 300 -4.23 9.81 -5.16
CA PRO B 300 -3.46 11.05 -5.23
C PRO B 300 -3.39 11.60 -6.65
N LEU B 301 -3.29 12.92 -6.74
CA LEU B 301 -3.17 13.61 -8.02
C LEU B 301 -1.71 13.96 -8.26
N PHE B 302 -1.22 13.65 -9.46
CA PHE B 302 0.11 14.07 -9.86
C PHE B 302 0.03 15.48 -10.46
N ALA B 303 0.97 16.33 -10.04
CA ALA B 303 1.03 17.69 -10.54
C ALA B 303 2.49 18.08 -10.73
N LYS B 304 2.73 19.00 -11.67
CA LYS B 304 4.06 19.53 -11.91
C LYS B 304 4.16 20.93 -11.33
N ALA B 305 5.37 21.29 -10.89
CA ALA B 305 5.62 22.65 -10.44
C ALA B 305 5.19 23.64 -11.52
N GLY B 306 4.45 24.67 -11.12
CA GLY B 306 3.87 25.61 -12.06
C GLY B 306 2.45 25.28 -12.48
N ASP B 307 2.02 24.03 -12.31
CA ASP B 307 0.64 23.67 -12.60
C ASP B 307 -0.29 24.36 -11.62
N THR B 308 -1.58 24.31 -11.94
CA THR B 308 -2.62 24.87 -11.09
C THR B 308 -3.50 23.74 -10.57
N LEU B 309 -3.71 23.72 -9.25
CA LEU B 309 -4.63 22.81 -8.60
C LEU B 309 -5.81 23.63 -8.09
N SER B 310 -7.01 23.35 -8.61
CA SER B 310 -8.18 24.16 -8.30
C SER B 310 -9.35 23.27 -7.94
N GLY B 311 -10.29 23.85 -7.21
CA GLY B 311 -11.47 23.13 -6.77
C GLY B 311 -12.17 23.90 -5.68
N THR B 312 -12.98 23.18 -4.91
CA THR B 312 -13.71 23.78 -3.80
C THR B 312 -13.81 22.79 -2.65
N CYS B 313 -13.69 23.31 -1.43
CA CYS B 313 -13.95 22.55 -0.22
C CYS B 313 -15.28 23.04 0.34
N LEU B 314 -16.26 22.13 0.42
CA LEU B 314 -17.62 22.46 0.80
C LEU B 314 -17.96 21.74 2.10
N LEU B 315 -18.36 22.50 3.11
CA LEU B 315 -18.76 21.96 4.40
C LEU B 315 -20.25 22.14 4.57
N ILE B 316 -20.96 21.02 4.79
CA ILE B 316 -22.40 21.04 5.03
C ILE B 316 -22.64 20.60 6.46
N ALA B 317 -23.20 21.49 7.27
CA ALA B 317 -23.44 21.20 8.68
C ALA B 317 -24.50 20.11 8.82
N ASN B 318 -24.23 19.16 9.72
CA ASN B 318 -25.16 18.07 10.03
C ASN B 318 -25.61 18.19 11.48
N LYS B 319 -26.49 17.28 11.88
CA LYS B 319 -27.13 17.35 13.20
C LYS B 319 -26.20 16.90 14.32
N ARG B 320 -25.11 16.21 14.01
CA ARG B 320 -24.17 15.74 15.02
C ARG B 320 -23.13 16.80 15.40
N GLN B 321 -23.49 18.08 15.30
CA GLN B 321 -22.57 19.17 15.65
C GLN B 321 -21.27 19.09 14.87
N SER B 322 -21.34 18.64 13.63
CA SER B 322 -20.16 18.54 12.79
C SER B 322 -20.56 18.81 11.35
N TYR B 323 -19.63 18.55 10.42
CA TYR B 323 -19.80 18.87 9.02
C TYR B 323 -19.50 17.66 8.16
N ASP B 324 -20.33 17.45 7.15
CA ASP B 324 -20.01 16.54 6.05
C ASP B 324 -19.27 17.32 4.98
N ILE B 325 -18.04 16.92 4.70
CA ILE B 325 -17.13 17.68 3.86
C ILE B 325 -16.96 16.96 2.53
N SER B 326 -17.04 17.72 1.45
CA SER B 326 -16.69 17.23 0.11
C SER B 326 -15.56 18.09 -0.42
N ILE B 327 -14.49 17.44 -0.89
CA ILE B 327 -13.33 18.12 -1.45
C ILE B 327 -13.15 17.61 -2.87
N VAL B 328 -13.41 18.46 -3.84
CA VAL B 328 -13.16 18.16 -5.25
C VAL B 328 -11.98 19.00 -5.71
N ALA B 329 -10.92 18.34 -6.16
CA ALA B 329 -9.72 19.01 -6.61
C ALA B 329 -9.32 18.47 -7.97
N GLN B 330 -8.82 19.36 -8.82
CA GLN B 330 -8.40 18.95 -10.15
C GLN B 330 -7.13 19.69 -10.53
N VAL B 331 -6.26 18.99 -11.25
CA VAL B 331 -5.07 19.58 -11.85
C VAL B 331 -5.52 20.20 -13.17
N ASP B 332 -5.51 21.52 -13.24
CA ASP B 332 -6.07 22.20 -14.40
C ASP B 332 -5.40 21.75 -15.69
N GLN B 333 -4.06 21.64 -15.69
CA GLN B 333 -3.34 21.33 -16.92
C GLN B 333 -3.81 20.03 -17.57
N THR B 334 -4.08 18.99 -16.78
CA THR B 334 -4.39 17.66 -17.31
C THR B 334 -5.83 17.20 -17.15
N GLY B 335 -6.64 17.88 -16.35
CA GLY B 335 -7.97 17.35 -16.10
C GLY B 335 -8.04 16.23 -15.08
N SER B 336 -6.95 15.95 -14.36
CA SER B 336 -6.96 14.94 -13.31
C SER B 336 -7.78 15.46 -12.14
N LYS B 337 -8.91 14.83 -11.87
CA LYS B 337 -9.84 15.27 -10.84
C LYS B 337 -9.87 14.24 -9.72
N SER B 338 -10.04 14.74 -8.48
CA SER B 338 -10.16 13.88 -7.31
C SER B 338 -11.33 14.39 -6.48
N SER B 339 -12.29 13.51 -6.22
CA SER B 339 -13.48 13.84 -5.44
C SER B 339 -13.46 12.99 -4.17
N ASN B 340 -13.65 13.64 -3.03
CA ASN B 340 -13.46 12.98 -1.75
C ASN B 340 -14.50 13.47 -0.74
N LEU B 341 -14.97 12.56 0.09
CA LEU B 341 -15.87 12.87 1.19
C LEU B 341 -15.14 12.65 2.51
N LEU B 342 -15.45 13.48 3.51
CA LEU B 342 -14.86 13.33 4.82
C LEU B 342 -15.90 13.59 5.90
N ASP B 343 -15.89 12.73 6.91
CA ASP B 343 -16.79 12.85 8.05
C ASP B 343 -15.99 13.45 9.20
N LEU B 344 -16.15 14.75 9.42
CA LEU B 344 -15.36 15.44 10.43
C LEU B 344 -15.69 14.98 11.85
N LYS B 345 -16.58 14.00 12.02
CA LYS B 345 -16.94 13.47 13.31
C LYS B 345 -16.31 12.11 13.59
N ASN B 346 -15.40 11.65 12.73
CA ASN B 346 -14.69 10.39 12.93
C ASN B 346 -13.21 10.60 12.65
N PRO B 347 -12.56 11.53 13.36
CA PRO B 347 -11.16 11.82 13.08
C PRO B 347 -10.24 10.68 13.47
N PHE B 348 -9.10 10.62 12.79
CA PHE B 348 -8.04 9.67 13.12
C PHE B 348 -6.96 10.44 13.87
N PHE B 349 -6.83 10.18 15.17
CA PHE B 349 -5.81 10.81 15.98
C PHE B 349 -4.50 10.05 15.81
N ARG B 350 -3.57 10.67 15.08
CA ARG B 350 -2.31 10.03 14.72
C ARG B 350 -1.17 10.43 15.64
N TYR B 351 -1.22 11.65 16.18
CA TYR B 351 -0.18 12.16 17.07
C TYR B 351 0.38 11.09 18.00
N SER C 10 -0.81 -8.34 -44.11
CA SER C 10 0.18 -9.03 -44.94
C SER C 10 1.33 -8.11 -45.38
N VAL C 11 1.10 -6.80 -45.52
CA VAL C 11 2.25 -5.90 -45.65
C VAL C 11 3.13 -6.06 -44.42
N PHE C 12 2.53 -6.00 -43.25
CA PHE C 12 3.26 -6.23 -42.01
C PHE C 12 3.94 -7.60 -42.03
N SER C 13 3.21 -8.64 -42.41
CA SER C 13 3.76 -9.99 -42.39
C SER C 13 4.98 -10.10 -43.31
N GLU C 14 4.89 -9.52 -44.51
CA GLU C 14 5.96 -9.67 -45.48
C GLU C 14 7.25 -9.01 -45.04
N ARG C 15 7.19 -8.01 -44.15
CA ARG C 15 8.38 -7.29 -43.72
C ARG C 15 8.83 -7.65 -42.31
N THR C 16 8.22 -8.65 -41.68
CA THR C 16 8.54 -8.98 -40.29
C THR C 16 8.64 -10.49 -40.12
N GLU C 17 9.70 -10.92 -39.44
CA GLU C 17 9.81 -12.31 -39.02
C GLU C 17 8.74 -12.63 -37.98
N GLU C 18 8.24 -13.86 -38.02
CA GLU C 18 7.26 -14.29 -37.04
C GLU C 18 7.79 -14.14 -35.62
N SER C 19 9.01 -14.62 -35.38
CA SER C 19 9.53 -14.64 -34.01
C SER C 19 9.71 -13.23 -33.46
N SER C 20 10.02 -12.25 -34.31
CA SER C 20 10.15 -10.87 -33.83
C SER C 20 8.80 -10.26 -33.51
N ALA C 21 7.80 -10.53 -34.36
CA ALA C 21 6.47 -9.98 -34.11
C ALA C 21 5.85 -10.55 -32.84
N VAL C 22 6.07 -11.85 -32.58
CA VAL C 22 5.56 -12.46 -31.35
C VAL C 22 6.03 -11.67 -30.14
N GLN C 23 7.35 -11.61 -29.94
CA GLN C 23 7.89 -10.89 -28.79
C GLN C 23 7.41 -9.44 -28.78
N TYR C 24 7.51 -8.77 -29.92
CA TYR C 24 7.15 -7.36 -29.99
C TYR C 24 5.77 -7.10 -29.37
N PHE C 25 4.79 -7.92 -29.74
CA PHE C 25 3.44 -7.71 -29.22
C PHE C 25 3.27 -8.32 -27.83
N GLN C 26 4.02 -9.37 -27.50
CA GLN C 26 4.07 -9.83 -26.11
C GLN C 26 4.51 -8.70 -25.19
N PHE C 27 5.50 -7.91 -25.63
CA PHE C 27 6.05 -6.86 -24.79
C PHE C 27 5.04 -5.76 -24.52
N TYR C 28 4.24 -5.40 -25.53
CA TYR C 28 3.25 -4.34 -25.38
C TYR C 28 1.90 -4.84 -24.89
N GLY C 29 1.75 -6.14 -24.63
CA GLY C 29 0.53 -6.65 -24.03
C GLY C 29 0.46 -6.49 -22.53
N TYR C 30 1.54 -6.05 -21.89
CA TYR C 30 1.61 -5.92 -20.44
C TYR C 30 1.12 -4.55 -20.00
N LEU C 31 0.27 -4.53 -18.96
CA LEU C 31 -0.16 -3.26 -18.39
C LEU C 31 1.00 -2.54 -17.73
N SER C 32 1.96 -3.28 -17.18
CA SER C 32 3.14 -2.65 -16.60
C SER C 32 3.87 -1.80 -17.63
N GLN C 33 3.90 -2.25 -18.89
CA GLN C 33 4.52 -1.46 -19.94
C GLN C 33 3.67 -0.24 -20.28
N GLN C 34 2.36 -0.44 -20.45
CA GLN C 34 1.47 0.71 -20.63
C GLN C 34 1.64 1.73 -19.52
N GLN C 35 1.71 1.27 -18.28
CA GLN C 35 1.84 2.18 -17.15
C GLN C 35 3.14 2.97 -17.22
N ASN C 36 4.25 2.30 -17.57
CA ASN C 36 5.51 3.01 -17.73
C ASN C 36 5.39 4.14 -18.75
N MET C 37 4.72 3.87 -19.88
CA MET C 37 4.53 4.89 -20.89
C MET C 37 3.58 5.99 -20.41
N MET C 38 2.54 5.60 -19.68
CA MET C 38 1.58 6.58 -19.19
C MET C 38 2.18 7.49 -18.12
N GLN C 39 3.06 6.94 -17.28
CA GLN C 39 3.69 7.72 -16.22
C GLN C 39 4.82 8.62 -16.74
N ASP C 40 5.12 8.59 -18.03
CA ASP C 40 6.04 9.56 -18.63
C ASP C 40 5.25 10.84 -18.86
N TYR C 41 5.44 11.82 -17.97
CA TYR C 41 4.60 13.01 -18.01
C TYR C 41 4.83 13.82 -19.28
N VAL C 42 6.09 13.91 -19.74
CA VAL C 42 6.38 14.62 -20.98
C VAL C 42 5.61 13.98 -22.13
N ARG C 43 5.73 12.66 -22.27
CA ARG C 43 5.05 11.95 -23.35
C ARG C 43 3.54 12.14 -23.25
N THR C 44 2.97 11.88 -22.07
CA THR C 44 1.52 11.86 -21.94
C THR C 44 0.95 13.28 -21.96
N GLY C 45 1.56 14.19 -21.20
CA GLY C 45 1.06 15.56 -21.16
C GLY C 45 1.14 16.24 -22.51
N THR C 46 2.22 16.02 -23.26
CA THR C 46 2.38 16.69 -24.55
C THR C 46 1.36 16.19 -25.56
N TYR C 47 1.13 14.87 -25.61
CA TYR C 47 0.09 14.34 -26.49
C TYR C 47 -1.27 14.93 -26.13
N GLN C 48 -1.54 15.11 -24.84
CA GLN C 48 -2.81 15.69 -24.42
C GLN C 48 -2.93 17.14 -24.86
N ARG C 49 -1.88 17.94 -24.61
CA ARG C 49 -1.91 19.34 -25.01
C ARG C 49 -2.07 19.46 -26.52
N ALA C 50 -1.27 18.72 -27.29
CA ALA C 50 -1.39 18.78 -28.75
C ALA C 50 -2.82 18.55 -29.20
N ILE C 51 -3.49 17.56 -28.60
CA ILE C 51 -4.83 17.20 -29.01
C ILE C 51 -5.85 18.22 -28.51
N LEU C 52 -5.82 18.53 -27.21
CA LEU C 52 -6.82 19.43 -26.63
C LEU C 52 -6.65 20.85 -27.17
N GLN C 53 -5.42 21.35 -27.24
CA GLN C 53 -5.19 22.71 -27.69
C GLN C 53 -5.43 22.88 -29.19
N ASN C 54 -5.58 21.78 -29.94
CA ASN C 54 -5.99 21.85 -31.33
C ASN C 54 -7.37 21.20 -31.46
N HIS C 55 -8.31 21.66 -30.62
CA HIS C 55 -9.63 21.03 -30.54
C HIS C 55 -10.36 21.08 -31.88
N THR C 56 -10.15 22.13 -32.67
CA THR C 56 -10.83 22.25 -33.94
C THR C 56 -10.42 21.15 -34.93
N ASP C 57 -9.29 20.49 -34.70
CA ASP C 57 -8.89 19.37 -35.53
C ASP C 57 -9.56 18.06 -35.12
N PHE C 58 -10.37 18.07 -34.07
CA PHE C 58 -10.97 16.84 -33.56
C PHE C 58 -12.47 16.96 -33.38
N LYS C 59 -12.95 18.16 -33.07
CA LYS C 59 -14.37 18.38 -32.79
C LYS C 59 -15.23 17.86 -33.93
N ASP C 60 -16.04 16.84 -33.64
CA ASP C 60 -16.97 16.26 -34.60
C ASP C 60 -16.26 15.66 -35.80
N LYS C 61 -15.00 15.25 -35.62
CA LYS C 61 -14.20 14.65 -36.69
C LYS C 61 -14.11 13.14 -36.50
N ILE C 62 -13.69 12.47 -37.57
CA ILE C 62 -13.35 11.05 -37.51
C ILE C 62 -11.87 10.94 -37.19
N VAL C 63 -11.52 9.98 -36.35
CA VAL C 63 -10.14 9.82 -35.88
C VAL C 63 -9.74 8.36 -36.01
N LEU C 64 -8.50 8.13 -36.41
CA LEU C 64 -7.89 6.81 -36.42
C LEU C 64 -6.71 6.81 -35.46
N ASP C 65 -6.70 5.86 -34.53
CA ASP C 65 -5.64 5.72 -33.54
C ASP C 65 -4.88 4.44 -33.84
N VAL C 66 -3.68 4.58 -34.38
CA VAL C 66 -2.88 3.44 -34.80
C VAL C 66 -2.07 2.94 -33.61
N GLY C 67 -2.36 1.70 -33.18
CA GLY C 67 -1.67 1.14 -32.03
C GLY C 67 -2.01 1.86 -30.76
N CYS C 68 -3.28 1.78 -30.35
CA CYS C 68 -3.81 2.58 -29.26
C CYS C 68 -3.38 2.11 -27.89
N GLY C 69 -2.77 0.93 -27.77
CA GLY C 69 -2.41 0.43 -26.45
C GLY C 69 -3.62 0.38 -25.56
N SER C 70 -3.49 0.91 -24.35
CA SER C 70 -4.62 0.99 -23.43
C SER C 70 -5.71 1.95 -23.94
N GLY C 71 -5.39 2.80 -24.90
CA GLY C 71 -6.36 3.69 -25.49
C GLY C 71 -6.29 5.13 -25.02
N ILE C 72 -5.21 5.54 -24.37
CA ILE C 72 -5.16 6.86 -23.73
C ILE C 72 -5.30 7.97 -24.76
N LEU C 73 -4.71 7.79 -25.95
CA LEU C 73 -4.81 8.85 -26.95
C LEU C 73 -6.21 8.96 -27.53
N SER C 74 -6.96 7.86 -27.57
CA SER C 74 -8.34 7.92 -28.06
C SER C 74 -9.25 8.65 -27.07
N PHE C 75 -8.97 8.53 -25.76
CA PHE C 75 -9.74 9.29 -24.79
C PHE C 75 -9.44 10.78 -24.90
N PHE C 76 -8.18 11.13 -25.18
CA PHE C 76 -7.84 12.53 -25.43
C PHE C 76 -8.60 13.06 -26.66
N ALA C 77 -8.64 12.27 -27.73
CA ALA C 77 -9.42 12.67 -28.90
C ALA C 77 -10.90 12.77 -28.56
N ALA C 78 -11.39 11.91 -27.66
CA ALA C 78 -12.76 12.04 -27.19
C ALA C 78 -12.94 13.32 -26.37
N GLN C 79 -11.98 13.64 -25.49
CA GLN C 79 -12.04 14.87 -24.73
C GLN C 79 -12.12 16.09 -25.65
N ALA C 80 -11.52 16.00 -26.84
CA ALA C 80 -11.51 17.12 -27.78
C ALA C 80 -12.76 17.18 -28.66
N GLY C 81 -13.70 16.26 -28.47
CA GLY C 81 -14.96 16.30 -29.19
C GLY C 81 -15.04 15.45 -30.44
N ALA C 82 -14.14 14.48 -30.60
CA ALA C 82 -14.20 13.61 -31.77
C ALA C 82 -15.55 12.89 -31.84
N ARG C 83 -16.09 12.79 -33.04
CA ARG C 83 -17.39 12.16 -33.26
C ARG C 83 -17.28 10.64 -33.20
N LYS C 84 -16.26 10.08 -33.85
CA LYS C 84 -16.04 8.65 -33.87
C LYS C 84 -14.55 8.40 -33.99
N ILE C 85 -14.05 7.45 -33.21
CA ILE C 85 -12.63 7.12 -33.18
C ILE C 85 -12.48 5.61 -33.39
N TYR C 86 -11.68 5.23 -34.38
CA TYR C 86 -11.32 3.84 -34.60
C TYR C 86 -9.96 3.60 -33.97
N ALA C 87 -9.92 2.77 -32.94
CA ALA C 87 -8.70 2.50 -32.17
C ALA C 87 -8.22 1.10 -32.51
N VAL C 88 -7.08 1.03 -33.22
CA VAL C 88 -6.52 -0.22 -33.71
C VAL C 88 -5.34 -0.61 -32.84
N GLU C 89 -5.35 -1.86 -32.37
CA GLU C 89 -4.26 -2.38 -31.55
C GLU C 89 -4.09 -3.86 -31.86
N ALA C 90 -2.85 -4.27 -32.13
CA ALA C 90 -2.57 -5.64 -32.52
C ALA C 90 -2.26 -6.55 -31.34
N SER C 91 -1.77 -5.99 -30.23
CA SER C 91 -1.44 -6.81 -29.07
C SER C 91 -2.69 -7.16 -28.28
N THR C 92 -2.53 -8.02 -27.28
CA THR C 92 -3.63 -8.37 -26.41
C THR C 92 -4.13 -7.19 -25.58
N MET C 93 -3.38 -6.09 -25.54
CA MET C 93 -3.84 -4.90 -24.85
C MET C 93 -5.19 -4.41 -25.38
N ALA C 94 -5.55 -4.81 -26.61
CA ALA C 94 -6.83 -4.38 -27.17
C ALA C 94 -7.98 -4.70 -26.24
N GLN C 95 -7.93 -5.86 -25.57
CA GLN C 95 -9.01 -6.23 -24.68
C GLN C 95 -9.14 -5.26 -23.51
N HIS C 96 -8.00 -4.83 -22.96
CA HIS C 96 -8.04 -3.89 -21.84
C HIS C 96 -8.51 -2.51 -22.30
N ALA C 97 -8.11 -2.09 -23.49
CA ALA C 97 -8.64 -0.85 -24.05
C ALA C 97 -10.14 -0.93 -24.20
N GLU C 98 -10.66 -2.08 -24.62
CA GLU C 98 -12.11 -2.26 -24.71
C GLU C 98 -12.77 -2.05 -23.36
N VAL C 99 -12.16 -2.57 -22.29
CA VAL C 99 -12.72 -2.40 -20.95
C VAL C 99 -12.82 -0.93 -20.59
N LEU C 100 -11.76 -0.16 -20.87
CA LEU C 100 -11.78 1.26 -20.52
C LEU C 100 -12.81 2.02 -21.34
N VAL C 101 -12.96 1.66 -22.62
CA VAL C 101 -14.02 2.27 -23.42
C VAL C 101 -15.38 2.01 -22.79
N LYS C 102 -15.60 0.79 -22.31
CA LYS C 102 -16.88 0.45 -21.69
C LYS C 102 -17.06 1.15 -20.35
N SER C 103 -16.01 1.18 -19.53
CA SER C 103 -16.12 1.77 -18.20
C SER C 103 -16.16 3.30 -18.24
N ASN C 104 -15.65 3.91 -19.30
CA ASN C 104 -15.70 5.36 -19.45
C ASN C 104 -16.88 5.82 -20.29
N ASN C 105 -17.84 4.94 -20.54
CA ASN C 105 -19.11 5.32 -21.17
C ASN C 105 -18.90 5.99 -22.53
N LEU C 106 -18.00 5.43 -23.32
CA LEU C 106 -17.66 5.96 -24.63
C LEU C 106 -17.76 4.90 -25.72
N THR C 107 -18.60 3.88 -25.50
CA THR C 107 -18.78 2.84 -26.51
C THR C 107 -19.37 3.41 -27.79
N ASP C 108 -20.16 4.50 -27.68
CA ASP C 108 -20.75 5.11 -28.86
C ASP C 108 -19.73 5.92 -29.67
N ARG C 109 -18.62 6.34 -29.05
CA ARG C 109 -17.65 7.20 -29.72
C ARG C 109 -16.35 6.49 -30.07
N ILE C 110 -15.94 5.50 -29.29
CA ILE C 110 -14.69 4.78 -29.52
C ILE C 110 -15.02 3.34 -29.84
N VAL C 111 -14.44 2.83 -30.92
CA VAL C 111 -14.56 1.43 -31.29
C VAL C 111 -13.16 0.84 -31.34
N VAL C 112 -12.90 -0.15 -30.50
CA VAL C 112 -11.63 -0.85 -30.48
C VAL C 112 -11.66 -1.96 -31.52
N ILE C 113 -10.63 -2.03 -32.35
CA ILE C 113 -10.52 -3.04 -33.40
C ILE C 113 -9.24 -3.83 -33.14
N PRO C 114 -9.35 -5.05 -32.60
CA PRO C 114 -8.15 -5.86 -32.38
C PRO C 114 -7.57 -6.34 -33.70
N GLY C 115 -6.27 -6.15 -33.87
CA GLY C 115 -5.60 -6.55 -35.09
C GLY C 115 -4.58 -5.53 -35.54
N LYS C 116 -3.89 -5.84 -36.64
CA LYS C 116 -2.88 -4.94 -37.19
C LYS C 116 -3.51 -3.99 -38.20
N VAL C 117 -3.05 -2.75 -38.21
CA VAL C 117 -3.66 -1.73 -39.06
C VAL C 117 -3.52 -2.12 -40.53
N GLU C 118 -2.46 -2.86 -40.89
CA GLU C 118 -2.31 -3.35 -42.26
C GLU C 118 -3.36 -4.40 -42.63
N GLU C 119 -3.95 -5.10 -41.65
CA GLU C 119 -4.86 -6.20 -41.94
C GLU C 119 -6.32 -5.95 -41.56
N VAL C 120 -6.61 -5.04 -40.65
CA VAL C 120 -7.98 -4.86 -40.19
C VAL C 120 -8.79 -4.13 -41.24
N SER C 121 -10.10 -4.34 -41.19
CA SER C 121 -11.04 -3.65 -42.07
C SER C 121 -11.56 -2.41 -41.36
N LEU C 122 -11.28 -1.24 -41.93
CA LEU C 122 -11.84 0.00 -41.42
C LEU C 122 -13.00 0.45 -42.31
N PRO C 123 -14.13 0.86 -41.74
CA PRO C 123 -15.33 1.08 -42.55
C PRO C 123 -15.30 2.39 -43.36
N GLU C 124 -14.63 3.43 -42.87
CA GLU C 124 -14.69 4.73 -43.50
C GLU C 124 -13.35 5.43 -43.41
N GLN C 125 -13.22 6.49 -44.21
CA GLN C 125 -12.04 7.34 -44.18
C GLN C 125 -12.13 8.32 -43.03
N VAL C 126 -10.96 8.75 -42.54
CA VAL C 126 -10.89 9.54 -41.32
C VAL C 126 -10.32 10.92 -41.64
N ASP C 127 -10.60 11.87 -40.76
CA ASP C 127 -10.12 13.23 -40.90
C ASP C 127 -8.71 13.42 -40.36
N ILE C 128 -8.26 12.54 -39.46
CA ILE C 128 -6.97 12.71 -38.80
C ILE C 128 -6.56 11.38 -38.20
N ILE C 129 -5.25 11.09 -38.24
CA ILE C 129 -4.68 9.90 -37.63
C ILE C 129 -3.81 10.33 -36.47
N ILE C 130 -4.01 9.72 -35.31
CA ILE C 130 -3.15 9.91 -34.14
C ILE C 130 -2.43 8.60 -33.88
N SER C 131 -1.22 8.71 -33.33
CA SER C 131 -0.45 7.51 -33.01
C SER C 131 0.81 7.89 -32.25
N GLU C 132 1.42 6.88 -31.65
CA GLU C 132 2.74 7.00 -31.01
C GLU C 132 3.64 5.92 -31.59
N PRO C 133 4.15 6.12 -32.82
CA PRO C 133 4.95 5.07 -33.46
C PRO C 133 6.45 5.27 -33.35
N MET C 134 6.90 6.15 -32.46
CA MET C 134 8.32 6.43 -32.34
C MET C 134 9.01 5.41 -31.42
N GLY C 135 10.16 4.93 -31.86
CA GLY C 135 11.03 4.13 -31.01
C GLY C 135 12.37 4.82 -30.82
N TYR C 136 13.33 4.13 -30.21
CA TYR C 136 14.68 4.67 -30.12
C TYR C 136 15.14 5.16 -31.49
N MET C 137 15.91 6.24 -31.50
CA MET C 137 16.36 6.85 -32.76
C MET C 137 15.21 7.14 -33.69
N LEU C 138 14.00 7.32 -33.12
CA LEU C 138 12.78 7.55 -33.88
C LEU C 138 12.31 6.30 -34.61
N PHE C 139 13.20 5.66 -35.36
CA PHE C 139 12.79 4.65 -36.34
C PHE C 139 12.73 3.23 -35.77
N ASN C 140 13.44 2.94 -34.68
CA ASN C 140 13.46 1.59 -34.16
C ASN C 140 12.05 1.07 -33.95
N GLU C 141 11.88 -0.24 -34.13
CA GLU C 141 10.61 -0.97 -34.05
C GLU C 141 9.82 -0.85 -35.35
N ARG C 142 10.18 0.08 -36.25
CA ARG C 142 9.63 0.15 -37.59
C ARG C 142 8.12 0.37 -37.62
N MET C 143 7.54 0.95 -36.56
CA MET C 143 6.11 1.20 -36.57
C MET C 143 5.74 2.45 -37.35
N LEU C 144 6.70 3.33 -37.64
CA LEU C 144 6.40 4.48 -38.48
C LEU C 144 5.84 4.04 -39.83
N GLU C 145 6.18 2.83 -40.27
CA GLU C 145 5.65 2.32 -41.53
C GLU C 145 4.18 1.94 -41.39
N SER C 146 3.80 1.36 -40.24
CA SER C 146 2.39 1.13 -39.98
C SER C 146 1.64 2.45 -39.89
N TYR C 147 2.27 3.47 -39.29
CA TYR C 147 1.67 4.79 -39.22
C TYR C 147 1.42 5.35 -40.60
N LEU C 148 2.43 5.29 -41.47
CA LEU C 148 2.27 5.78 -42.83
C LEU C 148 1.37 4.87 -43.66
N HIS C 149 1.42 3.56 -43.42
CA HIS C 149 0.50 2.66 -44.09
C HIS C 149 -0.95 3.03 -43.84
N ALA C 150 -1.25 3.54 -42.64
CA ALA C 150 -2.62 3.88 -42.28
C ALA C 150 -3.19 5.04 -43.09
N LYS C 151 -2.37 5.76 -43.85
CA LYS C 151 -2.86 6.87 -44.65
C LYS C 151 -3.77 6.42 -45.79
N LYS C 152 -3.89 5.11 -46.03
CA LYS C 152 -4.88 4.62 -46.98
C LYS C 152 -6.29 4.86 -46.48
N TYR C 153 -6.46 5.10 -45.19
CA TYR C 153 -7.75 5.46 -44.62
C TYR C 153 -7.90 6.96 -44.38
N LEU C 154 -6.89 7.74 -44.72
CA LEU C 154 -6.91 9.18 -44.46
C LEU C 154 -7.51 9.92 -45.64
N LYS C 155 -8.51 10.76 -45.36
CA LYS C 155 -9.08 11.62 -46.39
C LYS C 155 -7.98 12.44 -47.04
N PRO C 156 -8.15 12.87 -48.29
CA PRO C 156 -7.24 13.88 -48.83
C PRO C 156 -7.48 15.20 -48.13
N SER C 157 -6.39 15.82 -47.67
CA SER C 157 -6.39 17.04 -46.86
C SER C 157 -6.49 16.70 -45.38
N GLY C 158 -6.51 15.43 -45.00
CA GLY C 158 -6.48 15.06 -43.60
C GLY C 158 -5.15 15.45 -42.96
N ASN C 159 -5.01 15.08 -41.69
CA ASN C 159 -3.85 15.47 -40.90
C ASN C 159 -3.31 14.29 -40.13
N MET C 160 -2.06 14.43 -39.67
CA MET C 160 -1.35 13.38 -38.95
C MET C 160 -0.80 13.96 -37.65
N PHE C 161 -1.10 13.30 -36.53
CA PHE C 161 -0.64 13.71 -35.21
C PHE C 161 0.16 12.57 -34.59
N PRO C 162 1.50 12.62 -34.61
CA PRO C 162 2.39 13.71 -35.05
C PRO C 162 2.41 13.93 -36.55
N THR C 163 2.75 15.14 -36.96
CA THR C 163 2.79 15.51 -38.37
C THR C 163 4.17 15.28 -38.99
N ILE C 164 5.24 15.59 -38.25
CA ILE C 164 6.60 15.43 -38.74
C ILE C 164 7.45 14.84 -37.63
N GLY C 165 8.57 14.26 -38.03
CA GLY C 165 9.56 13.77 -37.09
C GLY C 165 10.95 14.22 -37.49
N ASP C 166 11.67 14.84 -36.56
CA ASP C 166 13.04 15.29 -36.78
C ASP C 166 13.98 14.40 -35.97
N VAL C 167 14.85 13.68 -36.65
CA VAL C 167 15.93 12.95 -35.99
C VAL C 167 17.17 13.83 -36.02
N HIS C 168 17.85 13.93 -34.88
CA HIS C 168 19.02 14.78 -34.73
C HIS C 168 20.27 13.92 -34.54
N LEU C 169 21.34 14.30 -35.23
CA LEU C 169 22.64 13.65 -35.11
C LEU C 169 23.66 14.69 -34.68
N ALA C 170 24.55 14.30 -33.76
CA ALA C 170 25.63 15.18 -33.33
C ALA C 170 26.82 14.34 -32.92
N PRO C 171 28.05 14.79 -33.20
CA PRO C 171 29.23 14.06 -32.74
C PRO C 171 29.47 14.32 -31.26
N PHE C 172 29.94 13.29 -30.57
CA PHE C 172 30.20 13.38 -29.14
C PHE C 172 31.60 12.87 -28.83
N THR C 173 32.13 13.35 -27.70
CA THR C 173 33.37 12.85 -27.12
C THR C 173 33.06 12.26 -25.75
N ASP C 174 33.47 11.01 -25.54
CA ASP C 174 33.22 10.31 -24.28
C ASP C 174 34.33 9.27 -24.14
N GLU C 175 35.49 9.72 -23.67
CA GLU C 175 36.65 8.84 -23.57
C GLU C 175 36.34 7.63 -22.70
N GLN C 176 35.57 7.82 -21.63
CA GLN C 176 35.32 6.73 -20.69
C GLN C 176 34.38 5.69 -21.30
N LEU C 177 33.39 6.11 -22.07
CA LEU C 177 32.53 5.17 -22.76
C LEU C 177 33.32 4.35 -23.77
N TYR C 178 34.19 5.01 -24.55
CA TYR C 178 34.97 4.29 -25.55
C TYR C 178 35.89 3.27 -24.91
N MET C 179 36.59 3.66 -23.83
CA MET C 179 37.51 2.74 -23.18
C MET C 179 36.78 1.63 -22.44
N GLU C 180 35.55 1.90 -22.00
CA GLU C 180 34.75 0.87 -21.34
C GLU C 180 34.61 -0.37 -22.21
N GLN C 181 34.53 -0.20 -23.53
CA GLN C 181 34.35 -1.34 -24.42
C GLN C 181 35.52 -2.30 -24.34
N PHE C 182 36.74 -1.77 -24.26
CA PHE C 182 37.92 -2.63 -24.22
C PHE C 182 38.17 -3.20 -22.82
N THR C 183 37.80 -2.48 -21.78
CA THR C 183 37.90 -3.03 -20.43
C THR C 183 37.01 -4.26 -20.29
N LYS C 184 35.81 -4.22 -20.88
CA LYS C 184 34.93 -5.39 -20.83
C LYS C 184 35.45 -6.50 -21.71
N ALA C 185 35.91 -6.16 -22.92
CA ALA C 185 36.42 -7.18 -23.84
C ALA C 185 37.70 -7.82 -23.33
N ASN C 186 38.55 -7.04 -22.64
CA ASN C 186 39.81 -7.58 -22.15
C ASN C 186 39.64 -8.65 -21.10
N PHE C 187 38.41 -8.91 -20.63
CA PHE C 187 38.18 -10.09 -19.82
C PHE C 187 38.71 -11.33 -20.53
N TRP C 188 38.56 -11.38 -21.85
CA TRP C 188 38.99 -12.52 -22.63
C TRP C 188 40.50 -12.56 -22.82
N TYR C 189 41.19 -11.45 -22.59
CA TYR C 189 42.63 -11.39 -22.83
C TYR C 189 43.39 -11.78 -21.56
N GLN C 190 43.25 -13.06 -21.20
CA GLN C 190 44.04 -13.64 -20.13
C GLN C 190 44.42 -15.06 -20.52
N PRO C 191 45.68 -15.46 -20.29
CA PRO C 191 46.14 -16.77 -20.77
C PRO C 191 45.70 -17.94 -19.92
N SER C 192 45.18 -17.72 -18.71
CA SER C 192 44.83 -18.83 -17.83
C SER C 192 43.66 -18.42 -16.93
N PHE C 193 42.47 -18.36 -17.52
CA PHE C 193 41.24 -18.20 -16.76
C PHE C 193 40.83 -19.59 -16.27
N HIS C 194 41.06 -19.87 -14.99
CA HIS C 194 40.83 -21.20 -14.45
C HIS C 194 41.57 -22.24 -15.29
N GLY C 195 42.76 -21.87 -15.77
CA GLY C 195 43.57 -22.74 -16.58
C GLY C 195 43.29 -22.72 -18.06
N VAL C 196 42.46 -21.80 -18.53
CA VAL C 196 42.06 -21.72 -19.94
C VAL C 196 42.57 -20.43 -20.53
N ASP C 197 43.13 -20.52 -21.74
CA ASP C 197 43.59 -19.35 -22.49
C ASP C 197 42.40 -18.81 -23.29
N LEU C 198 41.87 -17.67 -22.86
CA LEU C 198 40.71 -17.06 -23.50
C LEU C 198 41.07 -16.05 -24.57
N SER C 199 42.35 -15.79 -24.79
CA SER C 199 42.76 -14.63 -25.58
C SER C 199 42.20 -14.64 -26.99
N ALA C 200 42.00 -15.83 -27.56
CA ALA C 200 41.62 -15.92 -28.97
C ALA C 200 40.27 -15.25 -29.26
N LEU C 201 39.45 -15.01 -28.23
CA LEU C 201 38.12 -14.45 -28.44
C LEU C 201 38.04 -12.96 -28.14
N ARG C 202 39.15 -12.31 -27.80
CA ARG C 202 39.10 -10.90 -27.45
C ARG C 202 38.64 -10.05 -28.63
N GLY C 203 39.16 -10.31 -29.82
CA GLY C 203 38.74 -9.57 -30.99
C GLY C 203 37.24 -9.71 -31.26
N ALA C 204 36.71 -10.92 -31.10
CA ALA C 204 35.29 -11.13 -31.32
C ALA C 204 34.45 -10.40 -30.27
N ALA C 205 34.95 -10.34 -29.03
CA ALA C 205 34.25 -9.62 -27.98
C ALA C 205 34.20 -8.12 -28.28
N VAL C 206 35.32 -7.55 -28.71
CA VAL C 206 35.34 -6.14 -29.09
C VAL C 206 34.32 -5.87 -30.19
N ASP C 207 34.36 -6.68 -31.26
CA ASP C 207 33.41 -6.52 -32.35
C ASP C 207 31.97 -6.57 -31.84
N GLU C 208 31.69 -7.49 -30.90
CA GLU C 208 30.34 -7.63 -30.39
C GLU C 208 29.87 -6.37 -29.67
N TYR C 209 30.74 -5.80 -28.83
CA TYR C 209 30.33 -4.61 -28.07
C TYR C 209 30.12 -3.41 -28.98
N PHE C 210 30.98 -3.23 -29.98
CA PHE C 210 30.89 -2.05 -30.83
C PHE C 210 29.69 -2.10 -31.78
N ARG C 211 29.08 -3.26 -31.98
CA ARG C 211 27.86 -3.35 -32.77
C ARG C 211 26.61 -2.91 -32.00
N GLN C 212 26.75 -2.58 -30.72
CA GLN C 212 25.60 -2.25 -29.89
C GLN C 212 25.47 -0.74 -29.75
N PRO C 213 24.40 -0.12 -30.26
CA PRO C 213 24.14 1.27 -29.89
C PRO C 213 23.87 1.38 -28.40
N VAL C 214 24.43 2.42 -27.78
CA VAL C 214 24.31 2.63 -26.35
C VAL C 214 23.06 3.47 -26.10
N VAL C 215 22.10 2.88 -25.38
CA VAL C 215 20.88 3.58 -24.99
C VAL C 215 21.06 4.07 -23.56
N ASP C 216 21.16 5.39 -23.40
CA ASP C 216 21.16 6.04 -22.10
C ASP C 216 21.12 7.54 -22.36
N THR C 217 21.34 8.33 -21.31
CA THR C 217 21.41 9.78 -21.44
C THR C 217 22.83 10.23 -21.10
N PHE C 218 23.08 11.53 -21.27
CA PHE C 218 24.42 12.06 -21.11
C PHE C 218 24.36 13.57 -20.95
N ASP C 219 25.44 14.12 -20.41
CA ASP C 219 25.57 15.57 -20.33
C ASP C 219 25.75 16.15 -21.72
N ILE C 220 25.04 17.25 -21.99
CA ILE C 220 25.13 17.89 -23.29
C ILE C 220 26.52 18.43 -23.58
N ARG C 221 27.40 18.47 -22.58
CA ARG C 221 28.76 18.97 -22.77
C ARG C 221 29.64 18.00 -23.55
N ILE C 222 29.18 16.78 -23.81
CA ILE C 222 29.95 15.87 -24.65
C ILE C 222 29.73 16.14 -26.13
N LEU C 223 28.69 16.87 -26.48
CA LEU C 223 28.39 17.18 -27.87
C LEU C 223 29.33 18.26 -28.38
N MET C 224 29.95 18.01 -29.54
CA MET C 224 31.00 18.87 -30.05
C MET C 224 30.57 19.72 -31.24
N ALA C 225 29.29 19.70 -31.59
CA ALA C 225 28.81 20.49 -32.72
C ALA C 225 27.30 20.52 -32.72
N LYS C 226 26.75 21.59 -33.27
CA LYS C 226 25.31 21.68 -33.48
C LYS C 226 24.84 20.46 -34.25
N SER C 227 23.74 19.87 -33.81
CA SER C 227 23.26 18.65 -34.42
C SER C 227 22.80 18.92 -35.85
N VAL C 228 22.78 17.85 -36.65
CA VAL C 228 22.20 17.88 -37.98
C VAL C 228 20.84 17.21 -37.93
N LYS C 229 19.88 17.76 -38.66
CA LYS C 229 18.49 17.37 -38.56
C LYS C 229 18.03 16.74 -39.87
N TYR C 230 17.47 15.53 -39.78
CA TYR C 230 16.85 14.86 -40.90
C TYR C 230 15.36 14.76 -40.61
N THR C 231 14.53 15.31 -41.49
CA THR C 231 13.10 15.47 -41.25
C THR C 231 12.31 14.47 -42.09
N VAL C 232 11.34 13.82 -41.45
CA VAL C 232 10.34 13.02 -42.13
C VAL C 232 9.01 13.74 -41.99
N ASN C 233 8.42 14.13 -43.11
CA ASN C 233 7.07 14.70 -43.11
C ASN C 233 6.08 13.55 -43.29
N PHE C 234 5.38 13.20 -42.20
CA PHE C 234 4.48 12.06 -42.23
C PHE C 234 3.29 12.27 -43.15
N LEU C 235 2.93 13.53 -43.44
CA LEU C 235 1.86 13.79 -44.39
C LEU C 235 2.29 13.47 -45.82
N GLU C 236 3.57 13.64 -46.13
CA GLU C 236 4.07 13.45 -47.49
C GLU C 236 4.72 12.09 -47.70
N ALA C 237 5.34 11.53 -46.66
CA ALA C 237 6.14 10.33 -46.83
C ALA C 237 5.29 9.11 -47.13
N LYS C 238 5.87 8.19 -47.91
CA LYS C 238 5.35 6.84 -48.07
C LYS C 238 6.13 5.90 -47.16
N GLU C 239 5.49 4.79 -46.78
CA GLU C 239 6.17 3.85 -45.88
C GLU C 239 7.42 3.25 -46.53
N GLY C 240 7.48 3.24 -47.87
CA GLY C 240 8.68 2.77 -48.53
C GLY C 240 9.88 3.66 -48.29
N ASP C 241 9.64 4.93 -47.99
CA ASP C 241 10.74 5.86 -47.73
C ASP C 241 11.53 5.50 -46.48
N LEU C 242 11.03 4.59 -45.65
CA LEU C 242 11.69 4.23 -44.40
C LEU C 242 12.43 2.91 -44.47
N HIS C 243 12.42 2.23 -45.62
CA HIS C 243 13.19 0.99 -45.76
C HIS C 243 14.68 1.28 -45.88
N ARG C 244 15.04 2.42 -46.46
CA ARG C 244 16.44 2.84 -46.58
C ARG C 244 16.48 4.34 -46.28
N ILE C 245 17.11 4.70 -45.18
CA ILE C 245 17.15 6.09 -44.71
C ILE C 245 18.61 6.52 -44.73
N GLU C 246 18.97 7.34 -45.72
CA GLU C 246 20.33 7.87 -45.83
C GLU C 246 20.34 9.27 -45.23
N ILE C 247 21.06 9.44 -44.13
CA ILE C 247 21.14 10.73 -43.45
C ILE C 247 22.52 11.32 -43.68
N PRO C 248 22.68 12.24 -44.64
CA PRO C 248 23.96 12.93 -44.77
C PRO C 248 24.18 13.86 -43.59
N PHE C 249 25.45 14.07 -43.25
CA PHE C 249 25.77 15.01 -42.19
C PHE C 249 27.08 15.72 -42.50
N LYS C 250 27.13 17.00 -42.19
CA LYS C 250 28.36 17.79 -42.21
C LYS C 250 28.34 18.67 -40.97
N PHE C 251 29.15 18.32 -39.98
CA PHE C 251 29.18 19.02 -38.71
C PHE C 251 30.26 20.09 -38.71
N HIS C 252 29.89 21.30 -38.32
CA HIS C 252 30.86 22.38 -38.13
C HIS C 252 31.32 22.30 -36.67
N MET C 253 32.51 21.75 -36.47
CA MET C 253 32.98 21.47 -35.13
C MET C 253 33.07 22.75 -34.30
N LEU C 254 32.38 22.76 -33.16
CA LEU C 254 32.44 23.87 -32.24
C LEU C 254 33.53 23.70 -31.19
N HIS C 255 33.97 22.46 -30.94
CA HIS C 255 34.98 22.17 -29.94
C HIS C 255 36.06 21.28 -30.55
N SER C 256 37.23 21.32 -29.94
CA SER C 256 38.38 20.53 -30.38
C SER C 256 38.57 19.33 -29.46
N GLY C 257 38.80 18.17 -30.06
CA GLY C 257 39.04 16.97 -29.29
C GLY C 257 38.75 15.74 -30.11
N LEU C 258 38.76 14.59 -29.43
CA LEU C 258 38.54 13.31 -30.07
C LEU C 258 37.04 13.03 -30.15
N VAL C 259 36.57 12.73 -31.37
CA VAL C 259 35.18 12.38 -31.61
C VAL C 259 35.07 10.86 -31.56
N HIS C 260 34.26 10.35 -30.62
CA HIS C 260 34.14 8.91 -30.42
C HIS C 260 32.91 8.30 -31.08
N GLY C 261 31.96 9.11 -31.52
CA GLY C 261 30.78 8.57 -32.17
C GLY C 261 29.75 9.63 -32.42
N LEU C 262 28.54 9.16 -32.75
CA LEU C 262 27.41 10.03 -33.06
C LEU C 262 26.30 9.79 -32.04
N ALA C 263 25.73 10.88 -31.54
CA ALA C 263 24.58 10.82 -30.64
C ALA C 263 23.31 11.07 -31.43
N PHE C 264 22.23 10.41 -31.00
CA PHE C 264 20.95 10.50 -31.69
C PHE C 264 19.85 10.82 -30.70
N TRP C 265 18.96 11.73 -31.12
CA TRP C 265 17.68 11.93 -30.45
C TRP C 265 16.68 12.36 -31.53
N PHE C 266 15.46 12.68 -31.11
CA PHE C 266 14.45 13.10 -32.09
C PHE C 266 13.41 13.98 -31.45
N ASP C 267 12.76 14.77 -32.31
CA ASP C 267 11.57 15.52 -31.96
C ASP C 267 10.43 15.10 -32.90
N VAL C 268 9.21 15.31 -32.45
CA VAL C 268 8.04 15.23 -33.31
C VAL C 268 7.19 16.47 -33.05
N ALA C 269 6.50 16.92 -34.09
CA ALA C 269 5.64 18.08 -33.99
C ALA C 269 4.21 17.70 -34.35
N PHE C 270 3.26 18.27 -33.61
CA PHE C 270 1.84 18.11 -33.88
C PHE C 270 1.37 19.42 -34.48
N ILE C 271 1.28 19.47 -35.81
CA ILE C 271 0.99 20.71 -36.53
C ILE C 271 -0.53 20.77 -36.70
N GLY C 272 -1.19 21.42 -35.72
CA GLY C 272 -2.62 21.56 -35.75
C GLY C 272 -3.06 22.90 -36.33
N SER C 273 -4.38 23.02 -36.54
CA SER C 273 -4.93 24.24 -37.12
C SER C 273 -4.74 25.45 -36.22
N ILE C 274 -4.68 25.23 -34.90
CA ILE C 274 -4.54 26.33 -33.96
C ILE C 274 -3.08 26.60 -33.62
N MET C 275 -2.28 25.56 -33.39
CA MET C 275 -0.91 25.75 -32.98
C MET C 275 -0.12 24.48 -33.27
N THR C 276 1.20 24.60 -33.15
CA THR C 276 2.12 23.48 -33.28
C THR C 276 2.71 23.17 -31.91
N VAL C 277 2.59 21.91 -31.49
CA VAL C 277 3.14 21.44 -30.23
C VAL C 277 4.28 20.47 -30.54
N TRP C 278 5.38 20.61 -29.79
CA TRP C 278 6.58 19.81 -30.01
C TRP C 278 6.80 18.87 -28.84
N LEU C 279 7.12 17.61 -29.15
CA LEU C 279 7.57 16.64 -28.17
C LEU C 279 9.03 16.32 -28.47
N SER C 280 9.93 16.68 -27.56
CA SER C 280 11.35 16.55 -27.78
C SER C 280 11.96 15.54 -26.82
N THR C 281 12.83 14.68 -27.36
CA THR C 281 13.63 13.76 -26.55
C THR C 281 15.09 14.19 -26.50
N ALA C 282 15.35 15.47 -26.72
CA ALA C 282 16.72 15.96 -26.77
C ALA C 282 17.37 15.90 -25.40
N PRO C 283 18.71 15.80 -25.33
CA PRO C 283 19.37 15.80 -24.03
C PRO C 283 19.28 17.12 -23.29
N THR C 284 18.84 18.19 -23.95
CA THR C 284 18.57 19.46 -23.30
C THR C 284 17.21 19.49 -22.62
N GLU C 285 16.41 18.44 -22.77
CA GLU C 285 15.07 18.36 -22.23
C GLU C 285 14.96 17.24 -21.21
N PRO C 286 13.93 17.26 -20.37
CA PRO C 286 13.77 16.16 -19.39
C PRO C 286 13.78 14.80 -20.07
N LEU C 287 14.40 13.83 -19.40
CA LEU C 287 14.56 12.45 -19.94
C LEU C 287 13.19 11.82 -20.23
N THR C 288 13.08 11.03 -21.29
CA THR C 288 11.84 10.28 -21.65
C THR C 288 12.19 8.80 -21.70
N HIS C 289 11.20 7.92 -21.89
CA HIS C 289 11.43 6.44 -22.06
C HIS C 289 12.11 6.16 -23.41
N TRP C 290 12.32 7.15 -24.29
CA TRP C 290 13.11 7.03 -25.55
C TRP C 290 14.60 7.23 -25.21
N TYR C 291 14.91 7.93 -24.11
CA TYR C 291 16.31 8.23 -23.69
C TYR C 291 17.01 8.87 -24.90
N GLN C 292 18.31 8.67 -25.09
CA GLN C 292 19.03 9.00 -26.31
C GLN C 292 19.85 7.78 -26.72
N VAL C 293 20.44 7.86 -27.91
CA VAL C 293 21.16 6.74 -28.49
C VAL C 293 22.51 7.23 -29.00
N ARG C 294 23.56 6.46 -28.72
CA ARG C 294 24.91 6.78 -29.17
C ARG C 294 25.50 5.59 -29.88
N CYS C 295 26.09 5.83 -31.05
CA CYS C 295 26.81 4.82 -31.82
C CYS C 295 28.27 5.25 -31.88
N LEU C 296 29.16 4.37 -31.42
CA LEU C 296 30.58 4.67 -31.42
C LEU C 296 31.19 4.43 -32.81
N PHE C 297 32.18 5.24 -33.15
CA PHE C 297 33.11 4.88 -34.21
C PHE C 297 34.03 3.77 -33.71
N GLN C 298 34.53 2.96 -34.65
CA GLN C 298 35.51 1.95 -34.28
C GLN C 298 36.80 2.59 -33.79
N SER C 299 37.13 3.77 -34.31
CA SER C 299 38.30 4.53 -33.88
C SER C 299 37.89 5.99 -33.78
N PRO C 300 38.46 6.73 -32.82
CA PRO C 300 38.13 8.15 -32.71
C PRO C 300 38.80 8.98 -33.79
N LEU C 301 38.21 10.14 -34.05
CA LEU C 301 38.72 11.09 -35.03
C LEU C 301 39.00 12.40 -34.32
N PHE C 302 40.26 12.84 -34.36
CA PHE C 302 40.58 14.16 -33.83
C PHE C 302 40.04 15.24 -34.77
N ALA C 303 39.34 16.22 -34.19
CA ALA C 303 38.79 17.31 -34.95
C ALA C 303 39.01 18.61 -34.19
N LYS C 304 39.50 19.63 -34.89
CA LYS C 304 39.66 20.95 -34.32
C LYS C 304 38.35 21.73 -34.45
N ALA C 305 38.12 22.63 -33.51
CA ALA C 305 37.02 23.57 -33.65
C ALA C 305 37.20 24.38 -34.92
N GLY C 306 36.16 24.39 -35.76
CA GLY C 306 36.23 24.98 -37.09
C GLY C 306 36.34 23.95 -38.19
N ASP C 307 36.93 22.80 -37.92
CA ASP C 307 36.93 21.71 -38.88
C ASP C 307 35.50 21.28 -39.20
N THR C 308 35.37 20.48 -40.25
CA THR C 308 34.10 19.91 -40.64
C THR C 308 34.21 18.39 -40.64
N LEU C 309 33.30 17.74 -39.90
CA LEU C 309 33.19 16.29 -39.90
C LEU C 309 31.99 15.92 -40.75
N SER C 310 32.22 15.18 -41.84
CA SER C 310 31.18 14.86 -42.78
C SER C 310 31.12 13.35 -43.02
N GLY C 311 29.96 12.90 -43.49
CA GLY C 311 29.76 11.50 -43.77
C GLY C 311 28.28 11.21 -43.95
N THR C 312 27.92 9.95 -43.78
CA THR C 312 26.54 9.53 -43.90
C THR C 312 26.22 8.49 -42.83
N CYS C 313 24.98 8.54 -42.35
CA CYS C 313 24.41 7.50 -41.52
C CYS C 313 23.31 6.82 -42.35
N LEU C 314 23.54 5.58 -42.72
CA LEU C 314 22.61 4.83 -43.57
C LEU C 314 21.90 3.79 -42.72
N LEU C 315 20.59 3.95 -42.57
CA LEU C 315 19.75 3.02 -41.82
C LEU C 315 19.07 2.09 -42.81
N ILE C 316 19.37 0.80 -42.72
CA ILE C 316 18.82 -0.20 -43.62
C ILE C 316 17.87 -1.07 -42.80
N ALA C 317 16.57 -0.97 -43.10
CA ALA C 317 15.57 -1.73 -42.36
C ALA C 317 15.80 -3.22 -42.55
N ASN C 318 15.52 -3.98 -41.50
CA ASN C 318 15.61 -5.44 -41.54
C ASN C 318 14.31 -6.03 -41.00
N LYS C 319 14.16 -7.34 -41.18
CA LYS C 319 12.92 -8.01 -40.84
C LYS C 319 12.76 -8.27 -39.35
N ARG C 320 13.72 -7.85 -38.52
CA ARG C 320 13.59 -7.91 -37.06
C ARG C 320 12.98 -6.65 -36.47
N GLN C 321 12.19 -5.91 -37.25
CA GLN C 321 11.56 -4.68 -36.78
C GLN C 321 12.60 -3.70 -36.25
N SER C 322 13.75 -3.62 -36.93
CA SER C 322 14.81 -2.72 -36.50
C SER C 322 15.64 -2.37 -37.73
N TYR C 323 16.86 -1.88 -37.49
CA TYR C 323 17.70 -1.38 -38.56
C TYR C 323 19.14 -1.82 -38.34
N ASP C 324 19.82 -2.03 -39.46
CA ASP C 324 21.28 -2.12 -39.48
C ASP C 324 21.82 -0.72 -39.77
N ILE C 325 22.73 -0.25 -38.93
CA ILE C 325 23.21 1.12 -38.99
C ILE C 325 24.63 1.12 -39.54
N SER C 326 24.83 1.80 -40.66
CA SER C 326 26.15 2.02 -41.24
C SER C 326 26.48 3.49 -41.11
N ILE C 327 27.56 3.79 -40.38
CA ILE C 327 28.03 5.15 -40.18
C ILE C 327 29.41 5.26 -40.78
N VAL C 328 29.59 6.22 -41.69
CA VAL C 328 30.88 6.57 -42.24
C VAL C 328 31.13 8.05 -41.93
N ALA C 329 32.35 8.36 -41.51
CA ALA C 329 32.67 9.72 -41.11
C ALA C 329 34.13 10.00 -41.40
N GLN C 330 34.42 11.27 -41.68
CA GLN C 330 35.80 11.70 -41.90
C GLN C 330 35.90 13.19 -41.59
N VAL C 331 37.06 13.59 -41.09
CA VAL C 331 37.38 15.00 -40.88
C VAL C 331 37.95 15.53 -42.20
N ASP C 332 37.20 16.41 -42.85
CA ASP C 332 37.56 16.83 -44.20
C ASP C 332 38.94 17.46 -44.23
N GLN C 333 39.27 18.29 -43.23
CA GLN C 333 40.53 19.03 -43.27
C GLN C 333 41.75 18.14 -43.09
N THR C 334 41.58 16.91 -42.62
CA THR C 334 42.70 16.00 -42.40
C THR C 334 42.59 14.68 -43.15
N GLY C 335 41.40 14.31 -43.63
CA GLY C 335 41.21 13.05 -44.30
C GLY C 335 41.06 11.86 -43.37
N SER C 336 41.33 12.02 -42.08
CA SER C 336 41.15 10.92 -41.13
C SER C 336 39.73 10.37 -41.20
N LYS C 337 39.62 9.05 -41.29
CA LYS C 337 38.35 8.38 -41.54
C LYS C 337 38.06 7.35 -40.46
N SER C 338 36.78 7.11 -40.23
CA SER C 338 36.33 6.01 -39.39
C SER C 338 34.92 5.64 -39.81
N SER C 339 34.41 4.58 -39.20
CA SER C 339 33.09 4.06 -39.52
C SER C 339 32.66 3.10 -38.42
N ASN C 340 31.46 2.54 -38.57
CA ASN C 340 31.03 1.43 -37.76
C ASN C 340 29.72 0.88 -38.31
N LEU C 341 29.47 -0.38 -38.00
CA LEU C 341 28.26 -1.07 -38.42
C LEU C 341 27.59 -1.63 -37.18
N LEU C 342 26.40 -1.13 -36.87
CA LEU C 342 25.72 -1.47 -35.62
C LEU C 342 24.36 -2.11 -35.90
N ASP C 343 23.90 -2.88 -34.93
CA ASP C 343 22.61 -3.57 -35.00
C ASP C 343 21.68 -2.94 -33.98
N LEU C 344 20.72 -2.16 -34.46
CA LEU C 344 19.83 -1.43 -33.55
C LEU C 344 18.87 -2.35 -32.81
N LYS C 345 18.75 -3.61 -33.20
CA LYS C 345 17.84 -4.52 -32.50
C LYS C 345 18.43 -5.04 -31.20
N ASN C 346 19.75 -4.94 -31.00
CA ASN C 346 20.42 -5.43 -29.80
C ASN C 346 21.19 -4.29 -29.15
N PRO C 347 20.50 -3.29 -28.61
CA PRO C 347 21.19 -2.18 -27.96
C PRO C 347 21.66 -2.55 -26.56
N PHE C 348 22.61 -1.76 -26.06
CA PHE C 348 23.10 -1.91 -24.70
C PHE C 348 22.47 -0.83 -23.83
N PHE C 349 21.63 -1.25 -22.88
CA PHE C 349 20.98 -0.33 -21.96
C PHE C 349 21.99 0.01 -20.85
N ARG C 350 22.60 1.19 -20.98
CA ARG C 350 23.66 1.62 -20.08
C ARG C 350 23.18 2.59 -19.00
N TYR C 351 21.97 3.11 -19.14
CA TYR C 351 21.49 4.17 -18.26
C TYR C 351 21.62 3.78 -16.78
N THR C 352 22.04 4.74 -15.97
CA THR C 352 22.19 4.55 -14.54
C THR C 352 21.44 5.63 -13.76
N SER D 10 11.83 -33.63 -33.69
CA SER D 10 12.77 -33.45 -32.59
C SER D 10 12.05 -33.20 -31.27
N VAL D 11 12.56 -33.80 -30.19
CA VAL D 11 11.96 -33.63 -28.88
C VAL D 11 11.95 -32.16 -28.48
N PHE D 12 13.08 -31.47 -28.69
CA PHE D 12 13.16 -30.05 -28.34
C PHE D 12 12.14 -29.25 -29.13
N SER D 13 12.13 -29.40 -30.46
CA SER D 13 11.26 -28.59 -31.30
C SER D 13 9.80 -28.76 -30.92
N GLU D 14 9.39 -29.98 -30.57
CA GLU D 14 7.99 -30.24 -30.31
C GLU D 14 7.53 -29.72 -28.95
N ARG D 15 8.46 -29.41 -28.04
CA ARG D 15 8.10 -28.83 -26.75
C ARG D 15 8.41 -27.33 -26.67
N THR D 16 8.78 -26.71 -27.77
CA THR D 16 9.25 -25.33 -27.75
C THR D 16 8.67 -24.53 -28.91
N GLU D 17 8.10 -23.37 -28.62
CA GLU D 17 7.73 -22.46 -29.70
C GLU D 17 9.00 -21.95 -30.36
N GLU D 18 8.99 -21.94 -31.70
CA GLU D 18 10.17 -21.46 -32.42
C GLU D 18 10.57 -20.08 -31.91
N SER D 19 9.60 -19.18 -31.81
CA SER D 19 9.81 -17.84 -31.28
C SER D 19 10.67 -17.83 -30.02
N SER D 20 10.32 -18.68 -29.05
CA SER D 20 11.08 -18.75 -27.81
C SER D 20 12.50 -19.28 -28.06
N ALA D 21 12.62 -20.34 -28.86
CA ALA D 21 13.92 -20.93 -29.11
C ALA D 21 14.85 -19.93 -29.81
N VAL D 22 14.33 -19.15 -30.75
CA VAL D 22 15.14 -18.13 -31.42
C VAL D 22 15.81 -17.24 -30.39
N GLN D 23 15.01 -16.52 -29.61
CA GLN D 23 15.55 -15.62 -28.60
C GLN D 23 16.45 -16.37 -27.62
N TYR D 24 16.01 -17.55 -27.20
CA TYR D 24 16.76 -18.31 -26.20
C TYR D 24 18.20 -18.53 -26.64
N PHE D 25 18.38 -19.12 -27.83
CA PHE D 25 19.73 -19.39 -28.31
C PHE D 25 20.42 -18.12 -28.78
N GLN D 26 19.66 -17.16 -29.30
CA GLN D 26 20.23 -15.85 -29.59
C GLN D 26 20.81 -15.22 -28.32
N PHE D 27 20.14 -15.44 -27.17
CA PHE D 27 20.59 -14.84 -25.92
C PHE D 27 21.94 -15.42 -25.48
N TYR D 28 22.06 -16.75 -25.53
CA TYR D 28 23.29 -17.40 -25.09
C TYR D 28 24.37 -17.41 -26.17
N GLY D 29 24.12 -16.83 -27.34
CA GLY D 29 25.14 -16.71 -28.35
C GLY D 29 26.04 -15.50 -28.21
N TYR D 30 25.80 -14.65 -27.21
CA TYR D 30 26.59 -13.44 -27.01
C TYR D 30 27.74 -13.70 -26.06
N LEU D 31 28.94 -13.28 -26.47
CA LEU D 31 30.11 -13.43 -25.62
C LEU D 31 29.94 -12.70 -24.28
N SER D 32 29.24 -11.56 -24.29
CA SER D 32 29.02 -10.83 -23.05
C SER D 32 28.26 -11.67 -22.04
N GLN D 33 27.24 -12.41 -22.50
CA GLN D 33 26.53 -13.31 -21.59
C GLN D 33 27.45 -14.42 -21.10
N GLN D 34 28.28 -14.97 -21.99
CA GLN D 34 29.24 -15.99 -21.56
C GLN D 34 30.19 -15.42 -20.52
N GLN D 35 30.68 -14.19 -20.73
CA GLN D 35 31.53 -13.56 -19.74
C GLN D 35 30.80 -13.41 -18.42
N ASN D 36 29.54 -12.95 -18.47
CA ASN D 36 28.77 -12.75 -17.24
C ASN D 36 28.67 -14.03 -16.42
N MET D 37 28.46 -15.17 -17.10
CA MET D 37 28.36 -16.44 -16.38
C MET D 37 29.72 -16.89 -15.86
N MET D 38 30.77 -16.67 -16.65
CA MET D 38 32.10 -17.10 -16.24
C MET D 38 32.63 -16.28 -15.07
N GLN D 39 32.29 -14.99 -15.00
CA GLN D 39 32.77 -14.15 -13.91
C GLN D 39 32.07 -14.46 -12.59
N ASP D 40 31.03 -15.29 -12.58
CA ASP D 40 30.47 -15.79 -11.34
C ASP D 40 31.43 -16.79 -10.74
N TYR D 41 32.32 -16.34 -9.84
CA TYR D 41 33.40 -17.18 -9.39
C TYR D 41 32.89 -18.38 -8.61
N VAL D 42 31.82 -18.20 -7.82
CA VAL D 42 31.24 -19.33 -7.09
C VAL D 42 30.83 -20.43 -8.06
N ARG D 43 30.13 -20.05 -9.13
CA ARG D 43 29.72 -21.02 -10.14
C ARG D 43 30.93 -21.69 -10.78
N THR D 44 31.79 -20.88 -11.41
CA THR D 44 32.89 -21.44 -12.19
C THR D 44 33.88 -22.19 -11.29
N GLY D 45 34.21 -21.60 -10.13
CA GLY D 45 35.15 -22.25 -9.24
C GLY D 45 34.61 -23.53 -8.63
N THR D 46 33.30 -23.57 -8.35
CA THR D 46 32.71 -24.79 -7.80
C THR D 46 32.66 -25.89 -8.84
N TYR D 47 32.26 -25.57 -10.07
CA TYR D 47 32.27 -26.56 -11.14
C TYR D 47 33.68 -27.11 -11.34
N GLN D 48 34.70 -26.25 -11.28
CA GLN D 48 36.07 -26.72 -11.43
C GLN D 48 36.48 -27.62 -10.26
N ARG D 49 36.13 -27.22 -9.03
CA ARG D 49 36.42 -28.06 -7.87
C ARG D 49 35.78 -29.44 -8.03
N ALA D 50 34.47 -29.47 -8.29
CA ALA D 50 33.76 -30.73 -8.45
C ALA D 50 34.47 -31.63 -9.44
N ILE D 51 34.94 -31.06 -10.53
CA ILE D 51 35.52 -31.86 -11.59
C ILE D 51 36.94 -32.28 -11.25
N LEU D 52 37.80 -31.33 -10.88
CA LEU D 52 39.19 -31.66 -10.60
C LEU D 52 39.33 -32.51 -9.35
N GLN D 53 38.56 -32.24 -8.30
CA GLN D 53 38.65 -33.06 -7.10
C GLN D 53 38.18 -34.49 -7.35
N ASN D 54 37.26 -34.67 -8.29
CA ASN D 54 36.85 -36.02 -8.71
C ASN D 54 37.49 -36.39 -10.05
N HIS D 55 38.80 -36.20 -10.15
CA HIS D 55 39.51 -36.42 -11.40
C HIS D 55 39.42 -37.87 -11.85
N THR D 56 39.31 -38.81 -10.90
CA THR D 56 39.21 -40.22 -11.28
C THR D 56 37.92 -40.52 -12.02
N ASP D 57 36.87 -39.72 -11.82
CA ASP D 57 35.64 -39.89 -12.59
C ASP D 57 35.78 -39.38 -14.03
N PHE D 58 36.91 -38.75 -14.36
CA PHE D 58 37.16 -38.25 -15.70
C PHE D 58 38.39 -38.85 -16.36
N LYS D 59 39.37 -39.32 -15.59
CA LYS D 59 40.62 -39.80 -16.16
C LYS D 59 40.37 -40.88 -17.21
N ASP D 60 40.83 -40.59 -18.44
CA ASP D 60 40.69 -41.54 -19.55
C ASP D 60 39.25 -41.92 -19.81
N LYS D 61 38.31 -41.03 -19.50
CA LYS D 61 36.89 -41.27 -19.70
C LYS D 61 36.37 -40.51 -20.91
N ILE D 62 35.24 -40.98 -21.43
CA ILE D 62 34.51 -40.29 -22.48
C ILE D 62 33.46 -39.40 -21.82
N VAL D 63 33.38 -38.15 -22.27
CA VAL D 63 32.57 -37.14 -21.60
C VAL D 63 31.63 -36.49 -22.59
N LEU D 64 30.42 -36.18 -22.13
CA LEU D 64 29.46 -35.38 -22.89
C LEU D 64 29.18 -34.09 -22.13
N ASP D 65 29.35 -32.95 -22.79
CA ASP D 65 29.06 -31.64 -22.23
C ASP D 65 27.84 -31.09 -22.94
N VAL D 66 26.70 -31.09 -22.25
CA VAL D 66 25.43 -30.66 -22.83
C VAL D 66 25.31 -29.15 -22.67
N GLY D 67 25.26 -28.44 -23.79
CA GLY D 67 25.17 -26.99 -23.77
C GLY D 67 26.44 -26.36 -23.24
N CYS D 68 27.54 -26.54 -23.97
CA CYS D 68 28.87 -26.20 -23.47
C CYS D 68 29.17 -24.71 -23.51
N GLY D 69 28.37 -23.92 -24.21
CA GLY D 69 28.67 -22.50 -24.33
C GLY D 69 30.06 -22.30 -24.88
N SER D 70 30.88 -21.54 -24.16
CA SER D 70 32.25 -21.29 -24.58
C SER D 70 33.15 -22.50 -24.35
N GLY D 71 32.67 -23.52 -23.65
CA GLY D 71 33.40 -24.75 -23.46
C GLY D 71 34.15 -24.87 -22.14
N ILE D 72 33.90 -23.97 -21.19
CA ILE D 72 34.72 -23.93 -19.97
C ILE D 72 34.67 -25.27 -19.25
N LEU D 73 33.51 -25.92 -19.21
CA LEU D 73 33.39 -27.18 -18.49
C LEU D 73 34.16 -28.29 -19.20
N SER D 74 34.17 -28.29 -20.53
CA SER D 74 34.94 -29.28 -21.26
C SER D 74 36.44 -29.12 -20.99
N PHE D 75 36.92 -27.89 -20.88
CA PHE D 75 38.31 -27.67 -20.54
C PHE D 75 38.62 -28.21 -19.14
N PHE D 76 37.70 -28.05 -18.20
CA PHE D 76 37.87 -28.67 -16.88
C PHE D 76 37.95 -30.18 -17.00
N ALA D 77 37.08 -30.79 -17.80
CA ALA D 77 37.15 -32.23 -18.02
C ALA D 77 38.50 -32.61 -18.62
N ALA D 78 39.00 -31.79 -19.55
CA ALA D 78 40.32 -32.05 -20.12
C ALA D 78 41.41 -31.96 -19.05
N GLN D 79 41.35 -30.92 -18.21
CA GLN D 79 42.33 -30.77 -17.15
C GLN D 79 42.35 -31.97 -16.22
N ALA D 80 41.21 -32.65 -16.07
CA ALA D 80 41.07 -33.78 -15.17
C ALA D 80 41.44 -35.11 -15.83
N GLY D 81 41.81 -35.10 -17.11
CA GLY D 81 42.33 -36.28 -17.77
C GLY D 81 41.39 -36.99 -18.72
N ALA D 82 40.28 -36.37 -19.09
CA ALA D 82 39.33 -37.03 -20.00
C ALA D 82 40.00 -37.37 -21.32
N ARG D 83 39.72 -38.59 -21.82
CA ARG D 83 40.26 -39.00 -23.10
C ARG D 83 39.63 -38.21 -24.25
N LYS D 84 38.31 -38.06 -24.22
CA LYS D 84 37.58 -37.41 -25.29
C LYS D 84 36.31 -36.80 -24.74
N ILE D 85 36.03 -35.56 -25.13
CA ILE D 85 34.89 -34.81 -24.63
C ILE D 85 34.08 -34.34 -25.83
N TYR D 86 32.83 -34.77 -25.92
CA TYR D 86 31.91 -34.28 -26.93
C TYR D 86 31.16 -33.09 -26.36
N ALA D 87 31.40 -31.92 -26.92
CA ALA D 87 30.82 -30.67 -26.43
C ALA D 87 29.72 -30.25 -27.39
N VAL D 88 28.46 -30.37 -26.94
CA VAL D 88 27.30 -30.05 -27.76
C VAL D 88 26.81 -28.65 -27.39
N GLU D 89 26.48 -27.86 -28.40
CA GLU D 89 25.99 -26.49 -28.19
C GLU D 89 25.19 -26.08 -29.41
N ALA D 90 23.95 -25.59 -29.17
CA ALA D 90 23.05 -25.26 -30.26
C ALA D 90 23.11 -23.79 -30.66
N SER D 91 23.63 -22.91 -29.81
CA SER D 91 23.77 -21.51 -30.19
C SER D 91 25.01 -21.34 -31.06
N THR D 92 25.16 -20.13 -31.60
CA THR D 92 26.35 -19.81 -32.38
C THR D 92 27.62 -19.77 -31.53
N MET D 93 27.49 -19.87 -30.20
CA MET D 93 28.67 -19.93 -29.35
C MET D 93 29.55 -21.13 -29.67
N ALA D 94 29.00 -22.13 -30.36
CA ALA D 94 29.78 -23.33 -30.69
C ALA D 94 31.02 -22.98 -31.50
N GLN D 95 30.92 -21.99 -32.39
CA GLN D 95 32.07 -21.62 -33.20
C GLN D 95 33.15 -20.97 -32.36
N HIS D 96 32.76 -20.20 -31.34
CA HIS D 96 33.74 -19.61 -30.44
C HIS D 96 34.40 -20.68 -29.58
N ALA D 97 33.63 -21.66 -29.12
CA ALA D 97 34.21 -22.76 -28.38
C ALA D 97 35.26 -23.50 -29.22
N GLU D 98 34.96 -23.74 -30.49
CA GLU D 98 35.92 -24.41 -31.35
C GLU D 98 37.20 -23.60 -31.48
N VAL D 99 37.08 -22.28 -31.55
CA VAL D 99 38.25 -21.42 -31.58
C VAL D 99 39.11 -21.65 -30.34
N LEU D 100 38.47 -21.76 -29.17
CA LEU D 100 39.22 -21.93 -27.93
C LEU D 100 39.86 -23.31 -27.86
N VAL D 101 39.17 -24.34 -28.37
CA VAL D 101 39.76 -25.67 -28.40
C VAL D 101 41.05 -25.66 -29.21
N LYS D 102 41.05 -25.00 -30.37
CA LYS D 102 42.23 -24.96 -31.21
C LYS D 102 43.34 -24.11 -30.58
N SER D 103 42.98 -22.94 -30.03
CA SER D 103 44.00 -22.08 -29.44
C SER D 103 44.58 -22.65 -28.16
N ASN D 104 43.86 -23.57 -27.50
CA ASN D 104 44.37 -24.25 -26.33
C ASN D 104 44.96 -25.62 -26.65
N ASN D 105 45.08 -25.95 -27.94
CA ASN D 105 45.76 -27.18 -28.39
C ASN D 105 45.14 -28.42 -27.76
N LEU D 106 43.81 -28.51 -27.81
CA LEU D 106 43.06 -29.64 -27.28
C LEU D 106 42.18 -30.28 -28.34
N THR D 107 42.56 -30.12 -29.62
CA THR D 107 41.76 -30.66 -30.72
C THR D 107 41.61 -32.17 -30.62
N ASP D 108 42.56 -32.84 -29.99
CA ASP D 108 42.51 -34.29 -29.88
C ASP D 108 41.65 -34.78 -28.73
N ARG D 109 41.07 -33.88 -27.93
CA ARG D 109 40.34 -34.30 -26.74
C ARG D 109 38.99 -33.64 -26.60
N ILE D 110 38.81 -32.44 -27.15
CA ILE D 110 37.53 -31.73 -27.12
C ILE D 110 37.01 -31.65 -28.55
N VAL D 111 35.84 -32.24 -28.78
CA VAL D 111 35.18 -32.26 -30.08
C VAL D 111 33.87 -31.51 -29.93
N VAL D 112 33.80 -30.30 -30.49
CA VAL D 112 32.57 -29.52 -30.47
C VAL D 112 31.60 -30.11 -31.50
N ILE D 113 30.36 -30.34 -31.07
CA ILE D 113 29.30 -30.83 -31.94
C ILE D 113 28.20 -29.78 -31.98
N PRO D 114 28.16 -28.95 -33.03
CA PRO D 114 27.10 -27.94 -33.12
C PRO D 114 25.74 -28.57 -33.31
N GLY D 115 24.76 -28.10 -32.53
CA GLY D 115 23.39 -28.56 -32.68
C GLY D 115 22.69 -28.79 -31.36
N LYS D 116 21.42 -29.21 -31.42
CA LYS D 116 20.68 -29.57 -30.22
C LYS D 116 21.04 -30.99 -29.80
N VAL D 117 21.17 -31.20 -28.49
CA VAL D 117 21.54 -32.53 -27.99
C VAL D 117 20.48 -33.55 -28.36
N GLU D 118 19.24 -33.11 -28.58
CA GLU D 118 18.16 -34.00 -28.99
C GLU D 118 18.23 -34.35 -30.47
N GLU D 119 19.15 -33.77 -31.23
CA GLU D 119 19.13 -33.90 -32.68
C GLU D 119 20.45 -34.41 -33.25
N VAL D 120 21.56 -34.09 -32.60
CA VAL D 120 22.88 -34.44 -33.13
C VAL D 120 23.12 -35.95 -32.98
N SER D 121 24.17 -36.44 -33.61
CA SER D 121 24.60 -37.83 -33.49
C SER D 121 25.98 -37.87 -32.84
N LEU D 122 26.15 -38.79 -31.89
CA LEU D 122 27.45 -39.01 -31.28
C LEU D 122 28.03 -40.35 -31.74
N PRO D 123 29.35 -40.44 -31.91
CA PRO D 123 29.93 -41.70 -32.40
C PRO D 123 29.97 -42.80 -31.35
N GLU D 124 29.89 -42.47 -30.07
CA GLU D 124 30.01 -43.48 -29.02
C GLU D 124 29.23 -43.04 -27.78
N GLN D 125 28.97 -44.01 -26.91
CA GLN D 125 28.42 -43.72 -25.60
C GLN D 125 29.48 -43.08 -24.71
N VAL D 126 29.03 -42.40 -23.66
CA VAL D 126 29.92 -41.64 -22.80
C VAL D 126 29.83 -42.19 -21.38
N ASP D 127 30.90 -41.94 -20.62
CA ASP D 127 30.98 -42.40 -19.24
C ASP D 127 30.33 -41.42 -18.26
N ILE D 128 30.31 -40.14 -18.60
CA ILE D 128 29.81 -39.11 -17.69
C ILE D 128 29.27 -37.95 -18.51
N ILE D 129 28.18 -37.36 -18.04
CA ILE D 129 27.59 -36.17 -18.65
C ILE D 129 27.82 -35.00 -17.70
N ILE D 130 28.26 -33.87 -18.24
CA ILE D 130 28.41 -32.64 -17.48
C ILE D 130 27.59 -31.56 -18.16
N SER D 131 27.13 -30.60 -17.36
CA SER D 131 26.29 -29.54 -17.90
C SER D 131 26.00 -28.53 -16.80
N GLU D 132 25.52 -27.35 -17.22
CA GLU D 132 24.97 -26.34 -16.31
C GLU D 132 23.54 -26.06 -16.76
N PRO D 133 22.62 -26.98 -16.48
CA PRO D 133 21.24 -26.83 -16.96
C PRO D 133 20.30 -26.09 -16.03
N MET D 134 20.77 -25.63 -14.87
CA MET D 134 19.89 -25.00 -13.89
C MET D 134 19.56 -23.58 -14.30
N GLY D 135 18.29 -23.22 -14.17
CA GLY D 135 17.85 -21.84 -14.35
C GLY D 135 17.22 -21.30 -13.07
N TYR D 136 16.59 -20.13 -13.15
CA TYR D 136 15.86 -19.60 -12.00
C TYR D 136 14.94 -20.68 -11.44
N MET D 137 14.84 -20.75 -10.12
CA MET D 137 14.00 -21.74 -9.45
C MET D 137 14.40 -23.16 -9.85
N LEU D 138 15.64 -23.32 -10.31
CA LEU D 138 16.17 -24.58 -10.84
C LEU D 138 15.59 -24.94 -12.20
N PHE D 139 14.27 -24.89 -12.34
CA PHE D 139 13.60 -25.49 -13.49
C PHE D 139 13.43 -24.55 -14.68
N ASN D 140 13.51 -23.23 -14.48
CA ASN D 140 13.24 -22.31 -15.57
C ASN D 140 14.21 -22.56 -16.73
N GLU D 141 13.73 -22.29 -17.95
CA GLU D 141 14.42 -22.48 -19.21
C GLU D 141 14.32 -23.94 -19.68
N ARG D 142 13.87 -24.87 -18.84
CA ARG D 142 13.55 -26.24 -19.23
C ARG D 142 14.76 -26.97 -19.81
N MET D 143 15.97 -26.58 -19.43
CA MET D 143 17.13 -27.28 -19.97
C MET D 143 17.42 -28.59 -19.25
N LEU D 144 16.92 -28.77 -18.02
CA LEU D 144 17.07 -30.06 -17.36
C LEU D 144 16.51 -31.18 -18.22
N GLU D 145 15.49 -30.91 -19.01
CA GLU D 145 14.93 -31.93 -19.90
C GLU D 145 15.93 -32.34 -20.96
N SER D 146 16.69 -31.39 -21.50
CA SER D 146 17.76 -31.74 -22.44
C SER D 146 18.86 -32.52 -21.73
N TYR D 147 19.24 -32.08 -20.53
CA TYR D 147 20.23 -32.79 -19.72
C TYR D 147 19.81 -34.24 -19.53
N LEU D 148 18.57 -34.47 -19.11
CA LEU D 148 18.08 -35.84 -18.93
C LEU D 148 17.95 -36.55 -20.27
N HIS D 149 17.57 -35.82 -21.32
CA HIS D 149 17.48 -36.44 -22.64
C HIS D 149 18.83 -37.00 -23.07
N ALA D 150 19.91 -36.31 -22.73
CA ALA D 150 21.25 -36.76 -23.11
C ALA D 150 21.59 -38.12 -22.52
N LYS D 151 20.83 -38.60 -21.54
CA LYS D 151 21.14 -39.89 -20.93
C LYS D 151 21.02 -41.04 -21.92
N LYS D 152 20.40 -40.82 -23.08
CA LYS D 152 20.42 -41.85 -24.11
C LYS D 152 21.83 -42.18 -24.56
N TYR D 153 22.78 -41.26 -24.35
CA TYR D 153 24.18 -41.47 -24.68
C TYR D 153 25.00 -41.97 -23.50
N LEU D 154 24.39 -42.17 -22.33
CA LEU D 154 25.13 -42.52 -21.13
C LEU D 154 25.25 -44.03 -21.01
N LYS D 155 26.48 -44.51 -20.82
CA LYS D 155 26.69 -45.92 -20.56
C LYS D 155 25.92 -46.35 -19.32
N PRO D 156 25.61 -47.63 -19.19
CA PRO D 156 25.04 -48.12 -17.94
C PRO D 156 25.95 -47.77 -16.77
N SER D 157 25.36 -47.30 -15.68
CA SER D 157 26.06 -46.91 -14.47
C SER D 157 26.96 -45.70 -14.67
N GLY D 158 26.76 -44.95 -15.75
CA GLY D 158 27.48 -43.70 -15.91
C GLY D 158 27.05 -42.68 -14.87
N ASN D 159 27.83 -41.60 -14.79
CA ASN D 159 27.59 -40.55 -13.82
C ASN D 159 27.09 -39.29 -14.50
N MET D 160 26.58 -38.38 -13.69
CA MET D 160 26.10 -37.08 -14.15
C MET D 160 26.57 -36.01 -13.20
N PHE D 161 27.14 -34.94 -13.76
CA PHE D 161 27.60 -33.79 -12.98
C PHE D 161 26.86 -32.55 -13.46
N PRO D 162 25.92 -31.99 -12.68
CA PRO D 162 25.53 -32.40 -11.32
C PRO D 162 24.75 -33.71 -11.29
N THR D 163 24.70 -34.34 -10.12
CA THR D 163 24.01 -35.62 -9.96
C THR D 163 22.57 -35.46 -9.47
N ILE D 164 22.34 -34.55 -8.52
CA ILE D 164 21.01 -34.31 -7.99
C ILE D 164 20.77 -32.80 -7.91
N GLY D 165 19.50 -32.45 -7.74
CA GLY D 165 19.11 -31.07 -7.53
C GLY D 165 18.09 -30.94 -6.42
N ASP D 166 18.36 -30.10 -5.42
CA ASP D 166 17.46 -29.89 -4.30
C ASP D 166 16.83 -28.51 -4.44
N VAL D 167 15.51 -28.48 -4.64
CA VAL D 167 14.75 -27.24 -4.60
C VAL D 167 14.30 -27.01 -3.17
N HIS D 168 14.64 -25.83 -2.62
CA HIS D 168 14.22 -25.45 -1.29
C HIS D 168 13.15 -24.36 -1.38
N LEU D 169 12.13 -24.48 -0.53
CA LEU D 169 11.09 -23.48 -0.46
C LEU D 169 10.74 -23.22 1.00
N ALA D 170 10.45 -21.97 1.31
CA ALA D 170 10.14 -21.55 2.66
C ALA D 170 9.26 -20.32 2.61
N PRO D 171 8.34 -20.16 3.55
CA PRO D 171 7.53 -18.94 3.59
C PRO D 171 8.34 -17.78 4.15
N PHE D 172 8.03 -16.59 3.65
CA PHE D 172 8.74 -15.39 4.07
C PHE D 172 7.74 -14.29 4.42
N THR D 173 8.24 -13.30 5.15
CA THR D 173 7.52 -12.07 5.42
C THR D 173 8.38 -10.92 4.91
N ASP D 174 7.78 -10.02 4.14
CA ASP D 174 8.51 -8.87 3.61
C ASP D 174 7.47 -7.83 3.19
N GLU D 175 7.04 -7.03 4.16
CA GLU D 175 5.99 -6.05 3.90
C GLU D 175 6.42 -5.08 2.81
N GLN D 176 7.67 -4.64 2.83
CA GLN D 176 8.18 -3.73 1.81
C GLN D 176 7.92 -4.29 0.41
N LEU D 177 8.35 -5.52 0.16
CA LEU D 177 8.17 -6.13 -1.16
C LEU D 177 6.70 -6.16 -1.53
N TYR D 178 5.85 -6.62 -0.62
CA TYR D 178 4.41 -6.70 -0.91
C TYR D 178 3.85 -5.32 -1.24
N MET D 179 4.19 -4.31 -0.43
CA MET D 179 3.69 -2.96 -0.69
C MET D 179 4.27 -2.39 -1.98
N GLU D 180 5.52 -2.72 -2.31
CA GLU D 180 6.12 -2.23 -3.53
C GLU D 180 5.34 -2.68 -4.76
N GLN D 181 5.01 -3.98 -4.82
CA GLN D 181 4.24 -4.50 -5.95
C GLN D 181 2.78 -4.09 -5.86
N PHE D 182 2.23 -4.03 -4.64
CA PHE D 182 0.86 -3.57 -4.48
C PHE D 182 0.72 -2.12 -4.93
N THR D 183 1.73 -1.29 -4.64
CA THR D 183 1.69 0.12 -5.00
C THR D 183 1.69 0.29 -6.52
N LYS D 184 2.60 -0.40 -7.21
CA LYS D 184 2.61 -0.34 -8.67
C LYS D 184 1.24 -0.61 -9.23
N ALA D 185 0.61 -1.72 -8.80
CA ALA D 185 -0.73 -2.04 -9.25
C ALA D 185 -1.73 -0.95 -8.87
N ASN D 186 -1.42 -0.13 -7.86
CA ASN D 186 -2.35 0.89 -7.42
C ASN D 186 -2.49 2.03 -8.42
N PHE D 187 -1.57 2.14 -9.39
CA PHE D 187 -1.72 3.11 -10.45
C PHE D 187 -3.06 2.98 -11.16
N TRP D 188 -3.57 1.75 -11.28
CA TRP D 188 -4.78 1.49 -12.06
C TRP D 188 -6.06 1.60 -11.24
N TYR D 189 -6.00 2.16 -10.04
CA TYR D 189 -7.21 2.57 -9.33
C TYR D 189 -7.65 3.97 -9.69
N GLN D 190 -6.77 4.76 -10.31
CA GLN D 190 -7.01 6.17 -10.57
C GLN D 190 -8.33 6.38 -11.31
N PRO D 191 -9.31 7.07 -10.70
CA PRO D 191 -10.55 7.36 -11.43
C PRO D 191 -10.44 8.51 -12.43
N SER D 192 -9.34 9.27 -12.43
CA SER D 192 -9.20 10.40 -13.35
C SER D 192 -7.71 10.65 -13.62
N PHE D 193 -7.08 9.72 -14.32
CA PHE D 193 -5.71 9.91 -14.80
C PHE D 193 -5.79 10.69 -16.12
N HIS D 194 -5.42 11.97 -16.07
CA HIS D 194 -5.62 12.86 -17.22
C HIS D 194 -7.08 12.86 -17.66
N GLY D 195 -7.99 12.70 -16.70
CA GLY D 195 -9.42 12.67 -16.99
C GLY D 195 -9.95 11.32 -17.41
N VAL D 196 -9.18 10.25 -17.23
CA VAL D 196 -9.56 8.92 -17.70
C VAL D 196 -9.69 8.00 -16.50
N ASP D 197 -10.82 7.31 -16.41
CA ASP D 197 -11.05 6.34 -15.34
C ASP D 197 -10.34 5.04 -15.70
N LEU D 198 -9.28 4.72 -14.95
CA LEU D 198 -8.55 3.47 -15.15
C LEU D 198 -9.03 2.35 -14.24
N SER D 199 -9.92 2.65 -13.29
CA SER D 199 -10.23 1.72 -12.21
C SER D 199 -10.73 0.37 -12.72
N ALA D 200 -11.32 0.35 -13.92
CA ALA D 200 -11.86 -0.91 -14.44
C ALA D 200 -10.76 -1.97 -14.60
N LEU D 201 -9.52 -1.55 -14.82
CA LEU D 201 -8.42 -2.47 -15.07
C LEU D 201 -7.59 -2.74 -13.81
N ARG D 202 -8.07 -2.31 -12.64
CA ARG D 202 -7.33 -2.54 -11.42
C ARG D 202 -7.06 -4.03 -11.21
N GLY D 203 -8.12 -4.84 -11.23
CA GLY D 203 -7.95 -6.26 -10.98
C GLY D 203 -6.96 -6.91 -11.92
N ALA D 204 -6.99 -6.52 -13.19
CA ALA D 204 -6.06 -7.10 -14.17
C ALA D 204 -4.63 -6.68 -13.89
N ALA D 205 -4.42 -5.44 -13.43
CA ALA D 205 -3.08 -4.99 -13.11
C ALA D 205 -2.51 -5.77 -11.92
N VAL D 206 -3.29 -5.91 -10.86
CA VAL D 206 -2.85 -6.68 -9.69
C VAL D 206 -2.52 -8.10 -10.12
N ASP D 207 -3.41 -8.74 -10.87
CA ASP D 207 -3.13 -10.09 -11.37
C ASP D 207 -1.79 -10.14 -12.08
N GLU D 208 -1.56 -9.22 -13.01
CA GLU D 208 -0.32 -9.24 -13.80
C GLU D 208 0.89 -9.04 -12.89
N TYR D 209 0.85 -8.03 -12.02
CA TYR D 209 2.01 -7.70 -11.21
C TYR D 209 2.40 -8.86 -10.29
N PHE D 210 1.41 -9.51 -9.69
CA PHE D 210 1.69 -10.59 -8.75
C PHE D 210 1.91 -11.93 -9.42
N ARG D 211 1.71 -12.03 -10.73
CA ARG D 211 2.14 -13.21 -11.47
C ARG D 211 3.65 -13.24 -11.67
N GLN D 212 4.32 -12.11 -11.50
CA GLN D 212 5.75 -12.03 -11.77
C GLN D 212 6.54 -12.56 -10.57
N PRO D 213 7.37 -13.59 -10.74
CA PRO D 213 8.28 -13.96 -9.65
C PRO D 213 9.33 -12.88 -9.43
N VAL D 214 9.64 -12.63 -8.17
CA VAL D 214 10.60 -11.60 -7.79
C VAL D 214 11.98 -12.24 -7.70
N VAL D 215 12.87 -11.86 -8.61
CA VAL D 215 14.23 -12.39 -8.65
C VAL D 215 15.14 -11.38 -7.99
N ASP D 216 15.72 -11.78 -6.84
CA ASP D 216 16.71 -10.97 -6.14
C ASP D 216 17.18 -11.74 -4.91
N THR D 217 17.90 -11.09 -4.02
CA THR D 217 18.34 -11.72 -2.79
C THR D 217 17.70 -11.01 -1.60
N PHE D 218 17.84 -11.62 -0.43
CA PHE D 218 17.21 -11.10 0.78
C PHE D 218 17.95 -11.65 1.99
N ASP D 219 17.79 -10.95 3.10
CA ASP D 219 18.31 -11.43 4.37
C ASP D 219 17.50 -12.65 4.81
N ILE D 220 18.20 -13.64 5.36
CA ILE D 220 17.57 -14.87 5.78
C ILE D 220 16.56 -14.65 6.90
N ARG D 221 16.65 -13.50 7.60
CA ARG D 221 15.75 -13.24 8.71
C ARG D 221 14.29 -13.20 8.30
N ILE D 222 14.00 -13.01 7.01
CA ILE D 222 12.60 -12.90 6.57
C ILE D 222 11.90 -14.24 6.48
N LEU D 223 12.64 -15.35 6.58
CA LEU D 223 12.04 -16.67 6.45
C LEU D 223 11.34 -17.06 7.73
N MET D 224 10.10 -17.54 7.62
CA MET D 224 9.24 -17.82 8.75
C MET D 224 9.20 -19.29 9.13
N ALA D 225 9.96 -20.15 8.44
CA ALA D 225 9.97 -21.57 8.75
C ALA D 225 11.15 -22.22 8.06
N LYS D 226 11.53 -23.39 8.54
CA LYS D 226 12.58 -24.16 7.89
C LYS D 226 12.13 -24.57 6.50
N SER D 227 13.06 -24.59 5.56
CA SER D 227 12.71 -24.86 4.17
C SER D 227 12.28 -26.32 3.99
N VAL D 228 11.42 -26.53 3.00
CA VAL D 228 11.06 -27.87 2.55
C VAL D 228 11.88 -28.18 1.30
N LYS D 229 12.44 -29.38 1.25
CA LYS D 229 13.33 -29.78 0.17
C LYS D 229 12.57 -30.69 -0.80
N TYR D 230 12.78 -30.45 -2.10
CA TYR D 230 12.28 -31.31 -3.16
C TYR D 230 13.47 -31.68 -4.04
N THR D 231 13.72 -32.98 -4.16
CA THR D 231 14.95 -33.49 -4.77
C THR D 231 14.66 -34.15 -6.11
N VAL D 232 15.43 -33.76 -7.12
CA VAL D 232 15.42 -34.42 -8.43
C VAL D 232 16.74 -35.15 -8.58
N ASN D 233 16.66 -36.48 -8.73
CA ASN D 233 17.84 -37.31 -8.94
C ASN D 233 18.04 -37.48 -10.45
N PHE D 234 19.03 -36.77 -10.99
CA PHE D 234 19.22 -36.76 -12.44
C PHE D 234 19.63 -38.11 -12.99
N LEU D 235 20.21 -38.99 -12.16
CA LEU D 235 20.53 -40.35 -12.61
C LEU D 235 19.27 -41.18 -12.83
N GLU D 236 18.15 -40.80 -12.23
CA GLU D 236 16.92 -41.59 -12.29
C GLU D 236 15.79 -40.89 -13.03
N ALA D 237 15.67 -39.56 -12.89
CA ALA D 237 14.54 -38.86 -13.47
C ALA D 237 14.55 -38.97 -14.99
N LYS D 238 13.36 -39.11 -15.57
CA LYS D 238 13.17 -39.01 -17.01
C LYS D 238 12.67 -37.61 -17.35
N GLU D 239 13.01 -37.15 -18.56
CA GLU D 239 12.67 -35.78 -18.92
C GLU D 239 11.17 -35.54 -18.86
N GLY D 240 10.36 -36.57 -19.09
CA GLY D 240 8.93 -36.44 -18.93
C GLY D 240 8.51 -36.09 -17.51
N ASP D 241 9.36 -36.40 -16.52
CA ASP D 241 9.06 -36.08 -15.14
C ASP D 241 8.96 -34.58 -14.89
N LEU D 242 9.59 -33.77 -15.74
CA LEU D 242 9.64 -32.33 -15.52
C LEU D 242 8.54 -31.58 -16.27
N HIS D 243 7.62 -32.29 -16.91
CA HIS D 243 6.50 -31.62 -17.57
C HIS D 243 5.48 -31.13 -16.55
N ARG D 244 5.30 -31.88 -15.47
CA ARG D 244 4.31 -31.55 -14.45
C ARG D 244 4.95 -31.90 -13.10
N ILE D 245 5.34 -30.87 -12.34
CA ILE D 245 6.08 -31.05 -11.11
C ILE D 245 5.17 -30.63 -9.95
N GLU D 246 4.89 -31.56 -9.04
CA GLU D 246 4.03 -31.33 -7.90
C GLU D 246 4.86 -31.39 -6.64
N ILE D 247 4.92 -30.28 -5.90
CA ILE D 247 5.71 -30.18 -4.68
C ILE D 247 4.75 -29.91 -3.53
N PRO D 248 4.36 -30.93 -2.78
CA PRO D 248 3.62 -30.69 -1.54
C PRO D 248 4.54 -30.18 -0.44
N PHE D 249 3.97 -29.37 0.45
CA PHE D 249 4.77 -28.80 1.53
C PHE D 249 3.93 -28.70 2.79
N LYS D 250 4.61 -28.82 3.93
CA LYS D 250 4.01 -28.63 5.25
C LYS D 250 5.05 -27.90 6.08
N PHE D 251 4.83 -26.60 6.30
CA PHE D 251 5.77 -25.79 7.06
C PHE D 251 5.33 -25.71 8.52
N HIS D 252 6.30 -25.84 9.41
CA HIS D 252 6.06 -25.64 10.85
C HIS D 252 6.54 -24.24 11.18
N MET D 253 5.60 -23.31 11.34
CA MET D 253 5.93 -21.91 11.50
C MET D 253 6.75 -21.68 12.76
N LEU D 254 7.88 -21.00 12.61
CA LEU D 254 8.75 -20.65 13.73
C LEU D 254 8.51 -19.26 14.27
N HIS D 255 7.89 -18.37 13.49
CA HIS D 255 7.57 -17.03 13.93
C HIS D 255 6.14 -16.69 13.55
N SER D 256 5.51 -15.85 14.35
CA SER D 256 4.19 -15.33 14.04
C SER D 256 4.31 -14.12 13.11
N GLY D 257 3.27 -13.88 12.34
CA GLY D 257 3.22 -12.73 11.48
C GLY D 257 2.55 -13.07 10.16
N LEU D 258 2.75 -12.18 9.18
CA LEU D 258 2.15 -12.32 7.87
C LEU D 258 3.10 -13.06 6.94
N VAL D 259 2.56 -14.08 6.26
CA VAL D 259 3.31 -14.76 5.21
C VAL D 259 2.92 -14.09 3.89
N HIS D 260 3.88 -13.41 3.27
CA HIS D 260 3.62 -12.71 2.02
C HIS D 260 3.89 -13.57 0.79
N GLY D 261 4.45 -14.76 0.96
CA GLY D 261 4.68 -15.65 -0.16
C GLY D 261 5.70 -16.72 0.21
N LEU D 262 6.18 -17.39 -0.83
CA LEU D 262 7.19 -18.44 -0.69
C LEU D 262 8.48 -18.00 -1.38
N ALA D 263 9.61 -18.35 -0.78
CA ALA D 263 10.92 -18.09 -1.34
C ALA D 263 11.51 -19.40 -1.85
N PHE D 264 12.12 -19.36 -3.02
CA PHE D 264 12.69 -20.53 -3.67
C PHE D 264 14.18 -20.33 -3.89
N TRP D 265 14.94 -21.40 -3.67
CA TRP D 265 16.33 -21.49 -4.10
C TRP D 265 16.64 -22.96 -4.35
N PHE D 266 17.86 -23.25 -4.79
CA PHE D 266 18.21 -24.64 -5.08
C PHE D 266 19.69 -24.87 -4.80
N ASP D 267 20.01 -26.14 -4.54
CA ASP D 267 21.36 -26.64 -4.50
C ASP D 267 21.49 -27.80 -5.48
N VAL D 268 22.69 -27.97 -6.04
CA VAL D 268 23.01 -29.15 -6.82
C VAL D 268 24.27 -29.78 -6.24
N ALA D 269 24.35 -31.10 -6.32
CA ALA D 269 25.46 -31.86 -5.76
C ALA D 269 26.14 -32.64 -6.88
N PHE D 270 27.47 -32.57 -6.90
CA PHE D 270 28.28 -33.37 -7.82
C PHE D 270 28.80 -34.56 -7.02
N ILE D 271 28.06 -35.66 -7.08
CA ILE D 271 28.39 -36.84 -6.30
C ILE D 271 29.44 -37.64 -7.06
N GLY D 272 30.72 -37.36 -6.77
CA GLY D 272 31.82 -38.02 -7.42
C GLY D 272 32.38 -39.16 -6.59
N SER D 273 33.29 -39.90 -7.22
CA SER D 273 33.88 -41.07 -6.55
C SER D 273 34.80 -40.66 -5.40
N ILE D 274 35.48 -39.53 -5.52
CA ILE D 274 36.40 -39.08 -4.48
C ILE D 274 35.68 -38.26 -3.43
N MET D 275 34.71 -37.43 -3.81
CA MET D 275 34.00 -36.62 -2.85
C MET D 275 32.79 -35.98 -3.51
N THR D 276 31.83 -35.60 -2.68
CA THR D 276 30.65 -34.86 -3.13
C THR D 276 30.91 -33.37 -2.99
N VAL D 277 30.62 -32.61 -4.04
CA VAL D 277 30.80 -31.17 -4.05
C VAL D 277 29.44 -30.52 -4.29
N TRP D 278 29.12 -29.52 -3.48
CA TRP D 278 27.81 -28.87 -3.51
C TRP D 278 27.94 -27.47 -4.10
N LEU D 279 26.98 -27.12 -4.97
CA LEU D 279 26.80 -25.77 -5.47
C LEU D 279 25.45 -25.27 -4.97
N SER D 280 25.48 -24.26 -4.11
CA SER D 280 24.28 -23.80 -3.41
C SER D 280 23.99 -22.36 -3.78
N THR D 281 22.72 -22.07 -4.09
CA THR D 281 22.24 -20.72 -4.33
C THR D 281 21.36 -20.23 -3.19
N ALA D 282 21.55 -20.78 -2.00
CA ALA D 282 20.74 -20.40 -0.85
C ALA D 282 21.07 -18.97 -0.43
N PRO D 283 20.12 -18.29 0.23
CA PRO D 283 20.40 -16.92 0.69
C PRO D 283 21.42 -16.84 1.81
N THR D 284 21.76 -17.96 2.44
CA THR D 284 22.86 -18.00 3.41
C THR D 284 24.22 -18.04 2.74
N GLU D 285 24.28 -18.34 1.45
CA GLU D 285 25.53 -18.50 0.73
C GLU D 285 25.79 -17.29 -0.17
N PRO D 286 27.03 -17.11 -0.64
CA PRO D 286 27.32 -15.97 -1.49
C PRO D 286 26.42 -15.94 -2.71
N LEU D 287 26.15 -14.74 -3.20
CA LEU D 287 25.20 -14.57 -4.28
C LEU D 287 25.74 -15.17 -5.58
N THR D 288 24.82 -15.69 -6.39
CA THR D 288 25.14 -16.23 -7.71
C THR D 288 24.22 -15.60 -8.74
N HIS D 289 24.49 -15.87 -10.02
CA HIS D 289 23.64 -15.32 -11.07
C HIS D 289 22.28 -16.01 -11.12
N TRP D 290 22.00 -16.96 -10.23
CA TRP D 290 20.66 -17.48 -10.05
C TRP D 290 19.86 -16.72 -9.01
N TYR D 291 20.53 -16.00 -8.12
CA TYR D 291 19.86 -15.21 -7.07
C TYR D 291 18.94 -16.16 -6.28
N GLN D 292 17.82 -15.63 -5.81
CA GLN D 292 16.71 -16.42 -5.30
C GLN D 292 15.44 -15.92 -5.96
N VAL D 293 14.34 -16.66 -5.76
CA VAL D 293 13.07 -16.33 -6.37
C VAL D 293 11.98 -16.38 -5.31
N ARG D 294 11.08 -15.40 -5.34
CA ARG D 294 9.98 -15.33 -4.39
C ARG D 294 8.68 -15.16 -5.16
N CYS D 295 7.68 -15.97 -4.81
CA CYS D 295 6.35 -15.87 -5.37
C CYS D 295 5.45 -15.19 -4.34
N LEU D 296 4.91 -14.02 -4.70
CA LEU D 296 4.09 -13.24 -3.80
C LEU D 296 2.66 -13.75 -3.80
N PHE D 297 2.05 -13.74 -2.61
CA PHE D 297 0.61 -13.93 -2.51
C PHE D 297 -0.10 -12.60 -2.75
N GLN D 298 -1.19 -12.64 -3.52
CA GLN D 298 -1.99 -11.44 -3.69
C GLN D 298 -2.48 -10.90 -2.35
N SER D 299 -2.75 -11.80 -1.39
CA SER D 299 -3.19 -11.42 -0.06
C SER D 299 -2.34 -12.20 0.94
N PRO D 300 -1.64 -11.53 1.86
CA PRO D 300 -0.83 -12.27 2.83
C PRO D 300 -1.68 -13.11 3.77
N LEU D 301 -1.12 -14.24 4.17
CA LEU D 301 -1.74 -15.11 5.15
C LEU D 301 -1.12 -14.85 6.52
N PHE D 302 -1.96 -14.81 7.54
CA PHE D 302 -1.50 -14.63 8.91
C PHE D 302 -1.35 -15.98 9.59
N ALA D 303 -0.30 -16.13 10.38
CA ALA D 303 -0.02 -17.38 11.06
C ALA D 303 0.67 -17.10 12.39
N LYS D 304 0.47 -18.00 13.35
CA LYS D 304 1.13 -17.94 14.62
C LYS D 304 2.23 -19.00 14.70
N ALA D 305 3.26 -18.70 15.47
CA ALA D 305 4.30 -19.68 15.73
C ALA D 305 3.65 -20.97 16.22
N GLY D 306 4.06 -22.10 15.63
CA GLY D 306 3.47 -23.39 15.93
C GLY D 306 2.44 -23.85 14.93
N ASP D 307 1.85 -22.93 14.17
CA ASP D 307 0.91 -23.32 13.12
C ASP D 307 1.64 -24.08 12.02
N THR D 308 0.87 -24.85 11.27
CA THR D 308 1.34 -25.52 10.08
C THR D 308 0.74 -24.85 8.85
N LEU D 309 1.57 -24.63 7.84
CA LEU D 309 1.18 -24.03 6.58
C LEU D 309 1.31 -25.11 5.51
N SER D 310 0.19 -25.65 5.06
CA SER D 310 0.16 -26.75 4.12
C SER D 310 -0.30 -26.26 2.75
N GLY D 311 0.10 -27.00 1.72
CA GLY D 311 -0.28 -26.66 0.37
C GLY D 311 0.54 -27.42 -0.64
N THR D 312 0.44 -26.97 -1.89
CA THR D 312 1.15 -27.61 -2.99
C THR D 312 1.63 -26.53 -3.96
N CYS D 313 2.86 -26.70 -4.45
CA CYS D 313 3.40 -25.89 -5.52
C CYS D 313 3.41 -26.73 -6.79
N LEU D 314 2.64 -26.30 -7.79
CA LEU D 314 2.44 -27.07 -9.01
C LEU D 314 3.11 -26.33 -10.17
N LEU D 315 4.13 -26.94 -10.77
CA LEU D 315 4.84 -26.38 -11.90
C LEU D 315 4.46 -27.16 -13.15
N ILE D 316 3.87 -26.48 -14.12
CA ILE D 316 3.50 -27.07 -15.40
C ILE D 316 4.32 -26.39 -16.49
N ALA D 317 5.05 -27.18 -17.25
CA ALA D 317 5.94 -26.65 -18.27
C ALA D 317 5.14 -26.17 -19.49
N ASN D 318 5.54 -25.03 -20.02
CA ASN D 318 4.88 -24.43 -21.18
C ASN D 318 5.84 -24.43 -22.37
N LYS D 319 5.28 -24.11 -23.55
CA LYS D 319 6.05 -24.12 -24.78
C LYS D 319 7.03 -22.96 -24.88
N ARG D 320 7.04 -22.04 -23.93
CA ARG D 320 7.97 -20.92 -23.92
C ARG D 320 9.19 -21.20 -23.04
N GLN D 321 9.53 -22.47 -22.86
CA GLN D 321 10.72 -22.88 -22.11
C GLN D 321 10.67 -22.43 -20.67
N SER D 322 9.48 -22.31 -20.11
CA SER D 322 9.32 -21.90 -18.72
C SER D 322 8.18 -22.72 -18.12
N TYR D 323 7.68 -22.29 -16.97
CA TYR D 323 6.65 -23.00 -16.25
C TYR D 323 5.52 -22.06 -15.85
N ASP D 324 4.30 -22.56 -15.90
CA ASP D 324 3.16 -21.92 -15.26
C ASP D 324 3.08 -22.43 -13.84
N ILE D 325 3.14 -21.52 -12.87
CA ILE D 325 3.24 -21.88 -11.46
C ILE D 325 1.90 -21.69 -10.78
N SER D 326 1.51 -22.67 -9.97
CA SER D 326 0.33 -22.58 -9.13
C SER D 326 0.75 -22.89 -7.70
N ILE D 327 0.48 -21.96 -6.79
CA ILE D 327 0.83 -22.12 -5.37
C ILE D 327 -0.46 -22.03 -4.57
N VAL D 328 -0.84 -23.15 -3.94
CA VAL D 328 -1.96 -23.20 -3.02
C VAL D 328 -1.39 -23.36 -1.62
N ALA D 329 -1.84 -22.53 -0.69
CA ALA D 329 -1.31 -22.55 0.67
C ALA D 329 -2.43 -22.22 1.65
N GLN D 330 -2.44 -22.91 2.78
CA GLN D 330 -3.43 -22.66 3.81
C GLN D 330 -2.82 -22.83 5.18
N VAL D 331 -3.32 -22.04 6.13
CA VAL D 331 -2.98 -22.20 7.54
C VAL D 331 -3.96 -23.18 8.13
N ASP D 332 -3.47 -24.38 8.48
CA ASP D 332 -4.38 -25.46 8.87
C ASP D 332 -5.21 -25.08 10.09
N GLN D 333 -4.61 -24.38 11.05
CA GLN D 333 -5.29 -24.08 12.30
C GLN D 333 -6.49 -23.17 12.13
N THR D 334 -6.54 -22.39 11.06
CA THR D 334 -7.61 -21.41 10.86
C THR D 334 -8.34 -21.56 9.53
N GLY D 335 -7.86 -22.39 8.61
CA GLY D 335 -8.50 -22.55 7.32
C GLY D 335 -8.28 -21.41 6.35
N SER D 336 -7.38 -20.48 6.67
CA SER D 336 -7.09 -19.36 5.77
C SER D 336 -6.33 -19.89 4.56
N LYS D 337 -6.94 -19.81 3.38
CA LYS D 337 -6.38 -20.37 2.17
C LYS D 337 -5.94 -19.26 1.22
N SER D 338 -4.91 -19.55 0.43
CA SER D 338 -4.38 -18.63 -0.56
C SER D 338 -4.06 -19.40 -1.84
N SER D 339 -4.67 -19.01 -2.94
CA SER D 339 -4.41 -19.59 -4.25
C SER D 339 -3.74 -18.54 -5.13
N ASN D 340 -2.64 -18.92 -5.76
CA ASN D 340 -1.83 -17.97 -6.51
C ASN D 340 -1.31 -18.62 -7.78
N LEU D 341 -1.23 -17.82 -8.85
CA LEU D 341 -0.76 -18.26 -10.15
C LEU D 341 0.35 -17.32 -10.59
N LEU D 342 1.44 -17.89 -11.11
CA LEU D 342 2.59 -17.08 -11.49
C LEU D 342 3.11 -17.53 -12.84
N ASP D 343 3.75 -16.57 -13.53
CA ASP D 343 4.26 -16.77 -14.88
C ASP D 343 5.77 -16.58 -14.82
N LEU D 344 6.48 -17.71 -14.73
CA LEU D 344 7.92 -17.66 -14.61
C LEU D 344 8.60 -17.03 -15.82
N LYS D 345 7.90 -16.87 -16.94
CA LYS D 345 8.49 -16.23 -18.11
C LYS D 345 8.44 -14.70 -18.07
N ASN D 346 7.92 -14.09 -17.02
CA ASN D 346 7.90 -12.62 -16.89
C ASN D 346 8.36 -12.21 -15.50
N PRO D 347 9.62 -12.47 -15.15
CA PRO D 347 10.09 -12.17 -13.79
C PRO D 347 10.27 -10.67 -13.58
N PHE D 348 10.40 -10.32 -12.31
CA PHE D 348 10.69 -8.96 -11.89
C PHE D 348 12.10 -8.98 -11.30
N PHE D 349 13.07 -8.53 -12.10
CA PHE D 349 14.45 -8.40 -11.63
C PHE D 349 14.54 -7.18 -10.74
N ARG D 350 14.65 -7.41 -9.44
CA ARG D 350 14.58 -6.34 -8.44
C ARG D 350 15.96 -5.88 -7.94
N TYR D 351 16.89 -6.80 -7.78
CA TYR D 351 18.21 -6.54 -7.18
C TYR D 351 18.95 -5.38 -7.86
#